data_4Z58
# 
_entry.id   4Z58 
# 
_audit_conform.dict_name       mmcif_pdbx.dic 
_audit_conform.dict_version    5.379 
_audit_conform.dict_location   http://mmcif.pdb.org/dictionaries/ascii/mmcif_pdbx.dic 
# 
loop_
_database_2.database_id 
_database_2.database_code 
_database_2.pdbx_database_accession 
_database_2.pdbx_DOI 
PDB   4Z58         pdb_00004z58 10.2210/pdb4z58/pdb 
WWPDB D_1000208607 ?            ?                   
# 
loop_
_pdbx_database_related.content_type 
_pdbx_database_related.db_id 
_pdbx_database_related.db_name 
_pdbx_database_related.details 
unspecified 4Z5A PDB . 
unspecified 4Z5B PDB . 
unspecified 4Z5C PDB . 
unspecified 4Z5D PDB . 
unspecified 4Z5E PDB . 
unspecified 4Z5F PDB . 
unspecified 4Z5G PDB . 
unspecified 4Z5H PDB . 
unspecified 4Z5I PDB . 
unspecified 4Z5J PDB . 
unspecified 4Z5K PDB . 
unspecified 4Z5L PDB . 
unspecified 4Z5M PDB . 
unspecified 4Z5N PDB . 
unspecified 4Z5O PDB . 
unspecified 4Z52 PDB . 
unspecified 4Z56 PDB . 
unspecified 4Z57 PDB . 
unspecified 4Z59 PDB . 
# 
_pdbx_database_status.status_code                     REL 
_pdbx_database_status.status_code_sf                  REL 
_pdbx_database_status.status_code_mr                  ? 
_pdbx_database_status.entry_id                        4Z58 
_pdbx_database_status.recvd_initial_deposition_date   2015-04-02 
_pdbx_database_status.SG_entry                        N 
_pdbx_database_status.deposit_site                    RCSB 
_pdbx_database_status.process_site                    RCSB 
_pdbx_database_status.status_code_cs                  ? 
_pdbx_database_status.methods_development_category    ? 
_pdbx_database_status.pdb_format_compatible           Y 
_pdbx_database_status.status_code_nmr_data            ? 
# 
loop_
_audit_author.name 
_audit_author.pdbx_ordinal 
'Min, J.'          1 
'Brennan, R.G.'    2 
'Schumacher, M.A.' 3 
# 
_citation.abstract                  ? 
_citation.abstract_id_CAS           ? 
_citation.book_id_ISBN              ? 
_citation.book_publisher            ? 
_citation.book_publisher_city       ? 
_citation.book_title                ? 
_citation.coordinate_linkage        ? 
_citation.country                   ? 
_citation.database_id_Medline       ? 
_citation.details                   ? 
_citation.id                        primary 
_citation.journal_abbrev            'To be published' 
_citation.journal_id_ASTM           ? 
_citation.journal_id_CSD            0353 
_citation.journal_id_ISSN           ? 
_citation.journal_full              ? 
_citation.journal_issue             ? 
_citation.journal_volume            ? 
_citation.language                  ? 
_citation.page_first                ? 
_citation.page_last                 ? 
_citation.title                     'Molecular mechanism on hipBA gene regulation.' 
_citation.year                      ? 
_citation.database_id_CSD           ? 
_citation.pdbx_database_id_DOI      ? 
_citation.pdbx_database_id_PubMed   ? 
_citation.unpublished_flag          ? 
# 
loop_
_citation_author.citation_id 
_citation_author.name 
_citation_author.ordinal 
_citation_author.identifier_ORCID 
primary 'Min, J.'          1 ? 
primary 'Wang, A.'         2 ? 
primary 'Brennan, R.G.'    3 ? 
primary 'Schumacher, M.A.' 4 ? 
# 
_cell.angle_alpha                  90.000 
_cell.angle_alpha_esd              ? 
_cell.angle_beta                   90.000 
_cell.angle_beta_esd               ? 
_cell.angle_gamma                  90.000 
_cell.angle_gamma_esd              ? 
_cell.entry_id                     4Z58 
_cell.details                      ? 
_cell.formula_units_Z              ? 
_cell.length_a                     126.941 
_cell.length_a_esd                 ? 
_cell.length_b                     126.941 
_cell.length_b_esd                 ? 
_cell.length_c                     126.941 
_cell.length_c_esd                 ? 
_cell.volume                       ? 
_cell.volume_esd                   ? 
_cell.Z_PDB                        24 
_cell.reciprocal_angle_alpha       ? 
_cell.reciprocal_angle_beta        ? 
_cell.reciprocal_angle_gamma       ? 
_cell.reciprocal_angle_alpha_esd   ? 
_cell.reciprocal_angle_beta_esd    ? 
_cell.reciprocal_angle_gamma_esd   ? 
_cell.reciprocal_length_a          ? 
_cell.reciprocal_length_b          ? 
_cell.reciprocal_length_c          ? 
_cell.reciprocal_length_a_esd      ? 
_cell.reciprocal_length_b_esd      ? 
_cell.reciprocal_length_c_esd      ? 
_cell.pdbx_unique_axis             ? 
# 
_symmetry.entry_id                         4Z58 
_symmetry.cell_setting                     ? 
_symmetry.Int_Tables_number                213 
_symmetry.space_group_name_Hall            ? 
_symmetry.space_group_name_H-M             'P 41 3 2' 
_symmetry.pdbx_full_space_group_name_H-M   ? 
# 
loop_
_entity.id 
_entity.type 
_entity.src_method 
_entity.pdbx_description 
_entity.formula_weight 
_entity.pdbx_number_of_molecules 
_entity.pdbx_ec 
_entity.pdbx_mutation 
_entity.pdbx_fragment 
_entity.details 
1 polymer man 'Antitoxin HipB'                                                             8060.239 1  ? ? 'UNP residues 4-74' ? 
2 polymer syn 
;DNA (5'-D(*TP*TP*AP*TP*CP*CP*GP*CP*TP*CP*TP*AP*CP*GP*GP*GP*AP*TP*AP*A)-3')
;
6108.967 1  ? ? ?                   ? 
3 water   nat water                                                                        18.015   95 ? ? ?                   ? 
# 
_entity_name_com.entity_id   2 
_entity_name_com.name        'Operator 3 of hiBA operon' 
# 
loop_
_entity_poly.entity_id 
_entity_poly.type 
_entity_poly.nstd_linkage 
_entity_poly.nstd_monomer 
_entity_poly.pdbx_seq_one_letter_code 
_entity_poly.pdbx_seq_one_letter_code_can 
_entity_poly.pdbx_strand_id 
_entity_poly.pdbx_target_identifier 
1 'polypeptide(L)'        no no FQKIYSPTQLANAMKLVRQQNGWTQSELAKKIGIKQATISNFENNPDNTTLTTFFKILQSLELSMTLCDAK            
FQKIYSPTQLANAMKLVRQQNGWTQSELAKKIGIKQATISNFENNPDNTTLTTFFKILQSLELSMTLCDAK A ? 
2 polydeoxyribonucleotide no no '(DT)(DT)(DA)(DT)(DC)(DC)(DG)(DC)(DT)(DC)(DT)(DA)(DC)(DG)(DG)(DG)(DA)(DT)(DA)(DA)' 
TTATCCGCTCTACGGGATAA                                                    B ? 
# 
loop_
_entity_poly_seq.entity_id 
_entity_poly_seq.num 
_entity_poly_seq.mon_id 
_entity_poly_seq.hetero 
1 1  PHE n 
1 2  GLN n 
1 3  LYS n 
1 4  ILE n 
1 5  TYR n 
1 6  SER n 
1 7  PRO n 
1 8  THR n 
1 9  GLN n 
1 10 LEU n 
1 11 ALA n 
1 12 ASN n 
1 13 ALA n 
1 14 MET n 
1 15 LYS n 
1 16 LEU n 
1 17 VAL n 
1 18 ARG n 
1 19 GLN n 
1 20 GLN n 
1 21 ASN n 
1 22 GLY n 
1 23 TRP n 
1 24 THR n 
1 25 GLN n 
1 26 SER n 
1 27 GLU n 
1 28 LEU n 
1 29 ALA n 
1 30 LYS n 
1 31 LYS n 
1 32 ILE n 
1 33 GLY n 
1 34 ILE n 
1 35 LYS n 
1 36 GLN n 
1 37 ALA n 
1 38 THR n 
1 39 ILE n 
1 40 SER n 
1 41 ASN n 
1 42 PHE n 
1 43 GLU n 
1 44 ASN n 
1 45 ASN n 
1 46 PRO n 
1 47 ASP n 
1 48 ASN n 
1 49 THR n 
1 50 THR n 
1 51 LEU n 
1 52 THR n 
1 53 THR n 
1 54 PHE n 
1 55 PHE n 
1 56 LYS n 
1 57 ILE n 
1 58 LEU n 
1 59 GLN n 
1 60 SER n 
1 61 LEU n 
1 62 GLU n 
1 63 LEU n 
1 64 SER n 
1 65 MET n 
1 66 THR n 
1 67 LEU n 
1 68 CYS n 
1 69 ASP n 
1 70 ALA n 
1 71 LYS n 
2 1  DT  n 
2 2  DT  n 
2 3  DA  n 
2 4  DT  n 
2 5  DC  n 
2 6  DC  n 
2 7  DG  n 
2 8  DC  n 
2 9  DT  n 
2 10 DC  n 
2 11 DT  n 
2 12 DA  n 
2 13 DC  n 
2 14 DG  n 
2 15 DG  n 
2 16 DG  n 
2 17 DA  n 
2 18 DT  n 
2 19 DA  n 
2 20 DA  n 
# 
_entity_src_gen.entity_id                          1 
_entity_src_gen.pdbx_src_id                        1 
_entity_src_gen.pdbx_alt_source_flag               sample 
_entity_src_gen.pdbx_seq_type                      'Biological sequence' 
_entity_src_gen.pdbx_beg_seq_num                   1 
_entity_src_gen.pdbx_end_seq_num                   71 
_entity_src_gen.gene_src_common_name               ? 
_entity_src_gen.gene_src_genus                     ? 
_entity_src_gen.pdbx_gene_src_gene                 'hipB, b1508, JW1501' 
_entity_src_gen.gene_src_species                   ? 
_entity_src_gen.gene_src_strain                    K12 
_entity_src_gen.gene_src_tissue                    ? 
_entity_src_gen.gene_src_tissue_fraction           ? 
_entity_src_gen.gene_src_details                   ? 
_entity_src_gen.pdbx_gene_src_fragment             ? 
_entity_src_gen.pdbx_gene_src_scientific_name      'Escherichia coli' 
_entity_src_gen.pdbx_gene_src_ncbi_taxonomy_id     83333 
_entity_src_gen.pdbx_gene_src_variant              ? 
_entity_src_gen.pdbx_gene_src_cell_line            ? 
_entity_src_gen.pdbx_gene_src_atcc                 ? 
_entity_src_gen.pdbx_gene_src_organ                ? 
_entity_src_gen.pdbx_gene_src_organelle            ? 
_entity_src_gen.pdbx_gene_src_cell                 ? 
_entity_src_gen.pdbx_gene_src_cellular_location    ? 
_entity_src_gen.host_org_common_name               ? 
_entity_src_gen.pdbx_host_org_scientific_name      'Escherichia coli' 
_entity_src_gen.pdbx_host_org_ncbi_taxonomy_id     469008 
_entity_src_gen.host_org_genus                     ? 
_entity_src_gen.pdbx_host_org_gene                 ? 
_entity_src_gen.pdbx_host_org_organ                ? 
_entity_src_gen.host_org_species                   ? 
_entity_src_gen.pdbx_host_org_tissue               ? 
_entity_src_gen.pdbx_host_org_tissue_fraction      ? 
_entity_src_gen.pdbx_host_org_strain               'BL21(DE3)pLysS-T1' 
_entity_src_gen.pdbx_host_org_variant              ? 
_entity_src_gen.pdbx_host_org_cell_line            ? 
_entity_src_gen.pdbx_host_org_atcc                 ? 
_entity_src_gen.pdbx_host_org_culture_collection   ? 
_entity_src_gen.pdbx_host_org_cell                 ? 
_entity_src_gen.pdbx_host_org_organelle            ? 
_entity_src_gen.pdbx_host_org_cellular_location    ? 
_entity_src_gen.pdbx_host_org_vector_type          Plasmid 
_entity_src_gen.pdbx_host_org_vector               ? 
_entity_src_gen.host_org_details                   ? 
_entity_src_gen.expression_system_id               ? 
_entity_src_gen.plasmid_name                       pET15b 
_entity_src_gen.plasmid_details                    ? 
_entity_src_gen.pdbx_description                   ? 
# 
_pdbx_entity_src_syn.entity_id              2 
_pdbx_entity_src_syn.pdbx_src_id            1 
_pdbx_entity_src_syn.pdbx_alt_source_flag   sample 
_pdbx_entity_src_syn.pdbx_beg_seq_num       1 
_pdbx_entity_src_syn.pdbx_end_seq_num       20 
_pdbx_entity_src_syn.organism_scientific    'synthetic construct' 
_pdbx_entity_src_syn.organism_common_name   ? 
_pdbx_entity_src_syn.ncbi_taxonomy_id       32630 
_pdbx_entity_src_syn.details                ? 
# 
loop_
_struct_ref.id 
_struct_ref.db_name 
_struct_ref.db_code 
_struct_ref.pdbx_db_accession 
_struct_ref.pdbx_db_isoform 
_struct_ref.entity_id 
_struct_ref.pdbx_seq_one_letter_code 
_struct_ref.pdbx_align_begin 
1 UNP HIPB_ECOLI P23873 ? 1 FQKIYSPTQLANAMKLVRQQNGWTQSELAKKIGIKQATISNFENNPDNTTLTTFFKILQSLELSMTLCDAK 4 
2 PDB 4Z58       4Z58   ? 2 ?                                                                       1 
# 
loop_
_struct_ref_seq.align_id 
_struct_ref_seq.ref_id 
_struct_ref_seq.pdbx_PDB_id_code 
_struct_ref_seq.pdbx_strand_id 
_struct_ref_seq.seq_align_beg 
_struct_ref_seq.pdbx_seq_align_beg_ins_code 
_struct_ref_seq.seq_align_end 
_struct_ref_seq.pdbx_seq_align_end_ins_code 
_struct_ref_seq.pdbx_db_accession 
_struct_ref_seq.db_align_beg 
_struct_ref_seq.pdbx_db_align_beg_ins_code 
_struct_ref_seq.db_align_end 
_struct_ref_seq.pdbx_db_align_end_ins_code 
_struct_ref_seq.pdbx_auth_seq_align_beg 
_struct_ref_seq.pdbx_auth_seq_align_end 
1 1 4Z58 A 1 ? 71 ? P23873 4 ? 74 ? 4 74 
2 2 4Z58 B 1 ? 20 ? 4Z58   1 ? 20 ? 1 20 
# 
loop_
_chem_comp.id 
_chem_comp.type 
_chem_comp.mon_nstd_flag 
_chem_comp.name 
_chem_comp.pdbx_synonyms 
_chem_comp.formula 
_chem_comp.formula_weight 
ALA 'L-peptide linking' y ALANINE                              ? 'C3 H7 N O2'      89.093  
ARG 'L-peptide linking' y ARGININE                             ? 'C6 H15 N4 O2 1'  175.209 
ASN 'L-peptide linking' y ASPARAGINE                           ? 'C4 H8 N2 O3'     132.118 
ASP 'L-peptide linking' y 'ASPARTIC ACID'                      ? 'C4 H7 N O4'      133.103 
CYS 'L-peptide linking' y CYSTEINE                             ? 'C3 H7 N O2 S'    121.158 
DA  'DNA linking'       y "2'-DEOXYADENOSINE-5'-MONOPHOSPHATE" ? 'C10 H14 N5 O6 P' 331.222 
DC  'DNA linking'       y "2'-DEOXYCYTIDINE-5'-MONOPHOSPHATE"  ? 'C9 H14 N3 O7 P'  307.197 
DG  'DNA linking'       y "2'-DEOXYGUANOSINE-5'-MONOPHOSPHATE" ? 'C10 H14 N5 O7 P' 347.221 
DT  'DNA linking'       y "THYMIDINE-5'-MONOPHOSPHATE"         ? 'C10 H15 N2 O8 P' 322.208 
GLN 'L-peptide linking' y GLUTAMINE                            ? 'C5 H10 N2 O3'    146.144 
GLU 'L-peptide linking' y 'GLUTAMIC ACID'                      ? 'C5 H9 N O4'      147.129 
GLY 'peptide linking'   y GLYCINE                              ? 'C2 H5 N O2'      75.067  
HOH non-polymer         . WATER                                ? 'H2 O'            18.015  
ILE 'L-peptide linking' y ISOLEUCINE                           ? 'C6 H13 N O2'     131.173 
LEU 'L-peptide linking' y LEUCINE                              ? 'C6 H13 N O2'     131.173 
LYS 'L-peptide linking' y LYSINE                               ? 'C6 H15 N2 O2 1'  147.195 
MET 'L-peptide linking' y METHIONINE                           ? 'C5 H11 N O2 S'   149.211 
PHE 'L-peptide linking' y PHENYLALANINE                        ? 'C9 H11 N O2'     165.189 
PRO 'L-peptide linking' y PROLINE                              ? 'C5 H9 N O2'      115.130 
SER 'L-peptide linking' y SERINE                               ? 'C3 H7 N O3'      105.093 
THR 'L-peptide linking' y THREONINE                            ? 'C4 H9 N O3'      119.119 
TRP 'L-peptide linking' y TRYPTOPHAN                           ? 'C11 H12 N2 O2'   204.225 
TYR 'L-peptide linking' y TYROSINE                             ? 'C9 H11 N O3'     181.189 
VAL 'L-peptide linking' y VALINE                               ? 'C5 H11 N O2'     117.146 
# 
_exptl.absorpt_coefficient_mu     ? 
_exptl.absorpt_correction_T_max   ? 
_exptl.absorpt_correction_T_min   ? 
_exptl.absorpt_correction_type    ? 
_exptl.absorpt_process_details    ? 
_exptl.entry_id                   4Z58 
_exptl.crystals_number            1 
_exptl.details                    ? 
_exptl.method                     'X-RAY DIFFRACTION' 
_exptl.method_details             ? 
# 
_exptl_crystal.colour                      ? 
_exptl_crystal.density_diffrn              ? 
_exptl_crystal.density_Matthews            ? 
_exptl_crystal.density_method              ? 
_exptl_crystal.density_percent_sol         ? 
_exptl_crystal.description                 ? 
_exptl_crystal.F_000                       ? 
_exptl_crystal.id                          1 
_exptl_crystal.preparation                 ? 
_exptl_crystal.size_max                    ? 
_exptl_crystal.size_mid                    ? 
_exptl_crystal.size_min                    ? 
_exptl_crystal.size_rad                    ? 
_exptl_crystal.colour_lustre               ? 
_exptl_crystal.colour_modifier             ? 
_exptl_crystal.colour_primary              ? 
_exptl_crystal.density_meas                ? 
_exptl_crystal.density_meas_esd            ? 
_exptl_crystal.density_meas_gt             ? 
_exptl_crystal.density_meas_lt             ? 
_exptl_crystal.density_meas_temp           ? 
_exptl_crystal.density_meas_temp_esd       ? 
_exptl_crystal.density_meas_temp_gt        ? 
_exptl_crystal.density_meas_temp_lt        ? 
_exptl_crystal.pdbx_crystal_image_url      ? 
_exptl_crystal.pdbx_crystal_image_format   ? 
_exptl_crystal.pdbx_mosaicity              ? 
_exptl_crystal.pdbx_mosaicity_esd          ? 
# 
_exptl_crystal_grow.apparatus       ? 
_exptl_crystal_grow.atmosphere      ? 
_exptl_crystal_grow.crystal_id      1 
_exptl_crystal_grow.details         ? 
_exptl_crystal_grow.method          'VAPOR DIFFUSION, HANGING DROP' 
_exptl_crystal_grow.method_ref      ? 
_exptl_crystal_grow.pH              5.0 
_exptl_crystal_grow.pressure        ? 
_exptl_crystal_grow.pressure_esd    ? 
_exptl_crystal_grow.seeding         ? 
_exptl_crystal_grow.seeding_ref     ? 
_exptl_crystal_grow.temp            298 
_exptl_crystal_grow.temp_details    ? 
_exptl_crystal_grow.temp_esd        ? 
_exptl_crystal_grow.time            ? 
_exptl_crystal_grow.pdbx_details    '1 M sodium citrate' 
_exptl_crystal_grow.pdbx_pH_range   ? 
# 
_diffrn.ambient_environment    ? 
_diffrn.ambient_temp           100 
_diffrn.ambient_temp_details   ? 
_diffrn.ambient_temp_esd       ? 
_diffrn.crystal_id             1 
_diffrn.crystal_support        ? 
_diffrn.crystal_treatment      ? 
_diffrn.details                ? 
_diffrn.id                     1 
_diffrn.ambient_pressure       ? 
_diffrn.ambient_pressure_esd   ? 
_diffrn.ambient_pressure_gt    ? 
_diffrn.ambient_pressure_lt    ? 
_diffrn.ambient_temp_gt        ? 
_diffrn.ambient_temp_lt        ? 
# 
_diffrn_detector.details                      ? 
_diffrn_detector.detector                     'IMAGE PLATE' 
_diffrn_detector.diffrn_id                    1 
_diffrn_detector.type                         'RIGAKU RAXIS IV' 
_diffrn_detector.area_resol_mean              ? 
_diffrn_detector.dtime                        ? 
_diffrn_detector.pdbx_frames_total            ? 
_diffrn_detector.pdbx_collection_time_total   ? 
_diffrn_detector.pdbx_collection_date         2013-01-06 
# 
_diffrn_radiation.collimation                      ? 
_diffrn_radiation.diffrn_id                        1 
_diffrn_radiation.filter_edge                      ? 
_diffrn_radiation.inhomogeneity                    ? 
_diffrn_radiation.monochromator                    'Rigaku Varimax' 
_diffrn_radiation.polarisn_norm                    ? 
_diffrn_radiation.polarisn_ratio                   ? 
_diffrn_radiation.probe                            ? 
_diffrn_radiation.type                             ? 
_diffrn_radiation.xray_symbol                      ? 
_diffrn_radiation.wavelength_id                    1 
_diffrn_radiation.pdbx_monochromatic_or_laue_m_l   M 
_diffrn_radiation.pdbx_wavelength_list             ? 
_diffrn_radiation.pdbx_wavelength                  ? 
_diffrn_radiation.pdbx_diffrn_protocol             'SINGLE WAVELENGTH' 
_diffrn_radiation.pdbx_analyzer                    ? 
_diffrn_radiation.pdbx_scattering_type             x-ray 
# 
_diffrn_radiation_wavelength.id           1 
_diffrn_radiation_wavelength.wavelength   1.5418 
_diffrn_radiation_wavelength.wt           1.0 
# 
_diffrn_source.current                     ? 
_diffrn_source.details                     ? 
_diffrn_source.diffrn_id                   1 
_diffrn_source.power                       ? 
_diffrn_source.size                        ? 
_diffrn_source.source                      'ROTATING ANODE' 
_diffrn_source.target                      ? 
_diffrn_source.type                        'RIGAKU FR-E+ SUPERBRIGHT' 
_diffrn_source.voltage                     ? 
_diffrn_source.take-off_angle              ? 
_diffrn_source.pdbx_wavelength_list        1.5418 
_diffrn_source.pdbx_wavelength             ? 
_diffrn_source.pdbx_synchrotron_beamline   ? 
_diffrn_source.pdbx_synchrotron_site       ? 
# 
_reflns.B_iso_Wilson_estimate            ? 
_reflns.entry_id                         4Z58 
_reflns.data_reduction_details           ? 
_reflns.data_reduction_method            ? 
_reflns.d_resolution_high                2.500 
_reflns.d_resolution_low                 50.000 
_reflns.details                          ? 
_reflns.limit_h_max                      ? 
_reflns.limit_h_min                      ? 
_reflns.limit_k_max                      ? 
_reflns.limit_k_min                      ? 
_reflns.limit_l_max                      ? 
_reflns.limit_l_min                      ? 
_reflns.number_all                       ? 
_reflns.number_obs                       12717 
_reflns.observed_criterion               ? 
_reflns.observed_criterion_F_max         ? 
_reflns.observed_criterion_F_min         ? 
_reflns.observed_criterion_I_max         ? 
_reflns.observed_criterion_I_min         ? 
_reflns.observed_criterion_sigma_F       ? 
_reflns.observed_criterion_sigma_I       ? 
_reflns.percent_possible_obs             100.000 
_reflns.R_free_details                   ? 
_reflns.Rmerge_F_all                     ? 
_reflns.Rmerge_F_obs                     ? 
_reflns.Friedel_coverage                 ? 
_reflns.number_gt                        ? 
_reflns.threshold_expression             ? 
_reflns.pdbx_redundancy                  22.300 
_reflns.pdbx_Rmerge_I_obs                0.081 
_reflns.pdbx_Rmerge_I_all                ? 
_reflns.pdbx_Rsym_value                  ? 
_reflns.pdbx_netI_over_av_sigmaI         47.010 
_reflns.pdbx_netI_over_sigmaI            11.600 
_reflns.pdbx_res_netI_over_av_sigmaI_2   ? 
_reflns.pdbx_res_netI_over_sigmaI_2      ? 
_reflns.pdbx_chi_squared                 1.012 
_reflns.pdbx_scaling_rejects             ? 
_reflns.pdbx_d_res_high_opt              ? 
_reflns.pdbx_d_res_low_opt               ? 
_reflns.pdbx_d_res_opt_method            ? 
_reflns.phase_calculation_details        ? 
_reflns.pdbx_Rrim_I_all                  ? 
_reflns.pdbx_Rpim_I_all                  ? 
_reflns.pdbx_d_opt                       ? 
_reflns.pdbx_number_measured_all         283883 
_reflns.pdbx_diffrn_id                   1 
_reflns.pdbx_ordinal                     1 
_reflns.pdbx_CC_half                     ? 
_reflns.pdbx_R_split                     ? 
# 
loop_
_reflns_shell.d_res_high 
_reflns_shell.d_res_low 
_reflns_shell.meanI_over_sigI_all 
_reflns_shell.meanI_over_sigI_obs 
_reflns_shell.number_measured_all 
_reflns_shell.number_measured_obs 
_reflns_shell.number_possible 
_reflns_shell.number_unique_all 
_reflns_shell.number_unique_obs 
_reflns_shell.percent_possible_all 
_reflns_shell.percent_possible_obs 
_reflns_shell.Rmerge_F_all 
_reflns_shell.Rmerge_F_obs 
_reflns_shell.Rmerge_I_all 
_reflns_shell.Rmerge_I_obs 
_reflns_shell.meanI_over_sigI_gt 
_reflns_shell.meanI_over_uI_all 
_reflns_shell.meanI_over_uI_gt 
_reflns_shell.number_measured_gt 
_reflns_shell.number_unique_gt 
_reflns_shell.percent_possible_gt 
_reflns_shell.Rmerge_F_gt 
_reflns_shell.Rmerge_I_gt 
_reflns_shell.pdbx_redundancy 
_reflns_shell.pdbx_Rsym_value 
_reflns_shell.pdbx_chi_squared 
_reflns_shell.pdbx_netI_over_sigmaI_all 
_reflns_shell.pdbx_netI_over_sigmaI_obs 
_reflns_shell.pdbx_Rrim_I_all 
_reflns_shell.pdbx_Rpim_I_all 
_reflns_shell.pdbx_rejects 
_reflns_shell.pdbx_ordinal 
_reflns_shell.pdbx_diffrn_id 
_reflns_shell.pdbx_CC_half 
_reflns_shell.pdbx_R_split 
2.500 2.540  ? ? ? ? ? 615 ? 100.000 ? ? ? ? 0.849 ? ? ? ? ? ? ? ? 20.900 ? 0.731 ? ? ? ? ? 1  1 ? ? 
2.540 2.590  ? ? ? ? ? 608 ? 100.000 ? ? ? ? 0.784 ? ? ? ? ? ? ? ? 21.300 ? 0.763 ? ? ? ? ? 2  1 ? ? 
2.590 2.640  ? ? ? ? ? 622 ? 100.000 ? ? ? ? 0.742 ? ? ? ? ? ? ? ? 21.500 ? 0.766 ? ? ? ? ? 3  1 ? ? 
2.640 2.690  ? ? ? ? ? 607 ? 100.000 ? ? ? ? 0.659 ? ? ? ? ? ? ? ? 21.800 ? 0.804 ? ? ? ? ? 4  1 ? ? 
2.690 2.750  ? ? ? ? ? 622 ? 100.000 ? ? ? ? 0.576 ? ? ? ? ? ? ? ? 21.900 ? 0.846 ? ? ? ? ? 5  1 ? ? 
2.750 2.820  ? ? ? ? ? 626 ? 100.000 ? ? ? ? 0.445 ? ? ? ? ? ? ? ? 22.200 ? 0.889 ? ? ? ? ? 6  1 ? ? 
2.820 2.890  ? ? ? ? ? 618 ? 100.000 ? ? ? ? 0.382 ? ? ? ? ? ? ? ? 22.400 ? 0.901 ? ? ? ? ? 7  1 ? ? 
2.890 2.960  ? ? ? ? ? 621 ? 100.000 ? ? ? ? 0.310 ? ? ? ? ? ? ? ? 22.800 ? 0.923 ? ? ? ? ? 8  1 ? ? 
2.960 3.050  ? ? ? ? ? 626 ? 100.000 ? ? ? ? 0.261 ? ? ? ? ? ? ? ? 23.100 ? 0.971 ? ? ? ? ? 9  1 ? ? 
3.050 3.150  ? ? ? ? ? 628 ? 100.000 ? ? ? ? 0.208 ? ? ? ? ? ? ? ? 23.200 ? 1.036 ? ? ? ? ? 10 1 ? ? 
3.150 3.260  ? ? ? ? ? 616 ? 100.000 ? ? ? ? 0.130 ? ? ? ? ? ? ? ? 23.100 ? 1.100 ? ? ? ? ? 11 1 ? ? 
3.260 3.390  ? ? ? ? ? 633 ? 100.000 ? ? ? ? 0.109 ? ? ? ? ? ? ? ? 23.200 ? 1.182 ? ? ? ? ? 12 1 ? ? 
3.390 3.550  ? ? ? ? ? 640 ? 100.000 ? ? ? ? 0.083 ? ? ? ? ? ? ? ? 23.100 ? 1.172 ? ? ? ? ? 13 1 ? ? 
3.550 3.730  ? ? ? ? ? 628 ? 100.000 ? ? ? ? 0.069 ? ? ? ? ? ? ? ? 23.100 ? 1.188 ? ? ? ? ? 14 1 ? ? 
3.730 3.970  ? ? ? ? ? 629 ? 100.000 ? ? ? ? 0.058 ? ? ? ? ? ? ? ? 23.100 ? 1.211 ? ? ? ? ? 15 1 ? ? 
3.970 4.270  ? ? ? ? ? 648 ? 100.000 ? ? ? ? 0.046 ? ? ? ? ? ? ? ? 22.900 ? 1.158 ? ? ? ? ? 16 1 ? ? 
4.270 4.700  ? ? ? ? ? 648 ? 100.000 ? ? ? ? 0.041 ? ? ? ? ? ? ? ? 22.700 ? 1.287 ? ? ? ? ? 17 1 ? ? 
4.700 5.380  ? ? ? ? ? 658 ? 99.800  ? ? ? ? 0.040 ? ? ? ? ? ? ? ? 22.500 ? 1.055 ? ? ? ? ? 18 1 ? ? 
5.380 6.780  ? ? ? ? ? 676 ? 100.000 ? ? ? ? 0.039 ? ? ? ? ? ? ? ? 22.100 ? 0.999 ? ? ? ? ? 19 1 ? ? 
6.780 50.000 ? ? ? ? ? 748 ? 100.000 ? ? ? ? 0.031 ? ? ? ? ? ? ? ? 19.900 ? 1.118 ? ? ? ? ? 20 1 ? ? 
# 
_refine.aniso_B[1][1]                            ? 
_refine.aniso_B[1][2]                            ? 
_refine.aniso_B[1][3]                            ? 
_refine.aniso_B[2][2]                            ? 
_refine.aniso_B[2][3]                            ? 
_refine.aniso_B[3][3]                            ? 
_refine.B_iso_max                                68.830 
_refine.B_iso_mean                               23.1269 
_refine.B_iso_min                                6.530 
_refine.correlation_coeff_Fo_to_Fc               ? 
_refine.correlation_coeff_Fo_to_Fc_free          ? 
_refine.details                                  ? 
_refine.diff_density_max                         ? 
_refine.diff_density_max_esd                     ? 
_refine.diff_density_min                         ? 
_refine.diff_density_min_esd                     ? 
_refine.diff_density_rms                         ? 
_refine.diff_density_rms_esd                     ? 
_refine.entry_id                                 4Z58 
_refine.pdbx_refine_id                           'X-RAY DIFFRACTION' 
_refine.ls_abs_structure_details                 ? 
_refine.ls_abs_structure_Flack                   ? 
_refine.ls_abs_structure_Flack_esd               ? 
_refine.ls_abs_structure_Rogers                  ? 
_refine.ls_abs_structure_Rogers_esd              ? 
_refine.ls_d_res_high                            2.5 
_refine.ls_d_res_low                             44.8800 
_refine.ls_extinction_coef                       ? 
_refine.ls_extinction_coef_esd                   ? 
_refine.ls_extinction_expression                 ? 
_refine.ls_extinction_method                     ? 
_refine.ls_goodness_of_fit_all                   ? 
_refine.ls_goodness_of_fit_all_esd               ? 
_refine.ls_goodness_of_fit_obs                   ? 
_refine.ls_goodness_of_fit_obs_esd               ? 
_refine.ls_hydrogen_treatment                    ? 
_refine.ls_matrix_type                           ? 
_refine.ls_number_constraints                    ? 
_refine.ls_number_parameters                     ? 
_refine.ls_number_reflns_all                     ? 
_refine.ls_number_reflns_obs                     11552 
_refine.ls_number_reflns_R_free                  1156 
_refine.ls_number_reflns_R_work                  10396 
_refine.ls_number_restraints                     ? 
_refine.ls_percent_reflns_obs                    91.0900 
_refine.ls_percent_reflns_R_free                 10.0100 
_refine.ls_R_factor_all                          ? 
_refine.ls_R_factor_obs                          0.1937 
_refine.ls_R_factor_R_free                       0.2082 
_refine.ls_R_factor_R_free_error                 ? 
_refine.ls_R_factor_R_free_error_details         ? 
_refine.ls_R_factor_R_work                       0.1921 
_refine.ls_R_Fsqd_factor_obs                     ? 
_refine.ls_R_I_factor_obs                        ? 
_refine.ls_redundancy_reflns_all                 ? 
_refine.ls_redundancy_reflns_obs                 ? 
_refine.ls_restrained_S_all                      ? 
_refine.ls_restrained_S_obs                      ? 
_refine.ls_shift_over_esd_max                    ? 
_refine.ls_shift_over_esd_mean                   ? 
_refine.ls_structure_factor_coef                 ? 
_refine.ls_weighting_details                     ? 
_refine.ls_weighting_scheme                      ? 
_refine.ls_wR_factor_all                         ? 
_refine.ls_wR_factor_obs                         ? 
_refine.ls_wR_factor_R_free                      ? 
_refine.ls_wR_factor_R_work                      ? 
_refine.occupancy_max                            1.000 
_refine.occupancy_min                            1.000 
_refine.solvent_model_details                    'FLAT BULK SOLVENT MODEL' 
_refine.solvent_model_param_bsol                 ? 
_refine.solvent_model_param_ksol                 ? 
_refine.ls_R_factor_gt                           ? 
_refine.ls_goodness_of_fit_gt                    ? 
_refine.ls_goodness_of_fit_ref                   ? 
_refine.ls_shift_over_su_max                     ? 
_refine.ls_shift_over_su_max_lt                  ? 
_refine.ls_shift_over_su_mean                    ? 
_refine.ls_shift_over_su_mean_lt                 ? 
_refine.pdbx_ls_sigma_I                          ? 
_refine.pdbx_ls_sigma_F                          0.170 
_refine.pdbx_ls_sigma_Fsqd                       ? 
_refine.pdbx_data_cutoff_high_absF               ? 
_refine.pdbx_data_cutoff_high_rms_absF           ? 
_refine.pdbx_data_cutoff_low_absF                ? 
_refine.pdbx_isotropic_thermal_model             ? 
_refine.pdbx_ls_cross_valid_method               'FREE R-VALUE' 
_refine.pdbx_method_to_determine_struct          'MOLECULAR REPLACEMENT' 
_refine.pdbx_starting_model                      'PDB entry 4Z52' 
_refine.pdbx_stereochemistry_target_values       ML 
_refine.pdbx_R_Free_selection_details            ? 
_refine.pdbx_stereochem_target_val_spec_case     ? 
_refine.pdbx_overall_ESU_R                       ? 
_refine.pdbx_overall_ESU_R_Free                  ? 
_refine.pdbx_solvent_vdw_probe_radii             1.0000 
_refine.pdbx_solvent_ion_probe_radii             ? 
_refine.pdbx_solvent_shrinkage_radii             0.6000 
_refine.pdbx_real_space_R                        ? 
_refine.pdbx_density_correlation                 ? 
_refine.pdbx_pd_number_of_powder_patterns        ? 
_refine.pdbx_pd_number_of_points                 ? 
_refine.pdbx_pd_meas_number_of_points            ? 
_refine.pdbx_pd_proc_ls_prof_R_factor            ? 
_refine.pdbx_pd_proc_ls_prof_wR_factor           ? 
_refine.pdbx_pd_Marquardt_correlation_coeff      ? 
_refine.pdbx_pd_Fsqrd_R_factor                   ? 
_refine.pdbx_pd_ls_matrix_band_width             ? 
_refine.pdbx_overall_phase_error                 17.2300 
_refine.pdbx_overall_SU_R_free_Cruickshank_DPI   ? 
_refine.pdbx_overall_SU_R_free_Blow_DPI          ? 
_refine.pdbx_overall_SU_R_Blow_DPI               ? 
_refine.pdbx_TLS_residual_ADP_flag               ? 
_refine.pdbx_diffrn_id                           1 
_refine.overall_SU_B                             ? 
_refine.overall_SU_ML                            0.1200 
_refine.overall_SU_R_Cruickshank_DPI             ? 
_refine.overall_SU_R_free                        ? 
_refine.overall_FOM_free_R_set                   ? 
_refine.overall_FOM_work_R_set                   0.8876 
_refine.pdbx_average_fsc_overall                 ? 
_refine.pdbx_average_fsc_work                    ? 
_refine.pdbx_average_fsc_free                    ? 
# 
_refine_hist.cycle_id                         final 
_refine_hist.pdbx_refine_id                   'X-RAY DIFFRACTION' 
_refine_hist.d_res_high                       2.5 
_refine_hist.d_res_low                        44.8800 
_refine_hist.pdbx_number_atoms_ligand         0 
_refine_hist.number_atoms_solvent             95 
_refine_hist.number_atoms_total               1065 
_refine_hist.pdbx_number_residues_total       91 
_refine_hist.pdbx_B_iso_mean_ligand           0.00 
_refine_hist.pdbx_B_iso_mean_solvent          28.12 
_refine_hist.pdbx_number_atoms_protein        565 
_refine_hist.pdbx_number_atoms_nucleic_acid   405 
# 
loop_
_refine_ls_restr.pdbx_refine_id 
_refine_ls_restr.criterion 
_refine_ls_restr.dev_ideal 
_refine_ls_restr.dev_ideal_target 
_refine_ls_restr.number 
_refine_ls_restr.rejects 
_refine_ls_restr.type 
_refine_ls_restr.weight 
_refine_ls_restr.pdbx_restraint_function 
'X-RAY DIFFRACTION' ? 0.003  ? 1026 ? f_bond_d           ? ? 
'X-RAY DIFFRACTION' ? 0.822  ? 1470 ? f_angle_d          ? ? 
'X-RAY DIFFRACTION' ? 0.040  ? 170  ? f_chiral_restr     ? ? 
'X-RAY DIFFRACTION' ? 0.002  ? 118  ? f_plane_restr      ? ? 
'X-RAY DIFFRACTION' ? 22.865 ? 412  ? f_dihedral_angle_d ? ? 
# 
loop_
_refine_ls_shell.pdbx_refine_id 
_refine_ls_shell.d_res_high 
_refine_ls_shell.d_res_low 
_refine_ls_shell.number_reflns_all 
_refine_ls_shell.number_reflns_obs 
_refine_ls_shell.number_reflns_R_free 
_refine_ls_shell.number_reflns_R_work 
_refine_ls_shell.percent_reflns_obs 
_refine_ls_shell.percent_reflns_R_free 
_refine_ls_shell.R_factor_all 
_refine_ls_shell.R_factor_obs 
_refine_ls_shell.R_factor_R_free 
_refine_ls_shell.R_factor_R_free_error 
_refine_ls_shell.R_factor_R_work 
_refine_ls_shell.redundancy_reflns_all 
_refine_ls_shell.redundancy_reflns_obs 
_refine_ls_shell.wR_factor_all 
_refine_ls_shell.wR_factor_obs 
_refine_ls_shell.wR_factor_R_free 
_refine_ls_shell.wR_factor_R_work 
_refine_ls_shell.pdbx_total_number_of_bins_used 
_refine_ls_shell.pdbx_phase_error 
_refine_ls_shell.pdbx_fsc_work 
_refine_ls_shell.pdbx_fsc_free 
'X-RAY DIFFRACTION' 2.50   2.6109  1245 . 125 1120 81.0000 . . . 0.2590 . 0.2345 . . . . . . 8 . . . 
'X-RAY DIFFRACTION' 2.6109 2.7485  1307 . 130 1177 85.0000 . . . 0.2862 . 0.2337 . . . . . . 8 . . . 
'X-RAY DIFFRACTION' 2.7485 2.9207  1365 . 136 1229 89.0000 . . . 0.2433 . 0.2304 . . . . . . 8 . . . 
'X-RAY DIFFRACTION' 2.9207 3.1461  1436 . 144 1292 91.0000 . . . 0.2423 . 0.2188 . . . . . . 8 . . . 
'X-RAY DIFFRACTION' 3.1461 3.4626  1450 . 145 1305 92.0000 . . . 0.1764 . 0.1786 . . . . . . 8 . . . 
'X-RAY DIFFRACTION' 3.4626 3.9634  1497 . 150 1347 95.0000 . . . 0.1814 . 0.1661 . . . . . . 8 . . . 
'X-RAY DIFFRACTION' 3.9634 4.9924  1550 . 155 1395 96.0000 . . . 0.1762 . 0.1643 . . . . . . 8 . . . 
'X-RAY DIFFRACTION' 4.9924 44.8876 1702 . 171 1531 98.0000 . . . 0.2066 . 0.1909 . . . . . . 8 . . . 
# 
_struct.entry_id                     4Z58 
_struct.title                        'HipB-O3 20mer complex' 
_struct.pdbx_model_details           ? 
_struct.pdbx_formula_weight          ? 
_struct.pdbx_formula_weight_method   ? 
_struct.pdbx_model_type_details      ? 
_struct.pdbx_CASP_flag               ? 
# 
_struct_keywords.entry_id        4Z58 
_struct_keywords.text            'HTH motif, Transcription repressor, HipA sequestering, Transcription-DNA complex' 
_struct_keywords.pdbx_keywords   Transcription/DNA 
# 
loop_
_struct_asym.id 
_struct_asym.pdbx_blank_PDB_chainid_flag 
_struct_asym.pdbx_modified 
_struct_asym.entity_id 
_struct_asym.details 
A N N 1 ? 
B N N 2 ? 
C N N 3 ? 
D N N 3 ? 
# 
loop_
_struct_conf.conf_type_id 
_struct_conf.id 
_struct_conf.pdbx_PDB_helix_id 
_struct_conf.beg_label_comp_id 
_struct_conf.beg_label_asym_id 
_struct_conf.beg_label_seq_id 
_struct_conf.pdbx_beg_PDB_ins_code 
_struct_conf.end_label_comp_id 
_struct_conf.end_label_asym_id 
_struct_conf.end_label_seq_id 
_struct_conf.pdbx_end_PDB_ins_code 
_struct_conf.beg_auth_comp_id 
_struct_conf.beg_auth_asym_id 
_struct_conf.beg_auth_seq_id 
_struct_conf.end_auth_comp_id 
_struct_conf.end_auth_asym_id 
_struct_conf.end_auth_seq_id 
_struct_conf.pdbx_PDB_helix_class 
_struct_conf.details 
_struct_conf.pdbx_PDB_helix_length 
HELX_P HELX_P1 AA1 SER A 6  ? ASN A 21 ? SER A 9  ASN A 24 1 ? 16 
HELX_P HELX_P2 AA2 THR A 24 ? GLY A 33 ? THR A 27 GLY A 36 1 ? 10 
HELX_P HELX_P3 AA3 LYS A 35 ? ASN A 45 ? LYS A 38 ASN A 48 1 ? 11 
HELX_P HELX_P4 AA4 PRO A 46 ? THR A 49 ? PRO A 49 THR A 52 5 ? 4  
HELX_P HELX_P5 AA5 THR A 50 ? LEU A 61 ? THR A 53 LEU A 64 1 ? 12 
# 
_struct_conf_type.id          HELX_P 
_struct_conf_type.criteria    ? 
_struct_conf_type.reference   ? 
# 
loop_
_struct_conn.id 
_struct_conn.conn_type_id 
_struct_conn.pdbx_leaving_atom_flag 
_struct_conn.pdbx_PDB_id 
_struct_conn.ptnr1_label_asym_id 
_struct_conn.ptnr1_label_comp_id 
_struct_conn.ptnr1_label_seq_id 
_struct_conn.ptnr1_label_atom_id 
_struct_conn.pdbx_ptnr1_label_alt_id 
_struct_conn.pdbx_ptnr1_PDB_ins_code 
_struct_conn.pdbx_ptnr1_standard_comp_id 
_struct_conn.ptnr1_symmetry 
_struct_conn.ptnr2_label_asym_id 
_struct_conn.ptnr2_label_comp_id 
_struct_conn.ptnr2_label_seq_id 
_struct_conn.ptnr2_label_atom_id 
_struct_conn.pdbx_ptnr2_label_alt_id 
_struct_conn.pdbx_ptnr2_PDB_ins_code 
_struct_conn.ptnr1_auth_asym_id 
_struct_conn.ptnr1_auth_comp_id 
_struct_conn.ptnr1_auth_seq_id 
_struct_conn.ptnr2_auth_asym_id 
_struct_conn.ptnr2_auth_comp_id 
_struct_conn.ptnr2_auth_seq_id 
_struct_conn.ptnr2_symmetry 
_struct_conn.pdbx_ptnr3_label_atom_id 
_struct_conn.pdbx_ptnr3_label_seq_id 
_struct_conn.pdbx_ptnr3_label_comp_id 
_struct_conn.pdbx_ptnr3_label_asym_id 
_struct_conn.pdbx_ptnr3_label_alt_id 
_struct_conn.pdbx_ptnr3_PDB_ins_code 
_struct_conn.details 
_struct_conn.pdbx_dist_value 
_struct_conn.pdbx_value_order 
_struct_conn.pdbx_role 
hydrog1  hydrog ? ? B DT 1  N3 ? ? ? 1_555 B DA 20 N1 ? ? B DT 1  B DA 20 13_455 ? ? ? ? ? ? WATSON-CRICK    ? ? ? 
hydrog2  hydrog ? ? B DT 1  O4 ? ? ? 1_555 B DA 20 N6 ? ? B DT 1  B DA 20 13_455 ? ? ? ? ? ? WATSON-CRICK    ? ? ? 
hydrog3  hydrog ? ? B DT 2  N3 ? ? ? 1_555 B DA 19 N1 ? ? B DT 2  B DA 19 13_455 ? ? ? ? ? ? WATSON-CRICK    ? ? ? 
hydrog4  hydrog ? ? B DT 2  O4 ? ? ? 1_555 B DA 19 N6 ? ? B DT 2  B DA 19 13_455 ? ? ? ? ? ? WATSON-CRICK    ? ? ? 
hydrog5  hydrog ? ? B DA 3  N1 ? ? ? 1_555 B DT 18 N3 ? ? B DA 3  B DT 18 13_455 ? ? ? ? ? ? WATSON-CRICK    ? ? ? 
hydrog6  hydrog ? ? B DA 3  N6 ? ? ? 1_555 B DT 18 O4 ? ? B DA 3  B DT 18 13_455 ? ? ? ? ? ? WATSON-CRICK    ? ? ? 
hydrog7  hydrog ? ? B DT 4  N3 ? ? ? 1_555 B DA 17 N1 ? ? B DT 4  B DA 17 13_455 ? ? ? ? ? ? WATSON-CRICK    ? ? ? 
hydrog8  hydrog ? ? B DT 4  O4 ? ? ? 1_555 B DA 17 N6 ? ? B DT 4  B DA 17 13_455 ? ? ? ? ? ? WATSON-CRICK    ? ? ? 
hydrog9  hydrog ? ? B DC 5  N3 ? ? ? 1_555 B DG 16 N1 ? ? B DC 5  B DG 16 13_455 ? ? ? ? ? ? WATSON-CRICK    ? ? ? 
hydrog10 hydrog ? ? B DC 5  N4 ? ? ? 1_555 B DG 16 O6 ? ? B DC 5  B DG 16 13_455 ? ? ? ? ? ? WATSON-CRICK    ? ? ? 
hydrog11 hydrog ? ? B DC 5  O2 ? ? ? 1_555 B DG 16 N2 ? ? B DC 5  B DG 16 13_455 ? ? ? ? ? ? WATSON-CRICK    ? ? ? 
hydrog12 hydrog ? ? B DC 6  N3 ? ? ? 1_555 B DG 15 N1 ? ? B DC 6  B DG 15 13_455 ? ? ? ? ? ? WATSON-CRICK    ? ? ? 
hydrog13 hydrog ? ? B DC 6  N4 ? ? ? 1_555 B DG 15 O6 ? ? B DC 6  B DG 15 13_455 ? ? ? ? ? ? WATSON-CRICK    ? ? ? 
hydrog14 hydrog ? ? B DC 6  O2 ? ? ? 1_555 B DG 15 N2 ? ? B DC 6  B DG 15 13_455 ? ? ? ? ? ? WATSON-CRICK    ? ? ? 
hydrog15 hydrog ? ? B DG 7  N1 ? ? ? 1_555 B DG 14 O6 ? ? B DG 7  B DG 14 13_455 ? ? ? ? ? ? 'DG-DG MISPAIR' ? ? ? 
hydrog16 hydrog ? ? B DT 9  N3 ? ? ? 1_555 B DA 12 N1 ? ? B DT 9  B DA 12 13_455 ? ? ? ? ? ? WATSON-CRICK    ? ? ? 
hydrog17 hydrog ? ? B DT 9  O4 ? ? ? 1_555 B DA 12 N6 ? ? B DT 9  B DA 12 13_455 ? ? ? ? ? ? WATSON-CRICK    ? ? ? 
hydrog18 hydrog ? ? B DC 10 N4 ? ? ? 1_555 B DT 11 O4 ? ? B DC 10 B DT 11 13_455 ? ? ? ? ? ? 'DC-DT MISPAIR' ? ? ? 
hydrog19 hydrog ? ? B DT 11 O4 ? ? ? 1_555 B DC 10 N4 ? ? B DT 11 B DC 10 13_455 ? ? ? ? ? ? 'DT-DC MISPAIR' ? ? ? 
hydrog20 hydrog ? ? B DA 12 N1 ? ? ? 1_555 B DT 9  N3 ? ? B DA 12 B DT 9  13_455 ? ? ? ? ? ? WATSON-CRICK    ? ? ? 
hydrog21 hydrog ? ? B DA 12 N6 ? ? ? 1_555 B DT 9  O4 ? ? B DA 12 B DT 9  13_455 ? ? ? ? ? ? WATSON-CRICK    ? ? ? 
hydrog22 hydrog ? ? B DG 14 N2 ? ? ? 1_555 B DG 7  N3 ? ? B DG 14 B DG 7  13_455 ? ? ? ? ? ? 'DG-DG MISPAIR' ? ? ? 
hydrog23 hydrog ? ? B DG 15 N1 ? ? ? 1_555 B DC 6  N3 ? ? B DG 15 B DC 6  13_455 ? ? ? ? ? ? WATSON-CRICK    ? ? ? 
hydrog24 hydrog ? ? B DG 15 N2 ? ? ? 1_555 B DC 6  O2 ? ? B DG 15 B DC 6  13_455 ? ? ? ? ? ? WATSON-CRICK    ? ? ? 
hydrog25 hydrog ? ? B DG 15 O6 ? ? ? 1_555 B DC 6  N4 ? ? B DG 15 B DC 6  13_455 ? ? ? ? ? ? WATSON-CRICK    ? ? ? 
hydrog26 hydrog ? ? B DG 16 N1 ? ? ? 1_555 B DC 5  N3 ? ? B DG 16 B DC 5  13_455 ? ? ? ? ? ? WATSON-CRICK    ? ? ? 
hydrog27 hydrog ? ? B DG 16 N2 ? ? ? 1_555 B DC 5  O2 ? ? B DG 16 B DC 5  13_455 ? ? ? ? ? ? WATSON-CRICK    ? ? ? 
hydrog28 hydrog ? ? B DG 16 O6 ? ? ? 1_555 B DC 5  N4 ? ? B DG 16 B DC 5  13_455 ? ? ? ? ? ? WATSON-CRICK    ? ? ? 
hydrog29 hydrog ? ? B DA 17 N1 ? ? ? 1_555 B DT 4  N3 ? ? B DA 17 B DT 4  13_455 ? ? ? ? ? ? WATSON-CRICK    ? ? ? 
hydrog30 hydrog ? ? B DA 17 N6 ? ? ? 1_555 B DT 4  O4 ? ? B DA 17 B DT 4  13_455 ? ? ? ? ? ? WATSON-CRICK    ? ? ? 
hydrog31 hydrog ? ? B DT 18 N3 ? ? ? 1_555 B DA 3  N1 ? ? B DT 18 B DA 3  13_455 ? ? ? ? ? ? WATSON-CRICK    ? ? ? 
hydrog32 hydrog ? ? B DT 18 O4 ? ? ? 1_555 B DA 3  N6 ? ? B DT 18 B DA 3  13_455 ? ? ? ? ? ? WATSON-CRICK    ? ? ? 
hydrog33 hydrog ? ? B DA 19 N1 ? ? ? 1_555 B DT 2  N3 ? ? B DA 19 B DT 2  13_455 ? ? ? ? ? ? WATSON-CRICK    ? ? ? 
hydrog34 hydrog ? ? B DA 19 N6 ? ? ? 1_555 B DT 2  O4 ? ? B DA 19 B DT 2  13_455 ? ? ? ? ? ? WATSON-CRICK    ? ? ? 
hydrog35 hydrog ? ? B DA 20 N1 ? ? ? 1_555 B DT 1  N3 ? ? B DA 20 B DT 1  13_455 ? ? ? ? ? ? WATSON-CRICK    ? ? ? 
hydrog36 hydrog ? ? B DA 20 N6 ? ? ? 1_555 B DT 1  O4 ? ? B DA 20 B DT 1  13_455 ? ? ? ? ? ? WATSON-CRICK    ? ? ? 
# 
_struct_conn_type.id          hydrog 
_struct_conn_type.criteria    ? 
_struct_conn_type.reference   ? 
# 
_atom_sites.entry_id                    4Z58 
_atom_sites.fract_transf_matrix[1][1]   0.00680292 
_atom_sites.fract_transf_matrix[1][2]   0.00054807 
_atom_sites.fract_transf_matrix[1][3]   0.00393481 
_atom_sites.fract_transf_matrix[2][1]   0.00375344 
_atom_sites.fract_transf_matrix[2][2]   0.00167020 
_atom_sites.fract_transf_matrix[2][3]   -0.00672198 
_atom_sites.fract_transf_matrix[3][1]   -0.00130186 
_atom_sites.fract_transf_matrix[3][2]   0.00767938 
_atom_sites.fract_transf_matrix[3][3]   0.00118115 
_atom_sites.fract_transf_vector[1]      -0.025835 
_atom_sites.fract_transf_vector[2]      0.131303 
_atom_sites.fract_transf_vector[3]      0.150573 
# 
loop_
_atom_type.symbol 
C 
N 
O 
P 
S 
# 
loop_
_atom_site.group_PDB 
_atom_site.id 
_atom_site.type_symbol 
_atom_site.label_atom_id 
_atom_site.label_alt_id 
_atom_site.label_comp_id 
_atom_site.label_asym_id 
_atom_site.label_entity_id 
_atom_site.label_seq_id 
_atom_site.pdbx_PDB_ins_code 
_atom_site.Cartn_x 
_atom_site.Cartn_y 
_atom_site.Cartn_z 
_atom_site.occupancy 
_atom_site.B_iso_or_equiv 
_atom_site.pdbx_formal_charge 
_atom_site.auth_seq_id 
_atom_site.auth_comp_id 
_atom_site.auth_asym_id 
_atom_site.auth_atom_id 
_atom_site.pdbx_PDB_model_num 
ATOM   1    N N     . PHE A 1 1  ? 13.713  -1.838  -3.796  1.00 31.72 ? 4   PHE A N     1 
ATOM   2    C CA    . PHE A 1 1  ? 12.449  -2.118  -4.472  1.00 30.30 ? 4   PHE A CA    1 
ATOM   3    C C     . PHE A 1 1  ? 12.579  -3.252  -5.489  1.00 26.94 ? 4   PHE A C     1 
ATOM   4    O O     . PHE A 1 1  ? 13.133  -3.072  -6.574  1.00 28.44 ? 4   PHE A O     1 
ATOM   5    C CB    . PHE A 1 1  ? 11.903  -0.850  -5.134  1.00 23.75 ? 4   PHE A CB    1 
ATOM   6    C CG    . PHE A 1 1  ? 11.358  0.157   -4.156  1.00 26.60 ? 4   PHE A CG    1 
ATOM   7    C CD1   . PHE A 1 1  ? 10.687  -0.260  -3.017  1.00 27.44 ? 4   PHE A CD1   1 
ATOM   8    C CD2   . PHE A 1 1  ? 11.524  1.518   -4.368  1.00 23.19 ? 4   PHE A CD2   1 
ATOM   9    C CE1   . PHE A 1 1  ? 10.186  0.658   -2.111  1.00 21.95 ? 4   PHE A CE1   1 
ATOM   10   C CE2   . PHE A 1 1  ? 11.026  2.441   -3.465  1.00 19.56 ? 4   PHE A CE2   1 
ATOM   11   C CZ    . PHE A 1 1  ? 10.357  2.010   -2.335  1.00 16.09 ? 4   PHE A CZ    1 
ATOM   12   N N     . GLN A 1 2  ? 12.068  -4.423  -5.122  1.00 23.71 ? 5   GLN A N     1 
ATOM   13   C CA    . GLN A 1 2  ? 12.134  -5.600  -5.978  1.00 17.78 ? 5   GLN A CA    1 
ATOM   14   C C     . GLN A 1 2  ? 10.901  -5.670  -6.876  1.00 20.65 ? 5   GLN A C     1 
ATOM   15   O O     . GLN A 1 2  ? 9.987   -4.853  -6.755  1.00 16.53 ? 5   GLN A O     1 
ATOM   16   C CB    . GLN A 1 2  ? 12.214  -6.869  -5.127  1.00 22.33 ? 5   GLN A CB    1 
ATOM   17   C CG    . GLN A 1 2  ? 13.226  -6.818  -3.991  1.00 35.89 ? 5   GLN A CG    1 
ATOM   18   C CD    . GLN A 1 2  ? 14.656  -7.033  -4.456  1.00 40.89 ? 5   GLN A CD    1 
ATOM   19   O OE1   . GLN A 1 2  ? 14.901  -7.430  -5.596  1.00 42.47 ? 5   GLN A OE1   1 
ATOM   20   N NE2   . GLN A 1 2  ? 15.610  -6.773  -3.568  1.00 41.33 ? 5   GLN A NE2   1 
ATOM   21   N N     . LYS A 1 3  ? 10.877  -6.653  -7.769  1.00 19.18 ? 6   LYS A N     1 
ATOM   22   C CA    . LYS A 1 3  ? 9.706   -6.890  -8.604  1.00 11.57 ? 6   LYS A CA    1 
ATOM   23   C C     . LYS A 1 3  ? 8.616   -7.569  -7.781  1.00 14.88 ? 6   LYS A C     1 
ATOM   24   O O     . LYS A 1 3  ? 8.900   -8.428  -6.945  1.00 16.33 ? 6   LYS A O     1 
ATOM   25   C CB    . LYS A 1 3  ? 10.071  -7.739  -9.822  1.00 11.76 ? 6   LYS A CB    1 
ATOM   26   C CG    . LYS A 1 3  ? 11.032  -7.059  -10.781 1.00 13.65 ? 6   LYS A CG    1 
ATOM   27   C CD    . LYS A 1 3  ? 11.252  -7.887  -12.038 1.00 13.81 ? 6   LYS A CD    1 
ATOM   28   C CE    . LYS A 1 3  ? 12.152  -7.159  -13.024 1.00 11.46 ? 6   LYS A CE    1 
ATOM   29   N NZ    . LYS A 1 3  ? 12.367  -7.934  -14.277 1.00 22.40 ? 6   LYS A NZ    1 
ATOM   30   N N     . ILE A 1 4  ? 7.371   -7.182  -8.024  1.00 11.58 ? 7   ILE A N     1 
ATOM   31   C CA    . ILE A 1 4  ? 6.243   -7.684  -7.246  1.00 9.93  ? 7   ILE A CA    1 
ATOM   32   C C     . ILE A 1 4  ? 5.263   -8.437  -8.147  1.00 10.52 ? 7   ILE A C     1 
ATOM   33   O O     . ILE A 1 4  ? 4.953   -7.981  -9.247  1.00 11.72 ? 7   ILE A O     1 
ATOM   34   C CB    . ILE A 1 4  ? 5.545   -6.524  -6.505  1.00 8.07  ? 7   ILE A CB    1 
ATOM   35   C CG1   . ILE A 1 4  ? 6.510   -5.904  -5.492  1.00 10.26 ? 7   ILE A CG1   1 
ATOM   36   C CG2   . ILE A 1 4  ? 4.279   -6.996  -5.814  1.00 6.61  ? 7   ILE A CG2   1 
ATOM   37   C CD1   . ILE A 1 4  ? 5.989   -4.656  -4.829  1.00 12.96 ? 7   ILE A CD1   1 
ATOM   38   N N     . TYR A 1 5  ? 4.783   -9.590  -7.681  1.00 7.87  ? 8   TYR A N     1 
ATOM   39   C CA    . TYR A 1 5  ? 3.992   -10.486 -8.526  1.00 7.28  ? 8   TYR A CA    1 
ATOM   40   C C     . TYR A 1 5  ? 2.606   -10.836 -7.979  1.00 9.46  ? 8   TYR A C     1 
ATOM   41   O O     . TYR A 1 5  ? 1.844   -11.546 -8.635  1.00 11.52 ? 8   TYR A O     1 
ATOM   42   C CB    . TYR A 1 5  ? 4.772   -11.776 -8.804  1.00 9.74  ? 8   TYR A CB    1 
ATOM   43   C CG    . TYR A 1 5  ? 6.076   -11.564 -9.537  1.00 12.93 ? 8   TYR A CG    1 
ATOM   44   C CD1   . TYR A 1 5  ? 7.225   -11.191 -8.852  1.00 12.22 ? 8   TYR A CD1   1 
ATOM   45   C CD2   . TYR A 1 5  ? 6.162   -11.743 -10.912 1.00 9.19  ? 8   TYR A CD2   1 
ATOM   46   C CE1   . TYR A 1 5  ? 8.419   -10.992 -9.514  1.00 9.84  ? 8   TYR A CE1   1 
ATOM   47   C CE2   . TYR A 1 5  ? 7.356   -11.548 -11.583 1.00 11.10 ? 8   TYR A CE2   1 
ATOM   48   C CZ    . TYR A 1 5  ? 8.481   -11.176 -10.878 1.00 11.39 ? 8   TYR A CZ    1 
ATOM   49   O OH    . TYR A 1 5  ? 9.673   -10.977 -11.534 1.00 16.17 ? 8   TYR A OH    1 
ATOM   50   N N     . SER A 1 6  ? 2.272   -10.340 -6.791  1.00 8.95  ? 9   SER A N     1 
ATOM   51   C CA    . SER A 1 6  ? 0.991   -10.678 -6.174  1.00 8.14  ? 9   SER A CA    1 
ATOM   52   C C     . SER A 1 6  ? 0.549   -9.592  -5.198  1.00 9.21  ? 9   SER A C     1 
ATOM   53   O O     . SER A 1 6  ? 1.373   -8.811  -4.726  1.00 10.33 ? 9   SER A O     1 
ATOM   54   C CB    . SER A 1 6  ? 1.095   -12.022 -5.449  1.00 10.34 ? 9   SER A CB    1 
ATOM   55   O OG    . SER A 1 6  ? 1.826   -11.890 -4.242  1.00 13.64 ? 9   SER A OG    1 
ATOM   56   N N     . PRO A 1 7  ? -0.763  -9.530  -4.902  1.00 9.43  ? 10  PRO A N     1 
ATOM   57   C CA    . PRO A 1 7  ? -1.280  -8.561  -3.928  1.00 9.96  ? 10  PRO A CA    1 
ATOM   58   C C     . PRO A 1 7  ? -0.615  -8.700  -2.560  1.00 13.04 ? 10  PRO A C     1 
ATOM   59   O O     . PRO A 1 7  ? -0.348  -7.696  -1.899  1.00 11.28 ? 10  PRO A O     1 
ATOM   60   C CB    . PRO A 1 7  ? -2.764  -8.925  -3.830  1.00 9.65  ? 10  PRO A CB    1 
ATOM   61   C CG    . PRO A 1 7  ? -3.083  -9.545  -5.142  1.00 11.41 ? 10  PRO A CG    1 
ATOM   62   C CD    . PRO A 1 7  ? -1.845  -10.281 -5.563  1.00 8.14  ? 10  PRO A CD    1 
ATOM   63   N N     . THR A 1 8  ? -0.348  -9.934  -2.148  1.00 14.68 ? 11  THR A N     1 
ATOM   64   C CA    . THR A 1 8  ? 0.295   -10.192 -0.864  1.00 10.89 ? 11  THR A CA    1 
ATOM   65   C C     . THR A 1 8  ? 1.707   -9.613  -0.817  1.00 12.33 ? 11  THR A C     1 
ATOM   66   O O     . THR A 1 8  ? 2.093   -8.972  0.161   1.00 15.18 ? 11  THR A O     1 
ATOM   67   C CB    . THR A 1 8  ? 0.350   -11.698 -0.553  1.00 14.43 ? 11  THR A CB    1 
ATOM   68   O OG1   . THR A 1 8  ? -0.982  -12.198 -0.387  1.00 16.04 ? 11  THR A OG1   1 
ATOM   69   C CG2   . THR A 1 8  ? 1.140   -11.953 0.721   1.00 11.17 ? 11  THR A CG2   1 
ATOM   70   N N     . GLN A 1 9  ? 2.472   -9.836  -1.882  1.00 11.34 ? 12  GLN A N     1 
ATOM   71   C CA    . GLN A 1 9  ? 3.823   -9.294  -1.970  1.00 13.12 ? 12  GLN A CA    1 
ATOM   72   C C     . GLN A 1 9  ? 3.788   -7.773  -1.983  1.00 12.96 ? 12  GLN A C     1 
ATOM   73   O O     . GLN A 1 9  ? 4.676   -7.114  -1.447  1.00 14.00 ? 12  GLN A O     1 
ATOM   74   C CB    . GLN A 1 9  ? 4.523   -9.796  -3.231  1.00 11.63 ? 12  GLN A CB    1 
ATOM   75   C CG    . GLN A 1 9  ? 4.792   -11.289 -3.246  1.00 9.16  ? 12  GLN A CG    1 
ATOM   76   C CD    . GLN A 1 9  ? 5.498   -11.733 -4.513  1.00 14.46 ? 12  GLN A CD    1 
ATOM   77   O OE1   . GLN A 1 9  ? 6.065   -10.917 -5.240  1.00 11.32 ? 12  GLN A OE1   1 
ATOM   78   N NE2   . GLN A 1 9  ? 5.458   -13.030 -4.788  1.00 15.79 ? 12  GLN A NE2   1 
ATOM   79   N N     . LEU A 1 10 ? 2.749   -7.225  -2.604  1.00 9.66  ? 13  LEU A N     1 
ATOM   80   C CA    . LEU A 1 10 ? 2.581   -5.783  -2.698  1.00 8.95  ? 13  LEU A CA    1 
ATOM   81   C C     . LEU A 1 10 ? 2.265   -5.177  -1.336  1.00 10.02 ? 13  LEU A C     1 
ATOM   82   O O     . LEU A 1 10 ? 2.845   -4.164  -0.947  1.00 11.95 ? 13  LEU A O     1 
ATOM   83   C CB    . LEU A 1 10 ? 1.468   -5.451  -3.693  1.00 8.86  ? 13  LEU A CB    1 
ATOM   84   C CG    . LEU A 1 10 ? 1.171   -3.975  -3.951  1.00 9.19  ? 13  LEU A CG    1 
ATOM   85   C CD1   . LEU A 1 10 ? 2.387   -3.276  -4.527  1.00 9.47  ? 13  LEU A CD1   1 
ATOM   86   C CD2   . LEU A 1 10 ? -0.026  -3.843  -4.883  1.00 7.84  ? 13  LEU A CD2   1 
ATOM   87   N N     . ALA A 1 11 ? 1.343   -5.807  -0.613  1.00 11.64 ? 14  ALA A N     1 
ATOM   88   C CA    . ALA A 1 11 ? 0.934   -5.322  0.702   1.00 9.92  ? 14  ALA A CA    1 
ATOM   89   C C     . ALA A 1 11 ? 2.080   -5.391  1.706   1.00 11.55 ? 14  ALA A C     1 
ATOM   90   O O     . ALA A 1 11 ? 2.287   -4.460  2.482   1.00 15.23 ? 14  ALA A O     1 
ATOM   91   C CB    . ALA A 1 11 ? -0.267  -6.101  1.209   1.00 12.48 ? 14  ALA A CB    1 
ATOM   92   N N     . ASN A 1 12 ? 2.823   -6.495  1.685   1.00 11.31 ? 15  ASN A N     1 
ATOM   93   C CA    . ASN A 1 12 ? 3.988   -6.646  2.550   1.00 11.70 ? 15  ASN A CA    1 
ATOM   94   C C     . ASN A 1 12 ? 5.029   -5.562  2.290   1.00 15.31 ? 15  ASN A C     1 
ATOM   95   O O     . ASN A 1 12 ? 5.596   -4.997  3.224   1.00 20.17 ? 15  ASN A O     1 
ATOM   96   C CB    . ASN A 1 12 ? 4.626   -8.025  2.370   1.00 15.09 ? 15  ASN A CB    1 
ATOM   97   C CG    . ASN A 1 12 ? 3.717   -9.155  2.815   1.00 21.95 ? 15  ASN A CG    1 
ATOM   98   O OD1   . ASN A 1 12 ? 2.729   -8.934  3.517   1.00 20.65 ? 15  ASN A OD1   1 
ATOM   99   N ND2   . ASN A 1 12 ? 4.053   -10.377 2.411   1.00 18.46 ? 15  ASN A ND2   1 
ATOM   100  N N     . ALA A 1 13 ? 5.263   -5.268  1.015   1.00 12.78 ? 16  ALA A N     1 
ATOM   101  C CA    . ALA A 1 13 ? 6.251   -4.269  0.622   1.00 13.06 ? 16  ALA A CA    1 
ATOM   102  C C     . ALA A 1 13 ? 5.841   -2.872  1.070   1.00 13.78 ? 16  ALA A C     1 
ATOM   103  O O     . ALA A 1 13 ? 6.664   -2.109  1.576   1.00 17.02 ? 16  ALA A O     1 
ATOM   104  C CB    . ALA A 1 13 ? 6.467   -4.298  -0.884  1.00 8.53  ? 16  ALA A CB    1 
ATOM   105  N N     . MET A 1 14 ? 4.568   -2.539  0.880   1.00 9.77  ? 17  MET A N     1 
ATOM   106  C CA    . MET A 1 14 ? 4.072   -1.211  1.225   1.00 11.91 ? 17  MET A CA    1 
ATOM   107  C C     . MET A 1 14 ? 3.921   -1.028  2.733   1.00 14.34 ? 17  MET A C     1 
ATOM   108  O O     . MET A 1 14 ? 4.058   0.085   3.246   1.00 13.42 ? 17  MET A O     1 
ATOM   109  C CB    . MET A 1 14 ? 2.758   -0.922  0.500   1.00 9.80  ? 17  MET A CB    1 
ATOM   110  C CG    . MET A 1 14 ? 2.920   -0.829  -1.011  1.00 10.18 ? 17  MET A CG    1 
ATOM   111  S SD    . MET A 1 14 ? 1.368   -0.581  -1.889  1.00 17.01 ? 17  MET A SD    1 
ATOM   112  C CE    . MET A 1 14 ? 0.824   0.977   -1.195  1.00 12.25 ? 17  MET A CE    1 
ATOM   113  N N     . LYS A 1 15 ? 3.647   -2.121  3.440   1.00 12.19 ? 18  LYS A N     1 
ATOM   114  C CA    . LYS A 1 15 ? 3.588   -2.078  4.897   1.00 15.10 ? 18  LYS A CA    1 
ATOM   115  C C     . LYS A 1 15 ? 4.973   -1.801  5.468   1.00 15.04 ? 18  LYS A C     1 
ATOM   116  O O     . LYS A 1 15 ? 5.119   -1.082  6.459   1.00 16.39 ? 18  LYS A O     1 
ATOM   117  C CB    . LYS A 1 15 ? 3.041   -3.388  5.464   1.00 15.81 ? 18  LYS A CB    1 
ATOM   118  C CG    . LYS A 1 15 ? 3.047   -3.439  6.981   1.00 16.80 ? 18  LYS A CG    1 
ATOM   119  C CD    . LYS A 1 15 ? 2.425   -4.721  7.507   1.00 18.23 ? 18  LYS A CD    1 
ATOM   120  C CE    . LYS A 1 15 ? 2.510   -4.773  9.028   1.00 19.20 ? 18  LYS A CE    1 
ATOM   121  N NZ    . LYS A 1 15 ? 1.806   -5.961  9.578   1.00 24.23 ? 18  LYS A NZ    1 
ATOM   122  N N     . LEU A 1 16 ? 5.988   -2.377  4.831   1.00 13.05 ? 19  LEU A N     1 
ATOM   123  C CA    . LEU A 1 16 ? 7.367   -2.206  5.266   1.00 14.96 ? 19  LEU A CA    1 
ATOM   124  C C     . LEU A 1 16 ? 7.812   -0.759  5.094   1.00 17.11 ? 19  LEU A C     1 
ATOM   125  O O     . LEU A 1 16 ? 8.539   -0.221  5.927   1.00 20.80 ? 19  LEU A O     1 
ATOM   126  C CB    . LEU A 1 16 ? 8.294   -3.132  4.480   1.00 18.71 ? 19  LEU A CB    1 
ATOM   127  C CG    . LEU A 1 16 ? 9.654   -3.408  5.119   1.00 29.30 ? 19  LEU A CG    1 
ATOM   128  C CD1   . LEU A 1 16 ? 9.478   -4.216  6.397   1.00 26.34 ? 19  LEU A CD1   1 
ATOM   129  C CD2   . LEU A 1 16 ? 10.575  -4.127  4.146   1.00 25.65 ? 19  LEU A CD2   1 
ATOM   130  N N     . VAL A 1 17 ? 7.372   -0.132  4.007   1.00 14.70 ? 20  VAL A N     1 
ATOM   131  C CA    . VAL A 1 17 ? 7.684   1.271   3.765   1.00 13.26 ? 20  VAL A CA    1 
ATOM   132  C C     . VAL A 1 17 ? 7.046   2.143   4.842   1.00 13.48 ? 20  VAL A C     1 
ATOM   133  O O     . VAL A 1 17 ? 7.680   3.060   5.365   1.00 18.78 ? 20  VAL A O     1 
ATOM   134  C CB    . VAL A 1 17 ? 7.222   1.727   2.364   1.00 13.01 ? 20  VAL A CB    1 
ATOM   135  C CG1   . VAL A 1 17 ? 7.351   3.237   2.219   1.00 9.07  ? 20  VAL A CG1   1 
ATOM   136  C CG2   . VAL A 1 17 ? 8.027   1.018   1.286   1.00 8.92  ? 20  VAL A CG2   1 
ATOM   137  N N     . ARG A 1 18 ? 5.799   1.838   5.182   1.00 12.16 ? 21  ARG A N     1 
ATOM   138  C CA    . ARG A 1 18 ? 5.092   2.558   6.234   1.00 15.00 ? 21  ARG A CA    1 
ATOM   139  C C     . ARG A 1 18 ? 5.813   2.454   7.574   1.00 15.01 ? 21  ARG A C     1 
ATOM   140  O O     . ARG A 1 18 ? 5.978   3.446   8.282   1.00 14.10 ? 21  ARG A O     1 
ATOM   141  C CB    . ARG A 1 18 ? 3.664   2.031   6.381   1.00 12.35 ? 21  ARG A CB    1 
ATOM   142  C CG    . ARG A 1 18 ? 2.904   2.673   7.521   1.00 11.07 ? 21  ARG A CG    1 
ATOM   143  C CD    . ARG A 1 18 ? 1.473   2.171   7.604   1.00 10.08 ? 21  ARG A CD    1 
ATOM   144  N NE    . ARG A 1 18 ? 1.382   0.773   8.010   1.00 11.27 ? 21  ARG A NE    1 
ATOM   145  C CZ    . ARG A 1 18 ? 1.424   0.358   9.271   1.00 12.87 ? 21  ARG A CZ    1 
ATOM   146  N NH1   . ARG A 1 18 ? 1.323   -0.934  9.551   1.00 11.47 ? 21  ARG A NH1   1 
ATOM   147  N NH2   . ARG A 1 18 ? 1.566   1.237   10.257  1.00 12.47 ? 21  ARG A NH2   1 
ATOM   148  N N     . GLN A 1 19 ? 6.240   1.243   7.919   1.00 14.32 ? 22  GLN A N     1 
ATOM   149  C CA    . GLN A 1 19 ? 6.909   1.003   9.191   1.00 14.67 ? 22  GLN A CA    1 
ATOM   150  C C     . GLN A 1 19 ? 8.304   1.616   9.234   1.00 20.50 ? 22  GLN A C     1 
ATOM   151  O O     . GLN A 1 19 ? 8.731   2.128   10.269  1.00 24.76 ? 22  GLN A O     1 
ATOM   152  C CB    . GLN A 1 19 ? 6.979   -0.496  9.481   1.00 13.12 ? 22  GLN A CB    1 
ATOM   153  C CG    . GLN A 1 19 ? 5.631   -1.119  9.788   1.00 14.51 ? 22  GLN A CG    1 
ATOM   154  C CD    . GLN A 1 19 ? 5.723   -2.613  10.020  1.00 23.41 ? 22  GLN A CD    1 
ATOM   155  O OE1   . GLN A 1 19 ? 6.586   -3.287  9.457   1.00 21.19 ? 22  GLN A OE1   1 
ATOM   156  N NE2   . GLN A 1 19 ? 4.835   -3.137  10.859  1.00 22.63 ? 22  GLN A NE2   1 
ATOM   157  N N     . GLN A 1 20 ? 9.009   1.567   8.108   1.00 19.76 ? 23  GLN A N     1 
ATOM   158  C CA    . GLN A 1 20 ? 10.347  2.142   8.022   1.00 19.34 ? 23  GLN A CA    1 
ATOM   159  C C     . GLN A 1 20 ? 10.325  3.661   8.176   1.00 20.93 ? 23  GLN A C     1 
ATOM   160  O O     . GLN A 1 20 ? 11.333  4.268   8.534   1.00 27.81 ? 23  GLN A O     1 
ATOM   161  C CB    . GLN A 1 20 ? 11.016  1.763   6.699   1.00 25.71 ? 23  GLN A CB    1 
ATOM   162  C CG    . GLN A 1 20 ? 11.588  0.358   6.664   1.00 31.72 ? 23  GLN A CG    1 
ATOM   163  C CD    . GLN A 1 20 ? 12.170  0.002   5.308   1.00 45.62 ? 23  GLN A CD    1 
ATOM   164  O OE1   . GLN A 1 20 ? 11.843  0.625   4.295   1.00 38.57 ? 23  GLN A OE1   1 
ATOM   165  N NE2   . GLN A 1 20 ? 13.043  -1.001  5.282   1.00 46.23 ? 23  GLN A NE2   1 
ATOM   166  N N     . ASN A 1 21 ? 9.177   4.272   7.903   1.00 22.87 ? 24  ASN A N     1 
ATOM   167  C CA    . ASN A 1 21 ? 9.043   5.719   8.031   1.00 20.28 ? 24  ASN A CA    1 
ATOM   168  C C     . ASN A 1 21 ? 8.343   6.147   9.318   1.00 17.54 ? 24  ASN A C     1 
ATOM   169  O O     . ASN A 1 21 ? 8.163   7.337   9.568   1.00 22.59 ? 24  ASN A O     1 
ATOM   170  C CB    . ASN A 1 21 ? 8.325   6.306   6.813   1.00 18.67 ? 24  ASN A CB    1 
ATOM   171  C CG    . ASN A 1 21 ? 9.162   6.231   5.551   1.00 18.78 ? 24  ASN A CG    1 
ATOM   172  O OD1   . ASN A 1 21 ? 9.948   7.131   5.259   1.00 21.14 ? 24  ASN A OD1   1 
ATOM   173  N ND2   . ASN A 1 21 ? 8.993   5.155   4.792   1.00 19.19 ? 24  ASN A ND2   1 
ATOM   174  N N     . GLY A 1 22 ? 7.953   5.169   10.132  1.00 19.06 ? 25  GLY A N     1 
ATOM   175  C CA    . GLY A 1 22 ? 7.321   5.443   11.411  1.00 17.49 ? 25  GLY A CA    1 
ATOM   176  C C     . GLY A 1 22 ? 5.910   5.988   11.302  1.00 21.49 ? 25  GLY A C     1 
ATOM   177  O O     . GLY A 1 22 ? 5.424   6.662   12.211  1.00 29.55 ? 25  GLY A O     1 
ATOM   178  N N     . TRP A 1 23 ? 5.248   5.693   10.190  1.00 18.64 ? 26  TRP A N     1 
ATOM   179  C CA    . TRP A 1 23 ? 3.890   6.170   9.960   1.00 17.67 ? 26  TRP A CA    1 
ATOM   180  C C     . TRP A 1 23 ? 2.855   5.191   10.496  1.00 13.43 ? 26  TRP A C     1 
ATOM   181  O O     . TRP A 1 23 ? 3.027   3.978   10.402  1.00 14.95 ? 26  TRP A O     1 
ATOM   182  C CB    . TRP A 1 23 ? 3.654   6.399   8.468   1.00 16.80 ? 26  TRP A CB    1 
ATOM   183  C CG    . TRP A 1 23 ? 4.450   7.529   7.903   1.00 22.93 ? 26  TRP A CG    1 
ATOM   184  C CD1   . TRP A 1 23 ? 4.817   8.676   8.542   1.00 22.88 ? 26  TRP A CD1   1 
ATOM   185  C CD2   . TRP A 1 23 ? 4.990   7.613   6.580   1.00 20.97 ? 26  TRP A CD2   1 
ATOM   186  N NE1   . TRP A 1 23 ? 5.546   9.476   7.696   1.00 27.70 ? 26  TRP A NE1   1 
ATOM   187  C CE2   . TRP A 1 23 ? 5.668   8.846   6.486   1.00 26.06 ? 26  TRP A CE2   1 
ATOM   188  C CE3   . TRP A 1 23 ? 4.966   6.771   5.467   1.00 15.55 ? 26  TRP A CE3   1 
ATOM   189  C CZ2   . TRP A 1 23 ? 6.313   9.255   5.321   1.00 25.29 ? 26  TRP A CZ2   1 
ATOM   190  C CZ3   . TRP A 1 23 ? 5.608   7.177   4.311   1.00 19.82 ? 26  TRP A CZ3   1 
ATOM   191  C CH2   . TRP A 1 23 ? 6.272   8.410   4.247   1.00 24.82 ? 26  TRP A CH2   1 
ATOM   192  N N     . THR A 1 24 ? 1.778   5.727   11.059  1.00 14.07 ? 27  THR A N     1 
ATOM   193  C CA    . THR A 1 24 ? 0.669   4.902   11.512  1.00 18.28 ? 27  THR A CA    1 
ATOM   194  C C     . THR A 1 24 ? -0.384  4.817   10.415  1.00 16.80 ? 27  THR A C     1 
ATOM   195  O O     . THR A 1 24 ? -0.400  5.636   9.493   1.00 15.05 ? 27  THR A O     1 
ATOM   196  C CB    . THR A 1 24 ? 0.020   5.475   12.783  1.00 16.83 ? 27  THR A CB    1 
ATOM   197  O OG1   . THR A 1 24 ? -0.601  6.730   12.482  1.00 18.58 ? 27  THR A OG1   1 
ATOM   198  C CG2   . THR A 1 24 ? 1.061   5.675   13.868  1.00 15.03 ? 27  THR A CG2   1 
ATOM   199  N N     . GLN A 1 25 ? -1.262  3.824   10.513  1.00 13.96 ? 28  GLN A N     1 
ATOM   200  C CA    . GLN A 1 25 ? -2.330  3.658   9.537   1.00 12.46 ? 28  GLN A CA    1 
ATOM   201  C C     . GLN A 1 25 ? -3.279  4.853   9.555   1.00 16.55 ? 28  GLN A C     1 
ATOM   202  O O     . GLN A 1 25 ? -3.829  5.230   8.522   1.00 20.77 ? 28  GLN A O     1 
ATOM   203  C CB    . GLN A 1 25 ? -3.101  2.365   9.799   1.00 11.43 ? 28  GLN A CB    1 
ATOM   204  C CG    . GLN A 1 25 ? -2.273  1.104   9.633   1.00 10.54 ? 28  GLN A CG    1 
ATOM   205  C CD    . GLN A 1 25 ? -3.085  -0.152  9.865   1.00 10.16 ? 28  GLN A CD    1 
ATOM   206  O OE1   . GLN A 1 25 ? -4.223  -0.088  10.330  1.00 11.96 ? 28  GLN A OE1   1 
ATOM   207  N NE2   . GLN A 1 25 ? -2.508  -1.304  9.535   1.00 9.93  ? 28  GLN A NE2   1 
ATOM   208  N N     . SER A 1 26 ? -3.462  5.447   10.729  1.00 17.23 ? 29  SER A N     1 
ATOM   209  C CA    . SER A 1 26 ? -4.347  6.598   10.875  1.00 17.14 ? 29  SER A CA    1 
ATOM   210  C C     . SER A 1 26 ? -3.785  7.850   10.207  1.00 17.44 ? 29  SER A C     1 
ATOM   211  O O     . SER A 1 26 ? -4.534  8.624   9.611   1.00 21.75 ? 29  SER A O     1 
ATOM   212  C CB    . SER A 1 26 ? -4.647  6.869   12.351  1.00 19.69 ? 29  SER A CB    1 
ATOM   213  O OG    . SER A 1 26 ? -5.413  5.816   12.909  1.00 20.85 ? 29  SER A OG    1 
ATOM   214  N N     . GLU A 1 27 ? -2.471  8.046   10.316  1.00 17.08 ? 30  GLU A N     1 
ATOM   215  C CA    . GLU A 1 27 ? -1.799  9.163   9.655   1.00 20.32 ? 30  GLU A CA    1 
ATOM   216  C C     . GLU A 1 27 ? -2.084  9.158   8.160   1.00 19.69 ? 30  GLU A C     1 
ATOM   217  O O     . GLU A 1 27 ? -2.542  10.154  7.599   1.00 24.22 ? 30  GLU A O     1 
ATOM   218  C CB    . GLU A 1 27 ? -0.286  9.083   9.859   1.00 20.91 ? 30  GLU A CB    1 
ATOM   219  C CG    . GLU A 1 27 ? 0.206   9.538   11.214  1.00 23.80 ? 30  GLU A CG    1 
ATOM   220  C CD    . GLU A 1 27 ? 1.719   9.521   11.300  1.00 32.10 ? 30  GLU A CD    1 
ATOM   221  O OE1   . GLU A 1 27 ? 2.270   8.604   11.946  1.00 29.91 ? 30  GLU A OE1   1 
ATOM   222  O OE2   . GLU A 1 27 ? 2.357   10.419  10.711  1.00 38.12 ? 30  GLU A OE2   1 
ATOM   223  N N     . LEU A 1 28 ? -1.798  8.026   7.527   1.00 17.44 ? 31  LEU A N     1 
ATOM   224  C CA    . LEU A 1 28 ? -1.975  7.872   6.089   1.00 18.32 ? 31  LEU A CA    1 
ATOM   225  C C     . LEU A 1 28 ? -3.437  8.015   5.698   1.00 16.21 ? 31  LEU A C     1 
ATOM   226  O O     . LEU A 1 28 ? -3.764  8.688   4.724   1.00 21.32 ? 31  LEU A O     1 
ATOM   227  C CB    . LEU A 1 28 ? -1.461  6.506   5.640   1.00 14.23 ? 31  LEU A CB    1 
ATOM   228  C CG    . LEU A 1 28 ? -0.019  6.171   6.016   1.00 14.33 ? 31  LEU A CG    1 
ATOM   229  C CD1   . LEU A 1 28 ? 0.347   4.802   5.471   1.00 16.31 ? 31  LEU A CD1   1 
ATOM   230  C CD2   . LEU A 1 28 ? 0.933   7.233   5.494   1.00 11.20 ? 31  LEU A CD2   1 
ATOM   231  N N     . ALA A 1 29 ? -4.308  7.370   6.468   1.00 19.51 ? 32  ALA A N     1 
ATOM   232  C CA    . ALA A 1 29 ? -5.740  7.360   6.190   1.00 18.70 ? 32  ALA A CA    1 
ATOM   233  C C     . ALA A 1 29 ? -6.327  8.767   6.183   1.00 21.18 ? 32  ALA A C     1 
ATOM   234  O O     . ALA A 1 29 ? -7.137  9.109   5.321   1.00 25.19 ? 32  ALA A O     1 
ATOM   235  C CB    . ALA A 1 29 ? -6.460  6.491   7.206   1.00 13.62 ? 32  ALA A CB    1 
ATOM   236  N N     . LYS A 1 30 ? -5.908  9.582   7.144   1.00 18.86 ? 33  LYS A N     1 
ATOM   237  C CA    . LYS A 1 30 ? -6.413  10.943  7.272   1.00 27.91 ? 33  LYS A CA    1 
ATOM   238  C C     . LYS A 1 30 ? -5.868  11.836  6.161   1.00 26.12 ? 33  LYS A C     1 
ATOM   239  O O     . LYS A 1 30 ? -6.503  12.812  5.766   1.00 26.23 ? 33  LYS A O     1 
ATOM   240  C CB    . LYS A 1 30 ? -6.047  11.513  8.644   1.00 26.84 ? 33  LYS A CB    1 
ATOM   241  C CG    . LYS A 1 30 ? -6.700  12.845  8.970   1.00 36.72 ? 33  LYS A CG    1 
ATOM   242  C CD    . LYS A 1 30 ? -6.492  13.204  10.435  1.00 54.93 ? 33  LYS A CD    1 
ATOM   243  C CE    . LYS A 1 30 ? -5.803  14.549  10.586  1.00 56.25 ? 33  LYS A CE    1 
ATOM   244  N NZ    . LYS A 1 30 ? -5.517  14.861  12.014  1.00 59.34 ? 33  LYS A NZ    1 
ATOM   245  N N     . LYS A 1 31 ? -4.692  11.486  5.653   1.00 20.41 ? 34  LYS A N     1 
ATOM   246  C CA    . LYS A 1 31 ? -4.031  12.271  4.619   1.00 17.78 ? 34  LYS A CA    1 
ATOM   247  C C     . LYS A 1 31 ? -4.707  12.100  3.256   1.00 22.41 ? 34  LYS A C     1 
ATOM   248  O O     . LYS A 1 31 ? -4.583  12.957  2.383   1.00 29.36 ? 34  LYS A O     1 
ATOM   249  C CB    . LYS A 1 31 ? -2.557  11.869  4.523   1.00 22.58 ? 34  LYS A CB    1 
ATOM   250  C CG    . LYS A 1 31 ? -1.693  12.823  3.715   1.00 32.76 ? 34  LYS A CG    1 
ATOM   251  C CD    . LYS A 1 31 ? -0.320  12.225  3.433   1.00 32.38 ? 34  LYS A CD    1 
ATOM   252  C CE    . LYS A 1 31 ? 0.374   11.786  4.715   1.00 35.68 ? 34  LYS A CE    1 
ATOM   253  N NZ    . LYS A 1 31 ? 1.723   11.205  4.442   1.00 41.48 ? 34  LYS A NZ    1 
ATOM   254  N N     . ILE A 1 32 ? -5.427  10.996  3.077   1.00 24.78 ? 35  ILE A N     1 
ATOM   255  C CA    . ILE A 1 32 ? -6.028  10.684  1.781   1.00 20.18 ? 35  ILE A CA    1 
ATOM   256  C C     . ILE A 1 32 ? -7.542  10.471  1.841   1.00 21.11 ? 35  ILE A C     1 
ATOM   257  O O     . ILE A 1 32 ? -8.150  10.062  0.852   1.00 28.14 ? 35  ILE A O     1 
ATOM   258  C CB    . ILE A 1 32 ? -5.374  9.439   1.142   1.00 18.05 ? 35  ILE A CB    1 
ATOM   259  C CG1   . ILE A 1 32 ? -5.476  8.243   2.088   1.00 16.24 ? 35  ILE A CG1   1 
ATOM   260  C CG2   . ILE A 1 32 ? -3.920  9.717   0.790   1.00 16.29 ? 35  ILE A CG2   1 
ATOM   261  C CD1   . ILE A 1 32 ? -4.813  6.993   1.563   1.00 15.31 ? 35  ILE A CD1   1 
ATOM   262  N N     . GLY A 1 33 ? -8.143  10.747  2.993   1.00 24.84 ? 36  GLY A N     1 
ATOM   263  C CA    . GLY A 1 33 ? -9.584  10.628  3.144   1.00 18.52 ? 36  GLY A CA    1 
ATOM   264  C C     . GLY A 1 33 ? -10.087 9.200   3.044   1.00 23.64 ? 36  GLY A C     1 
ATOM   265  O O     . GLY A 1 33 ? -11.116 8.930   2.425   1.00 32.36 ? 36  GLY A O     1 
ATOM   266  N N     . ILE A 1 34 ? -9.355  8.284   3.669   1.00 29.18 ? 37  ILE A N     1 
ATOM   267  C CA    . ILE A 1 34 ? -9.689  6.867   3.657   1.00 22.88 ? 37  ILE A CA    1 
ATOM   268  C C     . ILE A 1 34 ? -9.845  6.412   5.107   1.00 21.04 ? 37  ILE A C     1 
ATOM   269  O O     . ILE A 1 34 ? -9.283  7.029   6.009   1.00 24.93 ? 37  ILE A O     1 
ATOM   270  C CB    . ILE A 1 34 ? -8.576  6.066   2.933   1.00 30.96 ? 37  ILE A CB    1 
ATOM   271  C CG1   . ILE A 1 34 ? -8.495  6.490   1.467   1.00 33.18 ? 37  ILE A CG1   1 
ATOM   272  C CG2   . ILE A 1 34 ? -8.807  4.569   3.009   1.00 27.88 ? 37  ILE A CG2   1 
ATOM   273  C CD1   . ILE A 1 34 ? -9.721  6.131   0.672   1.00 25.69 ? 37  ILE A CD1   1 
ATOM   274  N N     . LYS A 1 35 ? -10.634 5.365   5.340   1.00 20.70 ? 38  LYS A N     1 
ATOM   275  C CA    . LYS A 1 35 ? -10.741 4.777   6.670   1.00 17.90 ? 38  LYS A CA    1 
ATOM   276  C C     . LYS A 1 35 ? -9.457  4.050   7.054   1.00 18.65 ? 38  LYS A C     1 
ATOM   277  O O     . LYS A 1 35 ? -8.785  3.468   6.204   1.00 14.99 ? 38  LYS A O     1 
ATOM   278  C CB    . LYS A 1 35 ? -11.915 3.801   6.739   1.00 17.49 ? 38  LYS A CB    1 
ATOM   279  C CG    . LYS A 1 35 ? -13.278 4.456   6.786   1.00 17.38 ? 38  LYS A CG    1 
ATOM   280  C CD    . LYS A 1 35 ? -14.358 3.421   7.043   1.00 21.62 ? 38  LYS A CD    1 
ATOM   281  C CE    . LYS A 1 35 ? -14.112 2.685   8.350   1.00 25.62 ? 38  LYS A CE    1 
ATOM   282  N NZ    . LYS A 1 35 ? -15.179 1.690   8.639   1.00 23.29 ? 38  LYS A NZ    1 
ATOM   283  N N     . GLN A 1 36 ? -9.127  4.083   8.341   1.00 18.70 ? 39  GLN A N     1 
ATOM   284  C CA    . GLN A 1 36 ? -7.992  3.335   8.864   1.00 14.26 ? 39  GLN A CA    1 
ATOM   285  C C     . GLN A 1 36 ? -8.216  1.835   8.684   1.00 13.98 ? 39  GLN A C     1 
ATOM   286  O O     . GLN A 1 36 ? -7.279  1.085   8.422   1.00 13.10 ? 39  GLN A O     1 
ATOM   287  C CB    . GLN A 1 36 ? -7.766  3.678   10.341  1.00 18.19 ? 39  GLN A CB    1 
ATOM   288  C CG    . GLN A 1 36 ? -6.737  2.805   11.049  1.00 13.31 ? 39  GLN A CG    1 
ATOM   289  C CD    . GLN A 1 36 ? -7.358  1.591   11.714  1.00 13.97 ? 39  GLN A CD    1 
ATOM   290  O OE1   . GLN A 1 36 ? -8.440  1.671   12.287  1.00 16.21 ? 39  GLN A OE1   1 
ATOM   291  N NE2   . GLN A 1 36 ? -6.682  0.457   11.624  1.00 12.28 ? 39  GLN A NE2   1 
ATOM   292  N N     . ALA A 1 37 ? -9.469  1.411   8.815   1.00 11.43 ? 40  ALA A N     1 
ATOM   293  C CA    . ALA A 1 37 ? -9.831  0.006   8.664   1.00 12.59 ? 40  ALA A CA    1 
ATOM   294  C C     . ALA A 1 37 ? -9.534  -0.496  7.257   1.00 16.21 ? 40  ALA A C     1 
ATOM   295  O O     . ALA A 1 37 ? -9.185  -1.661  7.064   1.00 16.30 ? 40  ALA A O     1 
ATOM   296  C CB    . ALA A 1 37 ? -11.303 -0.196  8.999   1.00 15.36 ? 40  ALA A CB    1 
ATOM   297  N N     . THR A 1 38 ? -9.669  0.392   6.278   1.00 16.80 ? 41  THR A N     1 
ATOM   298  C CA    . THR A 1 38 ? -9.410  0.050   4.886   1.00 16.25 ? 41  THR A CA    1 
ATOM   299  C C     . THR A 1 38 ? -7.929  -0.256  4.668   1.00 12.70 ? 41  THR A C     1 
ATOM   300  O O     . THR A 1 38 ? -7.574  -1.160  3.911   1.00 11.72 ? 41  THR A O     1 
ATOM   301  C CB    . THR A 1 38 ? -9.861  1.180   3.942   1.00 18.02 ? 41  THR A CB    1 
ATOM   302  O OG1   . THR A 1 38 ? -11.249 1.462   4.165   1.00 16.77 ? 41  THR A OG1   1 
ATOM   303  C CG2   . THR A 1 38 ? -9.661  0.782   2.486   1.00 18.67 ? 41  THR A CG2   1 
ATOM   304  N N     . ILE A 1 39 ? -7.063  0.496   5.342   1.00 11.72 ? 42  ILE A N     1 
ATOM   305  C CA    . ILE A 1 39 ? -5.625  0.278   5.236   1.00 11.89 ? 42  ILE A CA    1 
ATOM   306  C C     . ILE A 1 39 ? -5.217  -1.019  5.931   1.00 13.03 ? 42  ILE A C     1 
ATOM   307  O O     . ILE A 1 39 ? -4.409  -1.787  5.404   1.00 14.62 ? 42  ILE A O     1 
ATOM   308  C CB    . ILE A 1 39 ? -4.825  1.473   5.797   1.00 14.08 ? 42  ILE A CB    1 
ATOM   309  C CG1   . ILE A 1 39 ? -5.081  2.718   4.945   1.00 10.80 ? 42  ILE A CG1   1 
ATOM   310  C CG2   . ILE A 1 39 ? -3.336  1.156   5.836   1.00 12.96 ? 42  ILE A CG2   1 
ATOM   311  C CD1   . ILE A 1 39 ? -4.169  3.883   5.262   1.00 13.41 ? 42  ILE A CD1   1 
ATOM   312  N N     . SER A 1 40 ? -5.795  -1.265  7.103   1.00 13.16 ? 43  SER A N     1 
ATOM   313  C CA    . SER A 1 40 ? -5.552  -2.501  7.839   1.00 11.93 ? 43  SER A CA    1 
ATOM   314  C C     . SER A 1 40 ? -5.950  -3.713  7.007   1.00 12.61 ? 43  SER A C     1 
ATOM   315  O O     . SER A 1 40 ? -5.224  -4.706  6.950   1.00 12.22 ? 43  SER A O     1 
ATOM   316  C CB    . SER A 1 40 ? -6.335  -2.505  9.152   1.00 13.51 ? 43  SER A CB    1 
ATOM   317  O OG    . SER A 1 40 ? -6.212  -3.756  9.808   1.00 9.48  ? 43  SER A OG    1 
ATOM   318  N N     . ASN A 1 41 ? -7.108  -3.623  6.363   1.00 11.48 ? 44  ASN A N     1 
ATOM   319  C CA    . ASN A 1 41 ? -7.594  -4.709  5.525   1.00 13.32 ? 44  ASN A CA    1 
ATOM   320  C C     . ASN A 1 41 ? -6.739  -4.894  4.274   1.00 13.95 ? 44  ASN A C     1 
ATOM   321  O O     . ASN A 1 41 ? -6.567  -6.010  3.795   1.00 11.39 ? 44  ASN A O     1 
ATOM   322  C CB    . ASN A 1 41 ? -9.068  -4.500  5.164   1.00 17.49 ? 44  ASN A CB    1 
ATOM   323  C CG    . ASN A 1 41 ? -9.985  -4.606  6.375   1.00 34.39 ? 44  ASN A CG    1 
ATOM   324  O OD1   . ASN A 1 41 ? -9.687  -5.324  7.332   1.00 34.76 ? 44  ASN A OD1   1 
ATOM   325  N ND2   . ASN A 1 41 ? -11.104 -3.889  6.337   1.00 32.74 ? 44  ASN A ND2   1 
ATOM   326  N N     . PHE A 1 42 ? -6.194  -3.799  3.756   1.00 12.12 ? 45  PHE A N     1 
ATOM   327  C CA    . PHE A 1 42 ? -5.294  -3.879  2.612   1.00 12.60 ? 45  PHE A CA    1 
ATOM   328  C C     . PHE A 1 42 ? -3.996  -4.590  2.980   1.00 12.71 ? 45  PHE A C     1 
ATOM   329  O O     . PHE A 1 42 ? -3.503  -5.429  2.229   1.00 13.61 ? 45  PHE A O     1 
ATOM   330  C CB    . PHE A 1 42 ? -4.986  -2.487  2.052   1.00 9.45  ? 45  PHE A CB    1 
ATOM   331  C CG    . PHE A 1 42 ? -3.756  -2.443  1.191   1.00 10.32 ? 45  PHE A CG    1 
ATOM   332  C CD1   . PHE A 1 42 ? -3.774  -2.967  -0.091  1.00 12.09 ? 45  PHE A CD1   1 
ATOM   333  C CD2   . PHE A 1 42 ? -2.583  -1.879  1.664   1.00 10.91 ? 45  PHE A CD2   1 
ATOM   334  C CE1   . PHE A 1 42 ? -2.642  -2.930  -0.887  1.00 10.74 ? 45  PHE A CE1   1 
ATOM   335  C CE2   . PHE A 1 42 ? -1.448  -1.839  0.876   1.00 9.30  ? 45  PHE A CE2   1 
ATOM   336  C CZ    . PHE A 1 42 ? -1.477  -2.363  -0.402  1.00 10.06 ? 45  PHE A CZ    1 
ATOM   337  N N     . GLU A 1 43 ? -3.441  -4.248  4.138   1.00 11.50 ? 46  GLU A N     1 
ATOM   338  C CA    . GLU A 1 43 ? -2.167  -4.819  4.557   1.00 11.17 ? 46  GLU A CA    1 
ATOM   339  C C     . GLU A 1 43 ? -2.270  -6.307  4.891   1.00 13.35 ? 46  GLU A C     1 
ATOM   340  O O     . GLU A 1 43 ? -1.296  -7.046  4.754   1.00 16.77 ? 46  GLU A O     1 
ATOM   341  C CB    . GLU A 1 43 ? -1.588  -4.043  5.743   1.00 10.20 ? 46  GLU A CB    1 
ATOM   342  C CG    . GLU A 1 43 ? -1.145  -2.629  5.394   1.00 12.14 ? 46  GLU A CG    1 
ATOM   343  C CD    . GLU A 1 43 ? -0.396  -1.949  6.527   1.00 17.07 ? 46  GLU A CD    1 
ATOM   344  O OE1   . GLU A 1 43 ? -0.454  -2.450  7.670   1.00 20.54 ? 46  GLU A OE1   1 
ATOM   345  O OE2   . GLU A 1 43 ? 0.256   -0.914  6.272   1.00 14.88 ? 46  GLU A OE2   1 
ATOM   346  N N     . ASN A 1 44 ? -3.448  -6.744  5.324   1.00 13.14 ? 47  ASN A N     1 
ATOM   347  C CA    . ASN A 1 44 ? -3.624  -8.126  5.763   1.00 11.88 ? 47  ASN A CA    1 
ATOM   348  C C     . ASN A 1 44 ? -4.466  -8.975  4.821   1.00 12.95 ? 47  ASN A C     1 
ATOM   349  O O     . ASN A 1 44 ? -4.428  -10.202 4.885   1.00 20.00 ? 47  ASN A O     1 
ATOM   350  C CB    . ASN A 1 44 ? -4.225  -8.167  7.169   1.00 13.53 ? 47  ASN A CB    1 
ATOM   351  C CG    . ASN A 1 44 ? -3.325  -7.525  8.200   1.00 17.03 ? 47  ASN A CG    1 
ATOM   352  O OD1   . ASN A 1 44 ? -2.337  -8.117  8.629   1.00 21.64 ? 47  ASN A OD1   1 
ATOM   353  N ND2   . ASN A 1 44 ? -3.659  -6.305  8.599   1.00 23.24 ? 47  ASN A ND2   1 
ATOM   354  N N     . ASN A 1 45 ? -5.224  -8.321  3.952   1.00 12.62 ? 48  ASN A N     1 
ATOM   355  C CA    . ASN A 1 45 ? -6.127  -9.027  3.051   1.00 14.63 ? 48  ASN A CA    1 
ATOM   356  C C     . ASN A 1 45 ? -6.287  -8.273  1.728   1.00 15.74 ? 48  ASN A C     1 
ATOM   357  O O     . ASN A 1 45 ? -7.377  -7.800  1.407   1.00 15.33 ? 48  ASN A O     1 
ATOM   358  C CB    . ASN A 1 45 ? -7.477  -9.212  3.748   1.00 16.21 ? 48  ASN A CB    1 
ATOM   359  C CG    . ASN A 1 45 ? -8.370  -10.208 3.042   1.00 28.48 ? 48  ASN A CG    1 
ATOM   360  O OD1   . ASN A 1 45 ? -9.533  -9.917  2.752   1.00 32.89 ? 48  ASN A OD1   1 
ATOM   361  N ND2   . ASN A 1 45 ? -7.834  -11.392 2.763   1.00 25.42 ? 48  ASN A ND2   1 
ATOM   362  N N     . PRO A 1 46 ? -5.194  -8.170  0.951   1.00 14.59 ? 49  PRO A N     1 
ATOM   363  C CA    . PRO A 1 46 ? -5.117  -7.296  -0.226  1.00 11.96 ? 49  PRO A CA    1 
ATOM   364  C C     . PRO A 1 46 ? -5.732  -7.859  -1.506  1.00 16.37 ? 49  PRO A C     1 
ATOM   365  O O     . PRO A 1 46 ? -5.896  -7.096  -2.458  1.00 19.96 ? 49  PRO A O     1 
ATOM   366  C CB    . PRO A 1 46 ? -3.610  -7.142  -0.425  1.00 10.89 ? 49  PRO A CB    1 
ATOM   367  C CG    . PRO A 1 46 ? -3.058  -8.441  0.029   1.00 10.93 ? 49  PRO A CG    1 
ATOM   368  C CD    . PRO A 1 46 ? -3.923  -8.881  1.181   1.00 14.63 ? 49  PRO A CD    1 
ATOM   369  N N     . ASP A 1 47 ? -6.056  -9.148  -1.535  1.00 15.42 ? 50  ASP A N     1 
ATOM   370  C CA    . ASP A 1 47 ? -6.504  -9.801  -2.770  1.00 16.24 ? 50  ASP A CA    1 
ATOM   371  C C     . ASP A 1 47 ? -7.682  -9.114  -3.463  1.00 16.46 ? 50  ASP A C     1 
ATOM   372  O O     . ASP A 1 47 ? -7.702  -8.998  -4.689  1.00 17.97 ? 50  ASP A O     1 
ATOM   373  C CB    . ASP A 1 47 ? -6.824  -11.280 -2.530  1.00 13.22 ? 50  ASP A CB    1 
ATOM   374  C CG    . ASP A 1 47 ? -5.576  -12.138 -2.420  1.00 20.86 ? 50  ASP A CG    1 
ATOM   375  O OD1   . ASP A 1 47 ? -4.485  -11.659 -2.797  1.00 19.23 ? 50  ASP A OD1   1 
ATOM   376  O OD2   . ASP A 1 47 ? -5.688  -13.294 -1.966  1.00 32.43 ? 50  ASP A OD2   1 
ATOM   377  N N     . ASN A 1 48 ? -8.653  -8.653  -2.683  1.00 15.36 ? 51  ASN A N     1 
ATOM   378  C CA    . ASN A 1 48 ? -9.852  -8.044  -3.250  1.00 16.09 ? 51  ASN A CA    1 
ATOM   379  C C     . ASN A 1 48 ? -9.904  -6.523  -3.095  1.00 15.98 ? 51  ASN A C     1 
ATOM   380  O O     . ASN A 1 48 ? -10.918 -5.892  -3.385  1.00 17.42 ? 51  ASN A O     1 
ATOM   381  C CB    . ASN A 1 48 ? -11.103 -8.694  -2.661  1.00 16.42 ? 51  ASN A CB    1 
ATOM   382  C CG    . ASN A 1 48 ? -11.212 -10.164 -3.011  1.00 20.40 ? 51  ASN A CG    1 
ATOM   383  O OD1   . ASN A 1 48 ? -10.885 -10.572 -4.126  1.00 23.21 ? 51  ASN A OD1   1 
ATOM   384  N ND2   . ASN A 1 48 ? -11.667 -10.970 -2.059  1.00 19.84 ? 51  ASN A ND2   1 
ATOM   385  N N     . THR A 1 49 ? -8.798  -5.943  -2.640  1.00 16.71 ? 52  THR A N     1 
ATOM   386  C CA    . THR A 1 49 ? -8.674  -4.494  -2.530  1.00 14.93 ? 52  THR A CA    1 
ATOM   387  C C     . THR A 1 49 ? -8.726  -3.847  -3.916  1.00 11.57 ? 52  THR A C     1 
ATOM   388  O O     . THR A 1 49 ? -8.122  -4.347  -4.863  1.00 18.06 ? 52  THR A O     1 
ATOM   389  C CB    . THR A 1 49 ? -7.360  -4.112  -1.824  1.00 15.12 ? 52  THR A CB    1 
ATOM   390  O OG1   . THR A 1 49 ? -7.395  -4.580  -0.470  1.00 18.03 ? 52  THR A OG1   1 
ATOM   391  C CG2   . THR A 1 49 ? -7.153  -2.606  -1.823  1.00 17.61 ? 52  THR A CG2   1 
ATOM   392  N N     . THR A 1 50 ? -9.463  -2.746  -4.032  1.00 10.78 ? 53  THR A N     1 
ATOM   393  C CA    . THR A 1 50 ? -9.599  -2.042  -5.303  1.00 13.74 ? 53  THR A CA    1 
ATOM   394  C C     . THR A 1 50 ? -8.323  -1.284  -5.665  1.00 15.18 ? 53  THR A C     1 
ATOM   395  O O     . THR A 1 50 ? -7.514  -0.960  -4.794  1.00 13.94 ? 53  THR A O     1 
ATOM   396  C CB    . THR A 1 50 ? -10.769 -1.040  -5.267  1.00 11.60 ? 53  THR A CB    1 
ATOM   397  O OG1   . THR A 1 50 ? -10.512 -0.040  -4.274  1.00 14.50 ? 53  THR A OG1   1 
ATOM   398  C CG2   . THR A 1 50 ? -12.073 -1.748  -4.940  1.00 12.17 ? 53  THR A CG2   1 
ATOM   399  N N     . LEU A 1 51 ? -8.154  -1.000  -6.952  1.00 15.27 ? 54  LEU A N     1 
ATOM   400  C CA    . LEU A 1 51 ? -6.992  -0.261  -7.435  1.00 12.34 ? 54  LEU A CA    1 
ATOM   401  C C     . LEU A 1 51 ? -6.979  1.172   -6.915  1.00 10.90 ? 54  LEU A C     1 
ATOM   402  O O     . LEU A 1 51 ? -5.915  1.752   -6.707  1.00 11.18 ? 54  LEU A O     1 
ATOM   403  C CB    . LEU A 1 51 ? -6.952  -0.258  -8.964  1.00 12.31 ? 54  LEU A CB    1 
ATOM   404  C CG    . LEU A 1 51 ? -6.650  -1.590  -9.652  1.00 9.94  ? 54  LEU A CG    1 
ATOM   405  C CD1   . LEU A 1 51 ? -6.695  -1.436  -11.164 1.00 10.32 ? 54  LEU A CD1   1 
ATOM   406  C CD2   . LEU A 1 51 ? -5.297  -2.120  -9.210  1.00 9.69  ? 54  LEU A CD2   1 
ATOM   407  N N     . THR A 1 52 ? -8.164  1.738   -6.716  1.00 10.87 ? 55  THR A N     1 
ATOM   408  C CA    . THR A 1 52 ? -8.291  3.095   -6.191  1.00 13.35 ? 55  THR A CA    1 
ATOM   409  C C     . THR A 1 52 ? -7.673  3.211   -4.802  1.00 12.32 ? 55  THR A C     1 
ATOM   410  O O     . THR A 1 52 ? -6.892  4.125   -4.535  1.00 17.77 ? 55  THR A O     1 
ATOM   411  C CB    . THR A 1 52 ? -9.763  3.535   -6.121  1.00 15.54 ? 55  THR A CB    1 
ATOM   412  O OG1   . THR A 1 52 ? -10.289 3.654   -7.447  1.00 21.49 ? 55  THR A OG1   1 
ATOM   413  C CG2   . THR A 1 52 ? -9.887  4.875   -5.416  1.00 15.61 ? 55  THR A CG2   1 
ATOM   414  N N     . THR A 1 53 ? -8.030  2.279   -3.922  1.00 12.37 ? 56  THR A N     1 
ATOM   415  C CA    . THR A 1 53 ? -7.474  2.236   -2.576  1.00 10.54 ? 56  THR A CA    1 
ATOM   416  C C     . THR A 1 53 ? -5.960  2.103   -2.638  1.00 11.54 ? 56  THR A C     1 
ATOM   417  O O     . THR A 1 53 ? -5.233  2.800   -1.930  1.00 13.76 ? 56  THR A O     1 
ATOM   418  C CB    . THR A 1 53 ? -8.040  1.054   -1.776  1.00 14.35 ? 56  THR A CB    1 
ATOM   419  O OG1   . THR A 1 53 ? -9.446  1.240   -1.577  1.00 15.91 ? 56  THR A OG1   1 
ATOM   420  C CG2   . THR A 1 53 ? -7.348  0.940   -0.425  1.00 13.57 ? 56  THR A CG2   1 
ATOM   421  N N     . PHE A 1 54 ? -5.497  1.208   -3.504  1.00 11.56 ? 57  PHE A N     1 
ATOM   422  C CA    . PHE A 1 54 ? -4.072  0.964   -3.691  1.00 8.59  ? 57  PHE A CA    1 
ATOM   423  C C     . PHE A 1 54 ? -3.307  2.232   -4.065  1.00 10.89 ? 57  PHE A C     1 
ATOM   424  O O     . PHE A 1 54 ? -2.277  2.538   -3.463  1.00 12.05 ? 57  PHE A O     1 
ATOM   425  C CB    . PHE A 1 54 ? -3.863  -0.127  -4.747  1.00 8.99  ? 57  PHE A CB    1 
ATOM   426  C CG    . PHE A 1 54 ? -2.487  -0.140  -5.352  1.00 9.31  ? 57  PHE A CG    1 
ATOM   427  C CD1   . PHE A 1 54 ? -1.365  -0.328  -4.560  1.00 8.04  ? 57  PHE A CD1   1 
ATOM   428  C CD2   . PHE A 1 54 ? -2.322  0.008   -6.722  1.00 11.43 ? 57  PHE A CD2   1 
ATOM   429  C CE1   . PHE A 1 54 ? -0.102  -0.346  -5.117  1.00 9.58  ? 57  PHE A CE1   1 
ATOM   430  C CE2   . PHE A 1 54 ? -1.063  -0.012  -7.288  1.00 13.53 ? 57  PHE A CE2   1 
ATOM   431  C CZ    . PHE A 1 54 ? 0.052   -0.189  -6.483  1.00 11.05 ? 57  PHE A CZ    1 
ATOM   432  N N     . PHE A 1 55 ? -3.815  2.974   -5.044  1.00 10.11 ? 58  PHE A N     1 
ATOM   433  C CA    . PHE A 1 55 ? -3.134  4.180   -5.505  1.00 9.18  ? 58  PHE A CA    1 
ATOM   434  C C     . PHE A 1 55 ? -3.224  5.342   -4.517  1.00 12.55 ? 58  PHE A C     1 
ATOM   435  O O     . PHE A 1 55 ? -2.356  6.213   -4.500  1.00 13.12 ? 58  PHE A O     1 
ATOM   436  C CB    . PHE A 1 55 ? -3.632  4.598   -6.890  1.00 8.35  ? 58  PHE A CB    1 
ATOM   437  C CG    . PHE A 1 55 ? -2.968  3.855   -8.015  1.00 7.29  ? 58  PHE A CG    1 
ATOM   438  C CD1   . PHE A 1 55 ? -1.713  4.226   -8.463  1.00 6.53  ? 58  PHE A CD1   1 
ATOM   439  C CD2   . PHE A 1 55 ? -3.593  2.780   -8.619  1.00 7.09  ? 58  PHE A CD2   1 
ATOM   440  C CE1   . PHE A 1 55 ? -1.099  3.541   -9.493  1.00 7.08  ? 58  PHE A CE1   1 
ATOM   441  C CE2   . PHE A 1 55 ? -2.980  2.093   -9.649  1.00 8.73  ? 58  PHE A CE2   1 
ATOM   442  C CZ    . PHE A 1 55 ? -1.732  2.475   -10.085 1.00 7.10  ? 58  PHE A CZ    1 
ATOM   443  N N     . LYS A 1 56 ? -4.268  5.354   -3.694  1.00 10.91 ? 59  LYS A N     1 
ATOM   444  C CA    . LYS A 1 56 ? -4.380  6.368   -2.653  1.00 13.00 ? 59  LYS A CA    1 
ATOM   445  C C     . LYS A 1 56 ? -3.370  6.110   -1.541  1.00 13.90 ? 59  LYS A C     1 
ATOM   446  O O     . LYS A 1 56 ? -2.744  7.038   -1.029  1.00 14.96 ? 59  LYS A O     1 
ATOM   447  C CB    . LYS A 1 56 ? -5.797  6.418   -2.084  1.00 13.68 ? 59  LYS A CB    1 
ATOM   448  C CG    . LYS A 1 56 ? -6.811  7.048   -3.019  1.00 16.58 ? 59  LYS A CG    1 
ATOM   449  C CD    . LYS A 1 56 ? -8.188  7.055   -2.390  1.00 21.27 ? 59  LYS A CD    1 
ATOM   450  C CE    . LYS A 1 56 ? -9.195  7.784   -3.255  1.00 20.88 ? 59  LYS A CE    1 
ATOM   451  N NZ    . LYS A 1 56 ? -10.560 7.722   -2.666  1.00 23.63 ? 59  LYS A NZ    1 
ATOM   452  N N     . ILE A 1 57 ? -3.214  4.843   -1.172  1.00 14.15 ? 60  ILE A N     1 
ATOM   453  C CA    . ILE A 1 57 ? -2.231  4.466   -0.166  1.00 12.21 ? 60  ILE A CA    1 
ATOM   454  C C     . ILE A 1 57 ? -0.820  4.705   -0.703  1.00 11.04 ? 60  ILE A C     1 
ATOM   455  O O     . ILE A 1 57 ? 0.076   5.099   0.045   1.00 13.62 ? 60  ILE A O     1 
ATOM   456  C CB    . ILE A 1 57 ? -2.408  2.999   0.284   1.00 11.81 ? 60  ILE A CB    1 
ATOM   457  C CG1   . ILE A 1 57 ? -3.797  2.800   0.895   1.00 8.50  ? 60  ILE A CG1   1 
ATOM   458  C CG2   . ILE A 1 57 ? -1.344  2.610   1.298   1.00 12.78 ? 60  ILE A CG2   1 
ATOM   459  C CD1   . ILE A 1 57 ? -4.071  1.387   1.347   1.00 9.61  ? 60  ILE A CD1   1 
ATOM   460  N N     . LEU A 1 58 ? -0.639  4.489   -2.004  1.00 12.04 ? 61  LEU A N     1 
ATOM   461  C CA    . LEU A 1 58 ? 0.629   4.790   -2.668  1.00 10.51 ? 61  LEU A CA    1 
ATOM   462  C C     . LEU A 1 58 ? 1.019   6.248   -2.477  1.00 12.65 ? 61  LEU A C     1 
ATOM   463  O O     . LEU A 1 58 ? 2.172   6.554   -2.175  1.00 13.98 ? 61  LEU A O     1 
ATOM   464  C CB    . LEU A 1 58 ? 0.550   4.490   -4.166  1.00 13.42 ? 61  LEU A CB    1 
ATOM   465  C CG    . LEU A 1 58 ? 1.071   3.142   -4.663  1.00 14.42 ? 61  LEU A CG    1 
ATOM   466  C CD1   . LEU A 1 58 ? 1.153   3.142   -6.182  1.00 11.42 ? 61  LEU A CD1   1 
ATOM   467  C CD2   . LEU A 1 58 ? 2.420   2.814   -4.043  1.00 9.13  ? 61  LEU A CD2   1 
ATOM   468  N N     . GLN A 1 59 ? 0.053   7.144   -2.656  1.00 10.70 ? 62  GLN A N     1 
ATOM   469  C CA    . GLN A 1 59 ? 0.307   8.572   -2.526  1.00 13.98 ? 62  GLN A CA    1 
ATOM   470  C C     . GLN A 1 59 ? 0.674   8.945   -1.095  1.00 13.87 ? 62  GLN A C     1 
ATOM   471  O O     . GLN A 1 59 ? 1.578   9.749   -0.870  1.00 17.42 ? 62  GLN A O     1 
ATOM   472  C CB    . GLN A 1 59 ? -0.908  9.385   -2.966  1.00 13.50 ? 62  GLN A CB    1 
ATOM   473  C CG    . GLN A 1 59 ? -0.630  10.879  -3.028  1.00 17.99 ? 62  GLN A CG    1 
ATOM   474  C CD    . GLN A 1 59 ? -1.862  11.711  -2.763  1.00 18.06 ? 62  GLN A CD    1 
ATOM   475  O OE1   . GLN A 1 59 ? -2.887  11.200  -2.312  1.00 21.75 ? 62  GLN A OE1   1 
ATOM   476  N NE2   . GLN A 1 59 ? -1.772  13.003  -3.035  1.00 19.68 ? 62  GLN A NE2   1 
ATOM   477  N N     . SER A 1 60 ? -0.032  8.357   -0.134  1.00 11.37 ? 63  SER A N     1 
ATOM   478  C CA    . SER A 1 60 ? 0.208   8.646   1.276   1.00 15.89 ? 63  SER A CA    1 
ATOM   479  C C     . SER A 1 60 ? 1.608   8.212   1.690   1.00 14.70 ? 63  SER A C     1 
ATOM   480  O O     . SER A 1 60 ? 2.216   8.810   2.577   1.00 17.88 ? 63  SER A O     1 
ATOM   481  C CB    . SER A 1 60 ? -0.836  7.954   2.156   1.00 15.13 ? 63  SER A CB    1 
ATOM   482  O OG    . SER A 1 60 ? -0.648  6.548   2.171   1.00 13.74 ? 63  SER A OG    1 
ATOM   483  N N     . LEU A 1 61 ? 2.117   7.173   1.037   1.00 14.05 ? 64  LEU A N     1 
ATOM   484  C CA    . LEU A 1 61 ? 3.457   6.672   1.315   1.00 12.42 ? 64  LEU A CA    1 
ATOM   485  C C     . LEU A 1 61 ? 4.497   7.421   0.491   1.00 16.07 ? 64  LEU A C     1 
ATOM   486  O O     . LEU A 1 61 ? 5.684   7.089   0.529   1.00 14.50 ? 64  LEU A O     1 
ATOM   487  C CB    . LEU A 1 61 ? 3.538   5.175   1.016   1.00 12.72 ? 64  LEU A CB    1 
ATOM   488  C CG    . LEU A 1 61 ? 2.712   4.253   1.913   1.00 12.65 ? 64  LEU A CG    1 
ATOM   489  C CD1   . LEU A 1 61 ? 2.745   2.826   1.389   1.00 12.71 ? 64  LEU A CD1   1 
ATOM   490  C CD2   . LEU A 1 61 ? 3.232   4.307   3.337   1.00 11.80 ? 64  LEU A CD2   1 
ATOM   491  N N     . GLU A 1 62 ? 4.036   8.429   -0.249  1.00 15.29 ? 65  GLU A N     1 
ATOM   492  C CA    . GLU A 1 62 ? 4.892   9.217   -1.131  1.00 17.98 ? 65  GLU A CA    1 
ATOM   493  C C     . GLU A 1 62 ? 5.593   8.314   -2.143  1.00 20.27 ? 65  GLU A C     1 
ATOM   494  O O     . GLU A 1 62 ? 6.753   8.530   -2.500  1.00 16.76 ? 65  GLU A O     1 
ATOM   495  C CB    . GLU A 1 62 ? 5.900   10.038  -0.322  1.00 19.35 ? 65  GLU A CB    1 
ATOM   496  C CG    . GLU A 1 62 ? 5.251   10.962  0.704   1.00 27.08 ? 65  GLU A CG    1 
ATOM   497  C CD    . GLU A 1 62 ? 6.265   11.661  1.587   1.00 40.70 ? 65  GLU A CD    1 
ATOM   498  O OE1   . GLU A 1 62 ? 7.476   11.402  1.423   1.00 44.75 ? 65  GLU A OE1   1 
ATOM   499  O OE2   . GLU A 1 62 ? 5.854   12.463  2.452   1.00 46.72 ? 65  GLU A OE2   1 
ATOM   500  N N     . LEU A 1 63 ? 4.865   7.298   -2.598  1.00 15.91 ? 66  LEU A N     1 
ATOM   501  C CA    . LEU A 1 63 ? 5.384   6.335   -3.557  1.00 12.77 ? 66  LEU A CA    1 
ATOM   502  C C     . LEU A 1 63 ? 4.658   6.424   -4.891  1.00 16.34 ? 66  LEU A C     1 
ATOM   503  O O     . LEU A 1 63 ? 3.602   7.049   -5.005  1.00 12.34 ? 66  LEU A O     1 
ATOM   504  C CB    . LEU A 1 63 ? 5.236   4.910   -3.017  1.00 10.45 ? 66  LEU A CB    1 
ATOM   505  C CG    . LEU A 1 63 ? 6.037   4.490   -1.786  1.00 12.96 ? 66  LEU A CG    1 
ATOM   506  C CD1   . LEU A 1 63 ? 5.689   3.060   -1.411  1.00 8.40  ? 66  LEU A CD1   1 
ATOM   507  C CD2   . LEU A 1 63 ? 7.525   4.634   -2.042  1.00 13.62 ? 66  LEU A CD2   1 
ATOM   508  N N     . SER A 1 64 ? 5.242   5.785   -5.896  1.00 15.84 ? 67  SER A N     1 
ATOM   509  C CA    . SER A 1 64 ? 4.602   5.598   -7.186  1.00 12.72 ? 67  SER A CA    1 
ATOM   510  C C     . SER A 1 64 ? 4.895   4.170   -7.625  1.00 12.96 ? 67  SER A C     1 
ATOM   511  O O     . SER A 1 64 ? 5.449   3.383   -6.856  1.00 15.20 ? 67  SER A O     1 
ATOM   512  C CB    . SER A 1 64 ? 5.146   6.596   -8.208  1.00 15.31 ? 67  SER A CB    1 
ATOM   513  O OG    . SER A 1 64 ? 4.442   6.513   -9.435  1.00 19.18 ? 67  SER A OG    1 
ATOM   514  N N     . MET A 1 65 ? 4.524   3.828   -8.853  1.00 10.57 ? 68  MET A N     1 
ATOM   515  C CA    . MET A 1 65 ? 4.804   2.496   -9.375  1.00 13.78 ? 68  MET A CA    1 
ATOM   516  C C     . MET A 1 65 ? 5.096   2.540   -10.866 1.00 12.95 ? 68  MET A C     1 
ATOM   517  O O     . MET A 1 65 ? 4.658   3.451   -11.568 1.00 13.10 ? 68  MET A O     1 
ATOM   518  C CB    . MET A 1 65 ? 3.631   1.549   -9.110  1.00 11.75 ? 68  MET A CB    1 
ATOM   519  C CG    . MET A 1 65 ? 2.361   1.918   -9.859  1.00 11.58 ? 68  MET A CG    1 
ATOM   520  S SD    . MET A 1 65 ? 1.513   0.485   -10.551 1.00 18.18 ? 68  MET A SD    1 
ATOM   521  C CE    . MET A 1 65 ? 2.675   -0.024  -11.816 1.00 15.47 ? 68  MET A CE    1 
ATOM   522  N N     . THR A 1 66 ? 5.845   1.549   -11.338 1.00 13.50 ? 69  THR A N     1 
ATOM   523  C CA    . THR A 1 66 ? 6.122   1.395   -12.760 1.00 14.21 ? 69  THR A CA    1 
ATOM   524  C C     . THR A 1 66 ? 5.944   -0.062  -13.153 1.00 12.75 ? 69  THR A C     1 
ATOM   525  O O     . THR A 1 66 ? 6.056   -0.957  -12.316 1.00 13.30 ? 69  THR A O     1 
ATOM   526  C CB    . THR A 1 66 ? 7.562   1.817   -13.119 1.00 15.69 ? 69  THR A CB    1 
ATOM   527  O OG1   . THR A 1 66 ? 8.494   0.950   -12.463 1.00 16.12 ? 69  THR A OG1   1 
ATOM   528  C CG2   . THR A 1 66 ? 7.836   3.255   -12.695 1.00 20.64 ? 69  THR A CG2   1 
ATOM   529  N N     . LEU A 1 67 ? 5.663   -0.297  -14.430 1.00 15.84 ? 70  LEU A N     1 
ATOM   530  C CA    . LEU A 1 67 ? 5.612   -1.651  -14.957 1.00 13.36 ? 70  LEU A CA    1 
ATOM   531  C C     . LEU A 1 67 ? 7.017   -2.078  -15.355 1.00 13.30 ? 70  LEU A C     1 
ATOM   532  O O     . LEU A 1 67 ? 7.898   -1.239  -15.536 1.00 16.91 ? 70  LEU A O     1 
ATOM   533  C CB    . LEU A 1 67 ? 4.686   -1.718  -16.170 1.00 14.03 ? 70  LEU A CB    1 
ATOM   534  C CG    . LEU A 1 67 ? 3.220   -1.349  -15.949 1.00 13.65 ? 70  LEU A CG    1 
ATOM   535  C CD1   . LEU A 1 67 ? 2.488   -1.300  -17.275 1.00 11.45 ? 70  LEU A CD1   1 
ATOM   536  C CD2   . LEU A 1 67 ? 2.556   -2.337  -15.001 1.00 10.45 ? 70  LEU A CD2   1 
ATOM   537  N N     . CYS A 1 68 ? 7.223   -3.382  -15.486 1.00 14.91 ? 71  CYS A N     1 
ATOM   538  C CA    . CYS A 1 68 ? 8.507   -3.916  -15.923 1.00 17.48 ? 71  CYS A CA    1 
ATOM   539  C C     . CYS A 1 68 ? 8.338   -5.353  -16.380 1.00 16.19 ? 71  CYS A C     1 
ATOM   540  O O     . CYS A 1 68 ? 7.306   -5.975  -16.124 1.00 17.66 ? 71  CYS A O     1 
ATOM   541  C CB    . CYS A 1 68 ? 9.540   -3.838  -14.797 1.00 18.10 ? 71  CYS A CB    1 
ATOM   542  S SG    . CYS A 1 68 ? 9.104   -4.765  -13.316 1.00 25.27 ? 71  CYS A SG    1 
ATOM   543  N N     . ASP A 1 69 ? 9.349   -5.874  -17.065 1.00 20.01 ? 72  ASP A N     1 
ATOM   544  C CA    . ASP A 1 69 ? 9.319   -7.246  -17.548 1.00 22.66 ? 72  ASP A CA    1 
ATOM   545  C C     . ASP A 1 69 ? 9.222   -8.212  -16.379 1.00 23.33 ? 72  ASP A C     1 
ATOM   546  O O     . ASP A 1 69 ? 9.778   -7.960  -15.312 1.00 22.87 ? 72  ASP A O     1 
ATOM   547  C CB    . ASP A 1 69 ? 10.572  -7.548  -18.370 1.00 29.31 ? 72  ASP A CB    1 
ATOM   548  C CG    . ASP A 1 69 ? 10.725  -6.621  -19.560 1.00 45.95 ? 72  ASP A CG    1 
ATOM   549  O OD1   . ASP A 1 69 ? 9.706   -6.328  -20.221 1.00 42.81 ? 72  ASP A OD1   1 
ATOM   550  O OD2   . ASP A 1 69 ? 11.863  -6.182  -19.833 1.00 44.12 ? 72  ASP A OD2   1 
ATOM   551  N N     . ALA A 1 70 ? 8.506   -9.312  -16.581 1.00 22.95 ? 73  ALA A N     1 
ATOM   552  C CA    . ALA A 1 70 ? 8.396   -10.346 -15.561 1.00 23.38 ? 73  ALA A CA    1 
ATOM   553  C C     . ALA A 1 70 ? 9.704   -11.127 -15.463 1.00 28.84 ? 73  ALA A C     1 
ATOM   554  O O     . ALA A 1 70 ? 9.908   -11.902 -14.526 1.00 27.93 ? 73  ALA A O     1 
ATOM   555  C CB    . ALA A 1 70 ? 7.235   -11.280 -15.870 1.00 18.22 ? 73  ALA A CB    1 
ATOM   556  N N     . LYS A 1 71 ? 10.581  -10.901 -16.442 1.00 34.19 ? 74  LYS A N     1 
ATOM   557  C CA    . LYS A 1 71 ? 11.886  -11.554 -16.522 1.00 35.55 ? 74  LYS A CA    1 
ATOM   558  C C     . LYS A 1 71 ? 11.745  -13.074 -16.555 1.00 47.72 ? 74  LYS A C     1 
ATOM   559  O O     . LYS A 1 71 ? 11.411  -13.647 -17.594 1.00 47.56 ? 74  LYS A O     1 
ATOM   560  C CB    . LYS A 1 71 ? 12.800  -11.104 -15.375 1.00 34.31 ? 74  LYS A CB    1 
ATOM   561  C CG    . LYS A 1 71 ? 14.238  -11.598 -15.477 1.00 41.36 ? 74  LYS A CG    1 
ATOM   562  C CD    . LYS A 1 71 ? 15.165  -10.818 -14.549 1.00 36.39 ? 74  LYS A CD    1 
ATOM   563  C CE    . LYS A 1 71 ? 14.616  -10.751 -13.129 1.00 41.31 ? 74  LYS A CE    1 
ATOM   564  N NZ    . LYS A 1 71 ? 14.421  -12.101 -12.529 1.00 37.04 ? 74  LYS A NZ    1 
ATOM   565  O OXT   . LYS A 1 71 ? 11.946  -13.759 -15.553 1.00 58.32 ? 74  LYS A OXT   1 
ATOM   566  O "O5'" . DT  B 2 1  ? -0.278  5.045   17.284  1.00 23.42 ? 1   DT  B "O5'" 1 
ATOM   567  C "C5'" . DT  B 2 1  ? 0.625   3.956   17.136  1.00 16.31 ? 1   DT  B "C5'" 1 
ATOM   568  C "C4'" . DT  B 2 1  ? -0.144  2.664   17.014  1.00 15.38 ? 1   DT  B "C4'" 1 
ATOM   569  O "O4'" . DT  B 2 1  ? -1.196  2.656   17.989  1.00 17.04 ? 1   DT  B "O4'" 1 
ATOM   570  C "C3'" . DT  B 2 1  ? -0.815  2.419   15.663  1.00 16.32 ? 1   DT  B "C3'" 1 
ATOM   571  O "O3'" . DT  B 2 1  ? -0.070  1.396   15.000  1.00 20.46 ? 1   DT  B "O3'" 1 
ATOM   572  C "C2'" . DT  B 2 1  ? -2.237  2.005   16.014  1.00 12.90 ? 1   DT  B "C2'" 1 
ATOM   573  C "C1'" . DT  B 2 1  ? -2.234  1.838   17.519  1.00 13.07 ? 1   DT  B "C1'" 1 
ATOM   574  N N1    . DT  B 2 1  ? -3.462  2.251   18.203  1.00 13.12 ? 1   DT  B N1    1 
ATOM   575  C C2    . DT  B 2 1  ? -4.118  1.317   18.960  1.00 13.90 ? 1   DT  B C2    1 
ATOM   576  O O2    . DT  B 2 1  ? -3.738  0.170   19.072  1.00 16.47 ? 1   DT  B O2    1 
ATOM   577  N N3    . DT  B 2 1  ? -5.235  1.781   19.599  1.00 11.79 ? 1   DT  B N3    1 
ATOM   578  C C4    . DT  B 2 1  ? -5.763  3.052   19.537  1.00 14.28 ? 1   DT  B C4    1 
ATOM   579  O O4    . DT  B 2 1  ? -6.779  3.320   20.158  1.00 17.22 ? 1   DT  B O4    1 
ATOM   580  C C5    . DT  B 2 1  ? -5.020  3.987   18.731  1.00 16.49 ? 1   DT  B C5    1 
ATOM   581  C C7    . DT  B 2 1  ? -5.512  5.395   18.612  1.00 14.29 ? 1   DT  B C7    1 
ATOM   582  C C6    . DT  B 2 1  ? -3.917  3.548   18.117  1.00 15.02 ? 1   DT  B C6    1 
ATOM   583  P P     . DT  B 2 2  ? -0.222  1.118   13.487  1.00 11.95 ? 2   DT  B P     1 
ATOM   584  O OP1   . DT  B 2 2  ? 1.056   0.672   13.001  1.00 14.55 ? 2   DT  B OP1   1 
ATOM   585  O OP2   . DT  B 2 2  ? -0.862  2.252   12.887  1.00 15.28 ? 2   DT  B OP2   1 
ATOM   586  O "O5'" . DT  B 2 2  ? -1.209  -0.110  13.463  1.00 14.92 ? 2   DT  B "O5'" 1 
ATOM   587  C "C5'" . DT  B 2 2  ? -0.994  -1.191  14.363  1.00 11.48 ? 2   DT  B "C5'" 1 
ATOM   588  C "C4'" . DT  B 2 2  ? -2.237  -2.031  14.508  1.00 13.27 ? 2   DT  B "C4'" 1 
ATOM   589  O "O4'" . DT  B 2 2  ? -3.154  -1.382  15.409  1.00 14.82 ? 2   DT  B "O4'" 1 
ATOM   590  C "C3'" . DT  B 2 2  ? -3.021  -2.310  13.224  1.00 15.12 ? 2   DT  B "C3'" 1 
ATOM   591  O "O3'" . DT  B 2 2  ? -3.377  -3.688  13.174  1.00 20.14 ? 2   DT  B "O3'" 1 
ATOM   592  C "C2'" . DT  B 2 2  ? -4.310  -1.544  13.422  1.00 14.66 ? 2   DT  B "C2'" 1 
ATOM   593  C "C1'" . DT  B 2 2  ? -4.452  -1.595  14.921  1.00 15.60 ? 2   DT  B "C1'" 1 
ATOM   594  N N1    . DT  B 2 2  ? -5.325  -0.579  15.502  1.00 14.20 ? 2   DT  B N1    1 
ATOM   595  C C2    . DT  B 2 2  ? -6.130  -0.955  16.546  1.00 14.69 ? 2   DT  B C2    1 
ATOM   596  O O2    . DT  B 2 2  ? -6.139  -2.080  17.003  1.00 16.81 ? 2   DT  B O2    1 
ATOM   597  N N3    . DT  B 2 2  ? -6.925  0.045   17.041  1.00 11.42 ? 2   DT  B N3    1 
ATOM   598  C C4    . DT  B 2 2  ? -6.988  1.352   16.606  1.00 16.85 ? 2   DT  B C4    1 
ATOM   599  O O4    . DT  B 2 2  ? -7.761  2.135   17.136  1.00 18.42 ? 2   DT  B O4    1 
ATOM   600  C C5    . DT  B 2 2  ? -6.126  1.673   15.496  1.00 14.07 ? 2   DT  B C5    1 
ATOM   601  C C7    . DT  B 2 2  ? -6.130  3.066   14.955  1.00 14.05 ? 2   DT  B C7    1 
ATOM   602  C C6    . DT  B 2 2  ? -5.350  0.703   15.004  1.00 11.32 ? 2   DT  B C6    1 
ATOM   603  P P     . DA  B 2 3  ? -3.309  -4.490  11.849  1.00 15.24 ? 3   DA  B P     1 
ATOM   604  O OP1   . DA  B 2 3  ? -1.937  -4.860  11.631  1.00 17.90 ? 3   DA  B OP1   1 
ATOM   605  O OP2   . DA  B 2 3  ? -4.016  -3.755  10.824  1.00 17.06 ? 3   DA  B OP2   1 
ATOM   606  O "O5'" . DA  B 2 3  ? -4.143  -5.788  12.190  1.00 18.27 ? 3   DA  B "O5'" 1 
ATOM   607  C "C5'" . DA  B 2 3  ? -4.007  -6.442  13.456  1.00 19.55 ? 3   DA  B "C5'" 1 
ATOM   608  C "C4'" . DA  B 2 3  ? -5.351  -6.779  14.056  1.00 15.23 ? 3   DA  B "C4'" 1 
ATOM   609  O "O4'" . DA  B 2 3  ? -5.956  -5.592  14.605  1.00 13.95 ? 3   DA  B "O4'" 1 
ATOM   610  C "C3'" . DA  B 2 3  ? -6.376  -7.405  13.114  1.00 18.53 ? 3   DA  B "C3'" 1 
ATOM   611  O "O3'" . DA  B 2 3  ? -6.843  -8.587  13.764  1.00 18.67 ? 3   DA  B "O3'" 1 
ATOM   612  C "C2'" . DA  B 2 3  ? -7.437  -6.329  12.963  1.00 16.12 ? 3   DA  B "C2'" 1 
ATOM   613  C "C1'" . DA  B 2 3  ? -7.308  -5.517  14.235  1.00 14.17 ? 3   DA  B "C1'" 1 
ATOM   614  N N9    . DA  B 2 3  ? -7.640  -4.106  14.080  1.00 14.46 ? 3   DA  B N9    1 
ATOM   615  C C8    . DA  B 2 3  ? -7.176  -3.253  13.115  1.00 15.11 ? 3   DA  B C8    1 
ATOM   616  N N7    . DA  B 2 3  ? -7.633  -2.034  13.223  1.00 12.64 ? 3   DA  B N7    1 
ATOM   617  C C5    . DA  B 2 3  ? -8.461  -2.088  14.332  1.00 15.11 ? 3   DA  B C5    1 
ATOM   618  C C6    . DA  B 2 3  ? -9.252  -1.119  14.969  1.00 15.90 ? 3   DA  B C6    1 
ATOM   619  N N6    . DA  B 2 3  ? -9.328  0.150   14.573  1.00 13.93 ? 3   DA  B N6    1 
ATOM   620  N N1    . DA  B 2 3  ? -9.949  -1.498  16.059  1.00 16.92 ? 3   DA  B N1    1 
ATOM   621  C C2    . DA  B 2 3  ? -9.856  -2.765  16.467  1.00 13.92 ? 3   DA  B C2    1 
ATOM   622  N N3    . DA  B 2 3  ? -9.147  -3.762  15.959  1.00 17.31 ? 3   DA  B N3    1 
ATOM   623  C C4    . DA  B 2 3  ? -8.471  -3.356  14.873  1.00 15.62 ? 3   DA  B C4    1 
ATOM   624  P P     . DT  B 2 4  ? -7.825  -9.579  13.064  1.00 24.53 ? 4   DT  B P     1 
ATOM   625  O OP1   . DT  B 2 4  ? -7.681  -10.876 13.694  1.00 26.93 ? 4   DT  B OP1   1 
ATOM   626  O OP2   . DT  B 2 4  ? -7.680  -9.449  11.629  1.00 29.07 ? 4   DT  B OP2   1 
ATOM   627  O "O5'" . DT  B 2 4  ? -9.254  -9.056  13.487  1.00 25.52 ? 4   DT  B "O5'" 1 
ATOM   628  C "C5'" . DT  B 2 4  ? -9.522  -8.705  14.843  1.00 22.38 ? 4   DT  B "C5'" 1 
ATOM   629  C "C4'" . DT  B 2 4  ? -10.866 -8.031  14.972  1.00 22.04 ? 4   DT  B "C4'" 1 
ATOM   630  O "O4'" . DT  B 2 4  ? -10.716 -6.619  14.753  1.00 23.21 ? 4   DT  B "O4'" 1 
ATOM   631  C "C3'" . DT  B 2 4  ? -11.957 -8.497  14.005  1.00 25.81 ? 4   DT  B "C3'" 1 
ATOM   632  O "O3'" . DT  B 2 4  ? -13.047 -9.032  14.753  1.00 36.82 ? 4   DT  B "O3'" 1 
ATOM   633  C "C2'" . DT  B 2 4  ? -12.425 -7.218  13.332  1.00 25.43 ? 4   DT  B "C2'" 1 
ATOM   634  C "C1'" . DT  B 2 4  ? -11.937 -6.141  14.267  1.00 19.42 ? 4   DT  B "C1'" 1 
ATOM   635  N N1    . DT  B 2 4  ? -11.700 -4.838  13.647  1.00 18.21 ? 4   DT  B N1    1 
ATOM   636  C C2    . DT  B 2 4  ? -12.306 -3.739  14.205  1.00 22.31 ? 4   DT  B C2    1 
ATOM   637  O O2    . DT  B 2 4  ? -13.017 -3.799  15.189  1.00 23.94 ? 4   DT  B O2    1 
ATOM   638  N N3    . DT  B 2 4  ? -12.036 -2.556  13.571  1.00 20.68 ? 4   DT  B N3    1 
ATOM   639  C C4    . DT  B 2 4  ? -11.250 -2.369  12.455  1.00 17.24 ? 4   DT  B C4    1 
ATOM   640  O O4    . DT  B 2 4  ? -11.106 -1.249  11.996  1.00 18.21 ? 4   DT  B O4    1 
ATOM   641  C C5    . DT  B 2 4  ? -10.639 -3.563  11.926  1.00 16.18 ? 4   DT  B C5    1 
ATOM   642  C C7    . DT  B 2 4  ? -9.760  -3.457  10.721  1.00 16.27 ? 4   DT  B C7    1 
ATOM   643  C C6    . DT  B 2 4  ? -10.893 -4.722  12.540  1.00 16.04 ? 4   DT  B C6    1 
ATOM   644  P P     . DC  B 2 5  ? -14.149 -9.929  14.067  1.00 36.20 ? 5   DC  B P     1 
ATOM   645  O OP1   . DC  B 2 5  ? -14.322 -11.104 14.906  1.00 39.54 ? 5   DC  B OP1   1 
ATOM   646  O OP2   . DC  B 2 5  ? -13.817 -10.085 12.658  1.00 34.05 ? 5   DC  B OP2   1 
ATOM   647  O "O5'" . DC  B 2 5  ? -15.462 -9.054  14.192  1.00 32.20 ? 5   DC  B "O5'" 1 
ATOM   648  C "C5'" . DC  B 2 5  ? -15.998 -8.766  15.480  1.00 28.89 ? 5   DC  B "C5'" 1 
ATOM   649  C "C4'" . DC  B 2 5  ? -16.868 -7.535  15.434  1.00 31.14 ? 5   DC  B "C4'" 1 
ATOM   650  O "O4'" . DC  B 2 5  ? -16.085 -6.396  15.051  1.00 32.74 ? 5   DC  B "O4'" 1 
ATOM   651  C "C3'" . DC  B 2 5  ? -18.009 -7.560  14.426  1.00 33.87 ? 5   DC  B "C3'" 1 
ATOM   652  O "O3'" . DC  B 2 5  ? -19.196 -8.086  15.017  1.00 41.76 ? 5   DC  B "O3'" 1 
ATOM   653  C "C2'" . DC  B 2 5  ? -18.226 -6.088  14.123  1.00 33.14 ? 5   DC  B "C2'" 1 
ATOM   654  C "C1'" . DC  B 2 5  ? -16.999 -5.387  14.696  1.00 29.66 ? 5   DC  B "C1'" 1 
ATOM   655  N N1    . DC  B 2 5  ? -16.332 -4.470  13.772  1.00 24.13 ? 5   DC  B N1    1 
ATOM   656  C C2    . DC  B 2 5  ? -16.630 -3.112  13.850  1.00 25.17 ? 5   DC  B C2    1 
ATOM   657  O O2    . DC  B 2 5  ? -17.458 -2.729  14.682  1.00 29.79 ? 5   DC  B O2    1 
ATOM   658  N N3    . DC  B 2 5  ? -16.022 -2.253  13.007  1.00 22.53 ? 5   DC  B N3    1 
ATOM   659  C C4    . DC  B 2 5  ? -15.129 -2.705  12.127  1.00 22.00 ? 5   DC  B C4    1 
ATOM   660  N N4    . DC  B 2 5  ? -14.549 -1.819  11.319  1.00 21.91 ? 5   DC  B N4    1 
ATOM   661  C C5    . DC  B 2 5  ? -14.799 -4.084  12.031  1.00 22.07 ? 5   DC  B C5    1 
ATOM   662  C C6    . DC  B 2 5  ? -15.409 -4.923  12.874  1.00 24.36 ? 5   DC  B C6    1 
ATOM   663  P P     . DC  B 2 6  ? -20.402 -8.521  14.113  1.00 39.80 ? 6   DC  B P     1 
ATOM   664  O OP1   . DC  B 2 6  ? -21.211 -9.501  14.873  1.00 47.06 ? 6   DC  B OP1   1 
ATOM   665  O OP2   . DC  B 2 6  ? -19.879 -8.876  12.774  1.00 38.56 ? 6   DC  B OP2   1 
ATOM   666  O "O5'" . DC  B 2 6  ? -21.238 -7.169  13.958  1.00 35.71 ? 6   DC  B "O5'" 1 
ATOM   667  C "C5'" . DC  B 2 6  ? -21.710 -6.474  15.101  1.00 37.93 ? 6   DC  B "C5'" 1 
ATOM   668  C "C4'" . DC  B 2 6  ? -22.527 -5.283  14.645  1.00 40.31 ? 6   DC  B "C4'" 1 
ATOM   669  O "O4'" . DC  B 2 6  ? -21.638 -4.212  14.238  1.00 38.91 ? 6   DC  B "O4'" 1 
ATOM   670  C "C3'" . DC  B 2 6  ? -23.421 -5.602  13.452  1.00 46.53 ? 6   DC  B "C3'" 1 
ATOM   671  O "O3'" . DC  B 2 6  ? -24.784 -5.357  13.771  1.00 56.19 ? 6   DC  B "O3'" 1 
ATOM   672  C "C2'" . DC  B 2 6  ? -22.933 -4.692  12.327  1.00 42.34 ? 6   DC  B "C2'" 1 
ATOM   673  C "C1'" . DC  B 2 6  ? -22.092 -3.635  13.033  1.00 36.25 ? 6   DC  B "C1'" 1 
ATOM   674  N N1    . DC  B 2 6  ? -20.916 -3.214  12.220  1.00 32.43 ? 6   DC  B N1    1 
ATOM   675  C C2    . DC  B 2 6  ? -20.791 -1.876  11.834  1.00 32.84 ? 6   DC  B C2    1 
ATOM   676  O O2    . DC  B 2 6  ? -21.658 -1.069  12.187  1.00 34.02 ? 6   DC  B O2    1 
ATOM   677  N N3    . DC  B 2 6  ? -19.721 -1.504  11.090  1.00 33.46 ? 6   DC  B N3    1 
ATOM   678  C C4    . DC  B 2 6  ? -18.809 -2.410  10.732  1.00 31.89 ? 6   DC  B C4    1 
ATOM   679  N N4    . DC  B 2 6  ? -17.772 -1.995  9.995   1.00 24.72 ? 6   DC  B N4    1 
ATOM   680  C C5    . DC  B 2 6  ? -18.919 -3.782  11.112  1.00 25.74 ? 6   DC  B C5    1 
ATOM   681  C C6    . DC  B 2 6  ? -19.981 -4.134  11.845  1.00 30.87 ? 6   DC  B C6    1 
ATOM   682  P P     . DG  B 2 7  ? -25.949 -5.934  12.826  1.00 67.28 ? 7   DG  B P     1 
ATOM   683  O OP1   . DG  B 2 7  ? -27.151 -6.127  13.667  1.00 68.83 ? 7   DG  B OP1   1 
ATOM   684  O OP2   . DG  B 2 7  ? -25.396 -7.065  12.047  1.00 48.98 ? 7   DG  B OP2   1 
ATOM   685  O "O5'" . DG  B 2 7  ? -26.218 -4.750  11.789  1.00 48.10 ? 7   DG  B "O5'" 1 
ATOM   686  C "C5'" . DG  B 2 7  ? -26.579 -3.453  12.232  1.00 47.66 ? 7   DG  B "C5'" 1 
ATOM   687  C "C4'" . DG  B 2 7  ? -26.718 -2.540  11.030  1.00 46.00 ? 7   DG  B "C4'" 1 
ATOM   688  O "O4'" . DG  B 2 7  ? -25.403 -2.198  10.524  1.00 46.43 ? 7   DG  B "O4'" 1 
ATOM   689  C "C3'" . DG  B 2 7  ? -27.481 -3.150  9.857   1.00 58.65 ? 7   DG  B "C3'" 1 
ATOM   690  O "O3'" . DG  B 2 7  ? -28.281 -2.137  9.262   1.00 64.66 ? 7   DG  B "O3'" 1 
ATOM   691  C "C2'" . DG  B 2 7  ? -26.369 -3.642  8.931   1.00 54.70 ? 7   DG  B "C2'" 1 
ATOM   692  C "C1'" . DG  B 2 7  ? -25.296 -2.591  9.170   1.00 51.59 ? 7   DG  B "C1'" 1 
ATOM   693  N N9    . DG  B 2 7  ? -23.939 -3.069  8.916   1.00 48.74 ? 7   DG  B N9    1 
ATOM   694  C C8    . DG  B 2 7  ? -23.430 -4.344  9.016   1.00 48.98 ? 7   DG  B C8    1 
ATOM   695  N N7    . DG  B 2 7  ? -22.162 -4.421  8.707   1.00 43.35 ? 7   DG  B N7    1 
ATOM   696  C C5    . DG  B 2 7  ? -21.817 -3.116  8.381   1.00 35.47 ? 7   DG  B C5    1 
ATOM   697  C C6    . DG  B 2 7  ? -20.584 -2.568  7.964   1.00 35.93 ? 7   DG  B C6    1 
ATOM   698  O O6    . DG  B 2 7  ? -19.506 -3.153  7.797   1.00 34.08 ? 7   DG  B O6    1 
ATOM   699  N N1    . DG  B 2 7  ? -20.688 -1.197  7.743   1.00 35.89 ? 7   DG  B N1    1 
ATOM   700  C C2    . DG  B 2 7  ? -21.838 -0.457  7.899   1.00 38.35 ? 7   DG  B C2    1 
ATOM   701  N N2    . DG  B 2 7  ? -21.778 0.854   7.646   1.00 43.54 ? 7   DG  B N2    1 
ATOM   702  N N3    . DG  B 2 7  ? -22.993 -0.959  8.286   1.00 32.97 ? 7   DG  B N3    1 
ATOM   703  C C4    . DG  B 2 7  ? -22.901 -2.283  8.505   1.00 35.03 ? 7   DG  B C4    1 
ATOM   704  P P     . DC  B 2 8  ? -29.155 -2.488  8.001   1.00 59.58 ? 8   DC  B P     1 
ATOM   705  O OP1   . DC  B 2 8  ? -30.506 -1.963  8.242   1.00 55.38 ? 8   DC  B OP1   1 
ATOM   706  O OP2   . DC  B 2 8  ? -28.958 -3.914  7.712   1.00 46.53 ? 8   DC  B OP2   1 
ATOM   707  O "O5'" . DC  B 2 8  ? -28.469 -1.685  6.816   1.00 47.05 ? 8   DC  B "O5'" 1 
ATOM   708  C "C5'" . DC  B 2 8  ? -28.335 -0.260  6.850   1.00 44.80 ? 8   DC  B "C5'" 1 
ATOM   709  C "C4'" . DC  B 2 8  ? -27.483 0.196   5.690   1.00 48.29 ? 8   DC  B "C4'" 1 
ATOM   710  O "O4'" . DC  B 2 8  ? -26.156 -0.329  5.867   1.00 54.42 ? 8   DC  B "O4'" 1 
ATOM   711  C "C3'" . DC  B 2 8  ? -27.935 -0.310  4.322   1.00 46.49 ? 8   DC  B "C3'" 1 
ATOM   712  O "O3'" . DC  B 2 8  ? -28.592 0.713   3.572   1.00 53.88 ? 8   DC  B "O3'" 1 
ATOM   713  C "C2'" . DC  B 2 8  ? -26.640 -0.651  3.601   1.00 50.55 ? 8   DC  B "C2'" 1 
ATOM   714  C "C1'" . DC  B 2 8  ? -25.538 -0.364  4.605   1.00 50.20 ? 8   DC  B "C1'" 1 
ATOM   715  N N1    . DC  B 2 8  ? -24.475 -1.378  4.644   1.00 40.98 ? 8   DC  B N1    1 
ATOM   716  C C2    . DC  B 2 8  ? -23.236 -1.070  4.086   1.00 41.70 ? 8   DC  B C2    1 
ATOM   717  O O2    . DC  B 2 8  ? -23.077 0.040   3.560   1.00 41.06 ? 8   DC  B O2    1 
ATOM   718  N N3    . DC  B 2 8  ? -22.247 -1.986  4.126   1.00 35.32 ? 8   DC  B N3    1 
ATOM   719  C C4    . DC  B 2 8  ? -22.459 -3.167  4.702   1.00 38.79 ? 8   DC  B C4    1 
ATOM   720  N N4    . DC  B 2 8  ? -21.455 -4.041  4.716   1.00 35.22 ? 8   DC  B N4    1 
ATOM   721  C C5    . DC  B 2 8  ? -23.713 -3.507  5.286   1.00 37.55 ? 8   DC  B C5    1 
ATOM   722  C C6    . DC  B 2 8  ? -24.681 -2.587  5.244   1.00 37.57 ? 8   DC  B C6    1 
ATOM   723  P P     . DT  B 2 9  ? -29.284 0.360   2.188   1.00 55.54 ? 9   DT  B P     1 
ATOM   724  O OP1   . DT  B 2 9  ? -30.421 1.259   2.015   1.00 53.63 ? 9   DT  B OP1   1 
ATOM   725  O OP2   . DT  B 2 9  ? -29.486 -1.095  2.136   1.00 38.50 ? 9   DT  B OP2   1 
ATOM   726  O "O5'" . DT  B 2 9  ? -28.180 0.740   1.110   1.00 47.00 ? 9   DT  B "O5'" 1 
ATOM   727  C "C5'" . DT  B 2 9  ? -27.382 1.925   1.245   1.00 47.72 ? 9   DT  B "C5'" 1 
ATOM   728  C "C4'" . DT  B 2 9  ? -26.320 1.980   0.171   1.00 48.02 ? 9   DT  B "C4'" 1 
ATOM   729  O "O4'" . DT  B 2 9  ? -25.228 1.104   0.530   1.00 53.40 ? 9   DT  B "O4'" 1 
ATOM   730  C "C3'" . DT  B 2 9  ? -26.772 1.541   -1.221  1.00 50.01 ? 9   DT  B "C3'" 1 
ATOM   731  O "O3'" . DT  B 2 9  ? -26.169 2.362   -2.223  1.00 56.70 ? 9   DT  B "O3'" 1 
ATOM   732  C "C2'" . DT  B 2 9  ? -26.253 0.121   -1.327  1.00 45.14 ? 9   DT  B "C2'" 1 
ATOM   733  C "C1'" . DT  B 2 9  ? -24.977 0.189   -0.518  1.00 47.04 ? 9   DT  B "C1'" 1 
ATOM   734  N N1    . DT  B 2 9  ? -24.563 -1.082  0.085   1.00 41.31 ? 9   DT  B N1    1 
ATOM   735  C C2    . DT  B 2 9  ? -23.241 -1.445  -0.015  1.00 39.97 ? 9   DT  B C2    1 
ATOM   736  O O2    . DT  B 2 9  ? -22.405 -0.760  -0.575  1.00 36.08 ? 9   DT  B O2    1 
ATOM   737  N N3    . DT  B 2 9  ? -22.931 -2.643  0.573   1.00 32.95 ? 9   DT  B N3    1 
ATOM   738  C C4    . DT  B 2 9  ? -23.790 -3.492  1.241   1.00 37.99 ? 9   DT  B C4    1 
ATOM   739  O O4    . DT  B 2 9  ? -23.368 -4.540  1.712   1.00 32.57 ? 9   DT  B O4    1 
ATOM   740  C C5    . DT  B 2 9  ? -25.164 -3.053  1.301   1.00 44.65 ? 9   DT  B C5    1 
ATOM   741  C C7    . DT  B 2 9  ? -26.172 -3.912  1.997   1.00 34.44 ? 9   DT  B C7    1 
ATOM   742  C C6    . DT  B 2 9  ? -25.477 -1.882  0.732   1.00 40.40 ? 9   DT  B C6    1 
ATOM   743  P P     . DC  B 2 10 ? -26.580 2.188   -3.741  1.00 63.49 ? 10  DC  B P     1 
ATOM   744  O OP1   . DC  B 2 10 ? -27.238 3.428   -4.169  1.00 45.26 ? 10  DC  B OP1   1 
ATOM   745  O OP2   . DC  B 2 10 ? -27.267 0.894   -3.886  1.00 42.65 ? 10  DC  B OP2   1 
ATOM   746  O "O5'" . DC  B 2 10 ? -25.183 2.057   -4.491  1.00 56.11 ? 10  DC  B "O5'" 1 
ATOM   747  C "C5'" . DC  B 2 10 ? -23.943 2.293   -3.805  1.00 45.72 ? 10  DC  B "C5'" 1 
ATOM   748  C "C4'" . DC  B 2 10 ? -22.819 1.516   -4.446  1.00 38.66 ? 10  DC  B "C4'" 1 
ATOM   749  O "O4'" . DC  B 2 10 ? -22.579 0.294   -3.717  1.00 38.32 ? 10  DC  B "O4'" 1 
ATOM   750  C "C3'" . DC  B 2 10 ? -23.049 1.104   -5.896  1.00 38.40 ? 10  DC  B "C3'" 1 
ATOM   751  O "O3'" . DC  B 2 10 ? -21.825 1.343   -6.588  1.00 39.75 ? 10  DC  B "O3'" 1 
ATOM   752  C "C2'" . DC  B 2 10 ? -23.378 -0.374  -5.788  1.00 36.78 ? 10  DC  B "C2'" 1 
ATOM   753  C "C1'" . DC  B 2 10 ? -22.537 -0.802  -4.606  1.00 36.77 ? 10  DC  B "C1'" 1 
ATOM   754  N N1    . DC  B 2 10 ? -23.023 -1.982  -3.876  1.00 35.61 ? 10  DC  B N1    1 
ATOM   755  C C2    . DC  B 2 10 ? -22.100 -2.921  -3.408  1.00 36.82 ? 10  DC  B C2    1 
ATOM   756  O O2    . DC  B 2 10 ? -20.897 -2.732  -3.611  1.00 35.36 ? 10  DC  B O2    1 
ATOM   757  N N3    . DC  B 2 10 ? -22.543 -4.004  -2.735  1.00 31.73 ? 10  DC  B N3    1 
ATOM   758  C C4    . DC  B 2 10 ? -23.849 -4.171  -2.530  1.00 43.08 ? 10  DC  B C4    1 
ATOM   759  N N4    . DC  B 2 10 ? -24.243 -5.255  -1.861  1.00 39.24 ? 10  DC  B N4    1 
ATOM   760  C C5    . DC  B 2 10 ? -24.812 -3.234  -3.003  1.00 38.63 ? 10  DC  B C5    1 
ATOM   761  C C6    . DC  B 2 10 ? -24.359 -2.168  -3.674  1.00 37.34 ? 10  DC  B C6    1 
ATOM   762  P P     . DT  B 2 11 ? -21.816 1.530   -8.141  1.00 40.61 ? 11  DT  B P     1 
ATOM   763  O OP1   . DT  B 2 11 ? -21.288 2.854   -8.438  1.00 34.99 ? 11  DT  B OP1   1 
ATOM   764  O OP2   . DT  B 2 11 ? -23.115 1.119   -8.647  1.00 42.81 ? 11  DT  B OP2   1 
ATOM   765  O "O5'" . DT  B 2 11 ? -20.734 0.479   -8.626  1.00 38.50 ? 11  DT  B "O5'" 1 
ATOM   766  C "C5'" . DT  B 2 11 ? -19.584 0.205   -7.830  1.00 26.23 ? 11  DT  B "C5'" 1 
ATOM   767  C "C4'" . DT  B 2 11 ? -19.193 -1.248  -7.939  1.00 28.77 ? 11  DT  B "C4'" 1 
ATOM   768  O "O4'" . DT  B 2 11 ? -20.004 -2.056  -7.061  1.00 27.95 ? 11  DT  B "O4'" 1 
ATOM   769  C "C3'" . DT  B 2 11 ? -19.318 -1.884  -9.327  1.00 28.03 ? 11  DT  B "C3'" 1 
ATOM   770  O "O3'" . DT  B 2 11 ? -18.146 -2.645  -9.574  1.00 33.54 ? 11  DT  B "O3'" 1 
ATOM   771  C "C2'" . DT  B 2 11 ? -20.346 -2.977  -9.125  1.00 31.17 ? 11  DT  B "C2'" 1 
ATOM   772  C "C1'" . DT  B 2 11 ? -20.105 -3.310  -7.674  1.00 30.75 ? 11  DT  B "C1'" 1 
ATOM   773  N N1    . DT  B 2 11 ? -21.171 -4.068  -7.011  1.00 29.19 ? 11  DT  B N1    1 
ATOM   774  C C2    . DT  B 2 11 ? -20.826 -5.145  -6.228  1.00 30.94 ? 11  DT  B C2    1 
ATOM   775  O O2    . DT  B 2 11 ? -19.675 -5.484  -6.028  1.00 25.92 ? 11  DT  B O2    1 
ATOM   776  N N3    . DT  B 2 11 ? -21.885 -5.807  -5.670  1.00 28.87 ? 11  DT  B N3    1 
ATOM   777  C C4    . DT  B 2 11 ? -23.222 -5.508  -5.813  1.00 36.73 ? 11  DT  B C4    1 
ATOM   778  O O4    . DT  B 2 11 ? -24.062 -6.195  -5.251  1.00 41.24 ? 11  DT  B O4    1 
ATOM   779  C C5    . DT  B 2 11 ? -23.513 -4.377  -6.660  1.00 36.70 ? 11  DT  B C5    1 
ATOM   780  C C7    . DT  B 2 11 ? -24.938 -3.981  -6.880  1.00 43.52 ? 11  DT  B C7    1 
ATOM   781  C C6    . DT  B 2 11 ? -22.486 -3.723  -7.210  1.00 29.46 ? 11  DT  B C6    1 
ATOM   782  P P     . DA  B 2 12 ? -17.327 -2.466  -10.882 1.00 29.60 ? 12  DA  B P     1 
ATOM   783  O OP1   . DA  B 2 12 ? -16.956 -1.069  -10.963 1.00 27.26 ? 12  DA  B OP1   1 
ATOM   784  O OP2   . DA  B 2 12 ? -18.067 -3.075  -11.963 1.00 29.15 ? 12  DA  B OP2   1 
ATOM   785  O "O5'" . DA  B 2 12 ? -16.081 -3.403  -10.602 1.00 25.53 ? 12  DA  B "O5'" 1 
ATOM   786  C "C5'" . DA  B 2 12 ? -15.709 -3.667  -9.246  1.00 21.83 ? 12  DA  B "C5'" 1 
ATOM   787  C "C4'" . DA  B 2 12 ? -15.297 -5.103  -9.030  1.00 19.10 ? 12  DA  B "C4'" 1 
ATOM   788  O "O4'" . DA  B 2 12 ? -16.383 -5.831  -8.439  1.00 18.78 ? 12  DA  B "O4'" 1 
ATOM   789  C "C3'" . DA  B 2 12 ? -14.875 -5.902  -10.254 1.00 19.24 ? 12  DA  B "C3'" 1 
ATOM   790  O "O3'" . DA  B 2 12 ? -13.832 -6.787  -9.844  1.00 13.35 ? 12  DA  B "O3'" 1 
ATOM   791  C "C2'" . DA  B 2 12 ? -16.141 -6.650  -10.624 1.00 23.34 ? 12  DA  B "C2'" 1 
ATOM   792  C "C1'" . DA  B 2 12 ? -16.823 -6.868  -9.287  1.00 19.68 ? 12  DA  B "C1'" 1 
ATOM   793  N N9    . DA  B 2 12 ? -18.281 -6.805  -9.321  1.00 27.08 ? 12  DA  B N9    1 
ATOM   794  C C8    . DA  B 2 12 ? -19.072 -5.898  -9.978  1.00 25.60 ? 12  DA  B C8    1 
ATOM   795  N N7    . DA  B 2 12 ? -20.352 -6.088  -9.801  1.00 24.37 ? 12  DA  B N7    1 
ATOM   796  C C5    . DA  B 2 12 ? -20.410 -7.190  -8.960  1.00 24.57 ? 12  DA  B C5    1 
ATOM   797  C C6    . DA  B 2 12 ? -21.485 -7.887  -8.394  1.00 27.50 ? 12  DA  B C6    1 
ATOM   798  N N6    . DA  B 2 12 ? -22.762 -7.565  -8.598  1.00 32.76 ? 12  DA  B N6    1 
ATOM   799  N N1    . DA  B 2 12 ? -21.203 -8.943  -7.605  1.00 26.58 ? 12  DA  B N1    1 
ATOM   800  C C2    . DA  B 2 12 ? -19.922 -9.261  -7.399  1.00 25.72 ? 12  DA  B C2    1 
ATOM   801  N N3    . DA  B 2 12 ? -18.824 -8.680  -7.868  1.00 25.45 ? 12  DA  B N3    1 
ATOM   802  C C4    . DA  B 2 12 ? -19.141 -7.640  -8.657  1.00 23.76 ? 12  DA  B C4    1 
ATOM   803  P P     . DC  B 2 13 ? -12.858 -7.384  -10.869 1.00 12.57 ? 13  DC  B P     1 
ATOM   804  O OP1   . DC  B 2 13 ? -11.532 -7.377  -10.308 1.00 14.18 ? 13  DC  B OP1   1 
ATOM   805  O OP2   . DC  B 2 13 ? -13.097 -6.741  -12.135 1.00 18.87 ? 13  DC  B OP2   1 
ATOM   806  O "O5'" . DC  B 2 13 ? -13.296 -8.902  -10.964 1.00 20.26 ? 13  DC  B "O5'" 1 
ATOM   807  C "C5'" . DC  B 2 13 ? -13.551 -9.700  -9.804  1.00 17.46 ? 13  DC  B "C5'" 1 
ATOM   808  C "C4'" . DC  B 2 13 ? -14.443 -10.870 -10.144 1.00 20.01 ? 13  DC  B "C4'" 1 
ATOM   809  O "O4'" . DC  B 2 13 ? -15.823 -10.482 -9.994  1.00 22.11 ? 13  DC  B "O4'" 1 
ATOM   810  C "C3'" . DC  B 2 13 ? -14.305 -11.414 -11.570 1.00 25.70 ? 13  DC  B "C3'" 1 
ATOM   811  O "O3'" . DC  B 2 13 ? -13.997 -12.812 -11.541 1.00 34.57 ? 13  DC  B "O3'" 1 
ATOM   812  C "C2'" . DC  B 2 13 ? -15.684 -11.221 -12.174 1.00 23.80 ? 13  DC  B "C2'" 1 
ATOM   813  C "C1'" . DC  B 2 13 ? -16.575 -11.174 -10.959 1.00 21.76 ? 13  DC  B "C1'" 1 
ATOM   814  N N1    . DC  B 2 13 ? -17.850 -10.466 -11.140 1.00 18.71 ? 13  DC  B N1    1 
ATOM   815  C C2    . DC  B 2 13 ? -18.996 -10.991 -10.546 1.00 27.45 ? 13  DC  B C2    1 
ATOM   816  O O2    . DC  B 2 13 ? -18.895 -12.006 -9.850  1.00 33.24 ? 13  DC  B O2    1 
ATOM   817  N N3    . DC  B 2 13 ? -20.180 -10.371 -10.730 1.00 22.50 ? 13  DC  B N3    1 
ATOM   818  C C4    . DC  B 2 13 ? -20.247 -9.276  -11.484 1.00 28.60 ? 13  DC  B C4    1 
ATOM   819  N N4    . DC  B 2 13 ? -21.437 -8.697  -11.638 1.00 26.08 ? 13  DC  B N4    1 
ATOM   820  C C5    . DC  B 2 13 ? -19.097 -8.734  -12.128 1.00 25.03 ? 13  DC  B C5    1 
ATOM   821  C C6    . DC  B 2 13 ? -17.933 -9.365  -11.943 1.00 20.11 ? 13  DC  B C6    1 
ATOM   822  P P     . DG  B 2 14 ? -13.487 -13.562 -12.839 1.00 37.56 ? 14  DG  B P     1 
ATOM   823  O OP1   . DG  B 2 14 ? -12.208 -14.167 -12.526 1.00 40.02 ? 14  DG  B OP1   1 
ATOM   824  O OP2   . DG  B 2 14 ? -13.641 -12.680 -13.991 1.00 30.10 ? 14  DG  B OP2   1 
ATOM   825  O "O5'" . DG  B 2 14 ? -14.518 -14.748 -13.040 1.00 33.15 ? 14  DG  B "O5'" 1 
ATOM   826  C "C5'" . DG  B 2 14 ? -14.444 -15.926 -12.225 1.00 42.84 ? 14  DG  B "C5'" 1 
ATOM   827  C "C4'" . DG  B 2 14 ? -15.822 -16.457 -11.911 1.00 36.79 ? 14  DG  B "C4'" 1 
ATOM   828  O "O4'" . DG  B 2 14 ? -16.640 -15.380 -11.425 1.00 33.79 ? 14  DG  B "O4'" 1 
ATOM   829  C "C3'" . DG  B 2 14 ? -16.585 -17.020 -13.100 1.00 35.24 ? 14  DG  B "C3'" 1 
ATOM   830  O "O3'" . DG  B 2 14 ? -16.347 -18.411 -13.302 1.00 38.73 ? 14  DG  B "O3'" 1 
ATOM   831  C "C2'" . DG  B 2 14 ? -18.027 -16.809 -12.701 1.00 35.67 ? 14  DG  B "C2'" 1 
ATOM   832  C "C1'" . DG  B 2 14 ? -17.979 -15.556 -11.846 1.00 31.36 ? 14  DG  B "C1'" 1 
ATOM   833  N N9    . DG  B 2 14 ? -18.392 -14.340 -12.529 1.00 31.57 ? 14  DG  B N9    1 
ATOM   834  C C8    . DG  B 2 14 ? -17.584 -13.415 -13.140 1.00 35.84 ? 14  DG  B C8    1 
ATOM   835  N N7    . DG  B 2 14 ? -18.248 -12.422 -13.662 1.00 29.97 ? 14  DG  B N7    1 
ATOM   836  C C5    . DG  B 2 14 ? -19.572 -12.704 -13.369 1.00 31.04 ? 14  DG  B C5    1 
ATOM   837  C C6    . DG  B 2 14 ? -20.749 -11.984 -13.669 1.00 35.70 ? 14  DG  B C6    1 
ATOM   838  O O6    . DG  B 2 14 ? -20.862 -10.915 -14.273 1.00 30.90 ? 14  DG  B O6    1 
ATOM   839  N N1    . DG  B 2 14 ? -21.880 -12.632 -13.190 1.00 35.19 ? 14  DG  B N1    1 
ATOM   840  C C2    . DG  B 2 14 ? -21.878 -13.824 -12.514 1.00 42.39 ? 14  DG  B C2    1 
ATOM   841  N N2    . DG  B 2 14 ? -23.077 -14.298 -12.151 1.00 49.73 ? 14  DG  B N2    1 
ATOM   842  N N3    . DG  B 2 14 ? -20.788 -14.508 -12.228 1.00 41.63 ? 14  DG  B N3    1 
ATOM   843  C C4    . DG  B 2 14 ? -19.677 -13.889 -12.674 1.00 34.37 ? 14  DG  B C4    1 
ATOM   844  P P     . DG  B 2 15 ? -16.490 -19.011 -14.749 1.00 49.91 ? 15  DG  B P     1 
ATOM   845  O OP1   . DG  B 2 15 ? -15.854 -20.329 -14.764 1.00 42.30 ? 15  DG  B OP1   1 
ATOM   846  O OP2   . DG  B 2 15 ? -16.071 -17.988 -15.710 1.00 37.71 ? 15  DG  B OP2   1 
ATOM   847  O "O5'" . DG  B 2 15 ? -18.055 -19.211 -14.900 1.00 40.97 ? 15  DG  B "O5'" 1 
ATOM   848  C "C5'" . DG  B 2 15 ? -18.816 -19.857 -13.881 1.00 34.83 ? 15  DG  B "C5'" 1 
ATOM   849  C "C4'" . DG  B 2 15 ? -20.280 -19.773 -14.226 1.00 33.82 ? 15  DG  B "C4'" 1 
ATOM   850  O "O4'" . DG  B 2 15 ? -20.757 -18.457 -13.897 1.00 38.03 ? 15  DG  B "O4'" 1 
ATOM   851  C "C3'" . DG  B 2 15 ? -20.585 -19.943 -15.705 1.00 38.82 ? 15  DG  B "C3'" 1 
ATOM   852  O "O3'" . DG  B 2 15 ? -20.859 -21.309 -16.007 1.00 48.30 ? 15  DG  B "O3'" 1 
ATOM   853  C "C2'" . DG  B 2 15 ? -21.847 -19.127 -15.888 1.00 39.92 ? 15  DG  B "C2'" 1 
ATOM   854  C "C1'" . DG  B 2 15 ? -21.792 -18.081 -14.784 1.00 38.67 ? 15  DG  B "C1'" 1 
ATOM   855  N N9    . DG  B 2 15 ? -21.510 -16.730 -15.253 1.00 38.39 ? 15  DG  B N9    1 
ATOM   856  C C8    . DG  B 2 15 ? -20.277 -16.141 -15.388 1.00 34.53 ? 15  DG  B C8    1 
ATOM   857  N N7    . DG  B 2 15 ? -20.341 -14.915 -15.825 1.00 29.92 ? 15  DG  B N7    1 
ATOM   858  C C5    . DG  B 2 15 ? -21.697 -14.679 -15.986 1.00 30.64 ? 15  DG  B C5    1 
ATOM   859  C C6    . DG  B 2 15 ? -22.378 -13.526 -16.441 1.00 29.28 ? 15  DG  B C6    1 
ATOM   860  O O6    . DG  B 2 15 ? -21.907 -12.445 -16.791 1.00 31.05 ? 15  DG  B O6    1 
ATOM   861  N N1    . DG  B 2 15 ? -23.752 -13.718 -16.452 1.00 34.54 ? 15  DG  B N1    1 
ATOM   862  C C2    . DG  B 2 15 ? -24.391 -14.872 -16.083 1.00 36.79 ? 15  DG  B C2    1 
ATOM   863  N N2    . DG  B 2 15 ? -25.726 -14.860 -16.167 1.00 35.18 ? 15  DG  B N2    1 
ATOM   864  N N3    . DG  B 2 15 ? -23.769 -15.955 -15.660 1.00 31.12 ? 15  DG  B N3    1 
ATOM   865  C C4    . DG  B 2 15 ? -22.431 -15.790 -15.636 1.00 34.48 ? 15  DG  B C4    1 
ATOM   866  P P     . DG  B 2 16 ? -20.920 -21.790 -17.516 1.00 57.64 ? 16  DG  B P     1 
ATOM   867  O OP1   . DG  B 2 16 ? -20.910 -23.258 -17.537 1.00 41.82 ? 16  DG  B OP1   1 
ATOM   868  O OP2   . DG  B 2 16 ? -19.895 -21.053 -18.261 1.00 47.60 ? 16  DG  B OP2   1 
ATOM   869  O "O5'" . DG  B 2 16 ? -22.338 -21.273 -18.000 1.00 35.83 ? 16  DG  B "O5'" 1 
ATOM   870  C "C5'" . DG  B 2 16 ? -22.375 -20.280 -19.014 1.00 45.31 ? 16  DG  B "C5'" 1 
ATOM   871  C "C4'" . DG  B 2 16 ? -23.748 -19.671 -19.137 1.00 37.79 ? 16  DG  B "C4'" 1 
ATOM   872  O "O4'" . DG  B 2 16 ? -23.795 -18.492 -18.309 1.00 47.01 ? 16  DG  B "O4'" 1 
ATOM   873  C "C3'" . DG  B 2 16 ? -24.053 -19.183 -20.546 1.00 43.81 ? 16  DG  B "C3'" 1 
ATOM   874  O "O3'" . DG  B 2 16 ? -24.741 -20.184 -21.290 1.00 44.14 ? 16  DG  B "O3'" 1 
ATOM   875  C "C2'" . DG  B 2 16 ? -24.929 -17.973 -20.302 1.00 40.06 ? 16  DG  B "C2'" 1 
ATOM   876  C "C1'" . DG  B 2 16 ? -24.329 -17.398 -19.035 1.00 44.98 ? 16  DG  B "C1'" 1 
ATOM   877  N N9    . DG  B 2 16 ? -23.261 -16.420 -19.222 1.00 38.43 ? 16  DG  B N9    1 
ATOM   878  C C8    . DG  B 2 16 ? -21.915 -16.614 -19.037 1.00 33.60 ? 16  DG  B C8    1 
ATOM   879  N N7    . DG  B 2 16 ? -21.209 -15.541 -19.250 1.00 28.06 ? 16  DG  B N7    1 
ATOM   880  C C5    . DG  B 2 16 ? -22.146 -14.575 -19.580 1.00 29.35 ? 16  DG  B C5    1 
ATOM   881  C C6    . DG  B 2 16 ? -21.978 -13.211 -19.909 1.00 26.51 ? 16  DG  B C6    1 
ATOM   882  O O6    . DG  B 2 16 ? -20.936 -12.559 -19.964 1.00 29.10 ? 16  DG  B O6    1 
ATOM   883  N N1    . DG  B 2 16 ? -23.193 -12.598 -20.179 1.00 27.59 ? 16  DG  B N1    1 
ATOM   884  C C2    . DG  B 2 16 ? -24.415 -13.217 -20.140 1.00 29.41 ? 16  DG  B C2    1 
ATOM   885  N N2    . DG  B 2 16 ? -25.474 -12.457 -20.431 1.00 24.24 ? 16  DG  B N2    1 
ATOM   886  N N3    . DG  B 2 16 ? -24.586 -14.486 -19.826 1.00 29.46 ? 16  DG  B N3    1 
ATOM   887  C C4    . DG  B 2 16 ? -23.418 -15.099 -19.559 1.00 29.88 ? 16  DG  B C4    1 
ATOM   888  P P     . DA  B 2 17 ? -24.397 -20.414 -22.802 1.00 45.71 ? 17  DA  B P     1 
ATOM   889  O OP1   . DA  B 2 17 ? -25.491 -21.190 -23.386 1.00 50.50 ? 17  DA  B OP1   1 
ATOM   890  O OP2   . DA  B 2 17 ? -23.031 -20.921 -22.873 1.00 40.21 ? 17  DA  B OP2   1 
ATOM   891  O "O5'" . DA  B 2 17 ? -24.411 -18.952 -23.426 1.00 38.99 ? 17  DA  B "O5'" 1 
ATOM   892  C "C5'" . DA  B 2 17 ? -25.633 -18.209 -23.444 1.00 39.66 ? 17  DA  B "C5'" 1 
ATOM   893  C "C4'" . DA  B 2 17 ? -25.449 -16.773 -23.883 1.00 36.35 ? 17  DA  B "C4'" 1 
ATOM   894  O "O4'" . DA  B 2 17 ? -24.509 -16.066 -23.058 1.00 39.74 ? 17  DA  B "O4'" 1 
ATOM   895  C "C3'" . DA  B 2 17 ? -24.944 -16.520 -25.293 1.00 29.30 ? 17  DA  B "C3'" 1 
ATOM   896  O "O3'" . DA  B 2 17 ? -25.983 -16.496 -26.268 1.00 35.53 ? 17  DA  B "O3'" 1 
ATOM   897  C "C2'" . DA  B 2 17 ? -24.457 -15.088 -25.201 1.00 35.06 ? 17  DA  B "C2'" 1 
ATOM   898  C "C1'" . DA  B 2 17 ? -24.267 -14.835 -23.711 1.00 31.07 ? 17  DA  B "C1'" 1 
ATOM   899  N N9    . DA  B 2 17 ? -22.912 -14.410 -23.395 1.00 29.15 ? 17  DA  B N9    1 
ATOM   900  C C8    . DA  B 2 17 ? -21.819 -15.191 -23.134 1.00 25.44 ? 17  DA  B C8    1 
ATOM   901  N N7    . DA  B 2 17 ? -20.721 -14.513 -22.930 1.00 23.76 ? 17  DA  B N7    1 
ATOM   902  C C5    . DA  B 2 17 ? -21.112 -13.193 -23.086 1.00 20.41 ? 17  DA  B C5    1 
ATOM   903  C C6    . DA  B 2 17 ? -20.414 -11.984 -22.980 1.00 19.65 ? 17  DA  B C6    1 
ATOM   904  N N6    . DA  B 2 17 ? -19.112 -11.904 -22.707 1.00 20.06 ? 17  DA  B N6    1 
ATOM   905  N N1    . DA  B 2 17 ? -21.101 -10.844 -23.189 1.00 17.67 ? 17  DA  B N1    1 
ATOM   906  C C2    . DA  B 2 17 ? -22.400 -10.925 -23.484 1.00 19.94 ? 17  DA  B C2    1 
ATOM   907  N N3    . DA  B 2 17 ? -23.171 -12.000 -23.596 1.00 20.67 ? 17  DA  B N3    1 
ATOM   908  C C4    . DA  B 2 17 ? -22.458 -13.115 -23.381 1.00 20.68 ? 17  DA  B C4    1 
ATOM   909  P P     . DT  B 2 18 ? -25.622 -16.399 -27.803 1.00 35.25 ? 18  DT  B P     1 
ATOM   910  O OP1   . DT  B 2 18 ? -26.652 -17.119 -28.543 1.00 33.56 ? 18  DT  B OP1   1 
ATOM   911  O OP2   . DT  B 2 18 ? -24.229 -16.794 -27.969 1.00 24.53 ? 18  DT  B OP2   1 
ATOM   912  O "O5'" . DT  B 2 18 ? -25.719 -14.848 -28.111 1.00 20.67 ? 18  DT  B "O5'" 1 
ATOM   913  C "C5'" . DT  B 2 18 ? -26.780 -14.061 -27.580 1.00 23.10 ? 18  DT  B "C5'" 1 
ATOM   914  C "C4'" . DT  B 2 18 ? -26.630 -12.621 -28.006 1.00 28.01 ? 18  DT  B "C4'" 1 
ATOM   915  O "O4'" . DT  B 2 18 ? -25.564 -12.016 -27.242 1.00 28.96 ? 18  DT  B "O4'" 1 
ATOM   916  C "C3'" . DT  B 2 18 ? -26.284 -12.425 -29.484 1.00 24.27 ? 18  DT  B "C3'" 1 
ATOM   917  O "O3'" . DT  B 2 18 ? -27.173 -11.540 -30.175 1.00 29.40 ? 18  DT  B "O3'" 1 
ATOM   918  C "C2'" . DT  B 2 18 ? -24.860 -11.907 -29.474 1.00 24.98 ? 18  DT  B "C2'" 1 
ATOM   919  C "C1'" . DT  B 2 18 ? -24.660 -11.342 -28.082 1.00 25.73 ? 18  DT  B "C1'" 1 
ATOM   920  N N1    . DT  B 2 18 ? -23.308 -11.584 -27.570 1.00 16.93 ? 18  DT  B N1    1 
ATOM   921  C C2    . DT  B 2 18 ? -22.534 -10.510 -27.209 1.00 19.91 ? 18  DT  B C2    1 
ATOM   922  O O2    . DT  B 2 18 ? -22.923 -9.361  -27.268 1.00 18.86 ? 18  DT  B O2    1 
ATOM   923  N N3    . DT  B 2 18 ? -21.286 -10.838 -26.747 1.00 15.82 ? 18  DT  B N3    1 
ATOM   924  C C4    . DT  B 2 18 ? -20.744 -12.100 -26.632 1.00 17.99 ? 18  DT  B C4    1 
ATOM   925  O O4    . DT  B 2 18 ? -19.607 -12.237 -26.208 1.00 18.51 ? 18  DT  B O4    1 
ATOM   926  C C5    . DT  B 2 18 ? -21.612 -13.180 -27.033 1.00 17.01 ? 18  DT  B C5    1 
ATOM   927  C C7    . DT  B 2 18 ? -21.111 -14.585 -26.944 1.00 15.39 ? 18  DT  B C7    1 
ATOM   928  C C6    . DT  B 2 18 ? -22.834 -12.872 -27.474 1.00 17.73 ? 18  DT  B C6    1 
ATOM   929  P P     . DA  B 2 19 ? -27.218 -11.557 -31.749 1.00 28.72 ? 19  DA  B P     1 
ATOM   930  O OP1   . DA  B 2 19 ? -28.607 -11.650 -32.150 1.00 48.36 ? 19  DA  B OP1   1 
ATOM   931  O OP2   . DA  B 2 19 ? -26.263 -12.552 -32.211 1.00 17.49 ? 19  DA  B OP2   1 
ATOM   932  O "O5'" . DA  B 2 19 ? -26.754 -10.096 -32.145 1.00 26.52 ? 19  DA  B "O5'" 1 
ATOM   933  C "C5'" . DA  B 2 19 ? -27.003 -8.982  -31.285 1.00 19.26 ? 19  DA  B "C5'" 1 
ATOM   934  C "C4'" . DA  B 2 19 ? -26.241 -7.770  -31.767 1.00 20.20 ? 19  DA  B "C4'" 1 
ATOM   935  O "O4'" . DA  B 2 19 ? -24.902 -7.796  -31.243 1.00 24.61 ? 19  DA  B "O4'" 1 
ATOM   936  C "C3'" . DA  B 2 19 ? -26.084 -7.638  -33.275 1.00 20.19 ? 19  DA  B "C3'" 1 
ATOM   937  O "O3'" . DA  B 2 19 ? -26.024 -6.251  -33.581 1.00 20.29 ? 19  DA  B "O3'" 1 
ATOM   938  C "C2'" . DA  B 2 19 ? -24.746 -8.303  -33.535 1.00 16.52 ? 19  DA  B "C2'" 1 
ATOM   939  C "C1'" . DA  B 2 19 ? -23.956 -7.994  -32.278 1.00 18.24 ? 19  DA  B "C1'" 1 
ATOM   940  N N9    . DA  B 2 19 ? -23.056 -9.057  -31.844 1.00 17.74 ? 19  DA  B N9    1 
ATOM   941  C C8    . DA  B 2 19 ? -23.179 -10.405 -32.049 1.00 15.83 ? 19  DA  B C8    1 
ATOM   942  N N7    . DA  B 2 19 ? -22.225 -11.112 -31.502 1.00 17.53 ? 19  DA  B N7    1 
ATOM   943  C C5    . DA  B 2 19 ? -21.419 -10.164 -30.891 1.00 16.74 ? 19  DA  B C5    1 
ATOM   944  C C6    . DA  B 2 19 ? -20.242 -10.270 -30.135 1.00 17.70 ? 19  DA  B C6    1 
ATOM   945  N N6    . DA  B 2 19 ? -19.639 -11.425 -29.864 1.00 14.32 ? 19  DA  B N6    1 
ATOM   946  N N1    . DA  B 2 19 ? -19.690 -9.130  -29.675 1.00 15.11 ? 19  DA  B N1    1 
ATOM   947  C C2    . DA  B 2 19 ? -20.297 -7.973  -29.942 1.00 13.16 ? 19  DA  B C2    1 
ATOM   948  N N3    . DA  B 2 19 ? -21.407 -7.746  -30.627 1.00 17.94 ? 19  DA  B N3    1 
ATOM   949  C C4    . DA  B 2 19 ? -21.919 -8.896  -31.094 1.00 16.62 ? 19  DA  B C4    1 
ATOM   950  P P     . DA  B 2 20 ? -26.660 -5.696  -34.879 1.00 22.17 ? 20  DA  B P     1 
ATOM   951  O OP1   . DA  B 2 20 ? -27.246 -4.409  -34.577 1.00 25.37 ? 20  DA  B OP1   1 
ATOM   952  O OP2   . DA  B 2 20 ? -27.471 -6.737  -35.478 1.00 25.26 ? 20  DA  B OP2   1 
ATOM   953  O "O5'" . DA  B 2 20 ? -25.409 -5.433  -35.811 1.00 24.25 ? 20  DA  B "O5'" 1 
ATOM   954  C "C5'" . DA  B 2 20 ? -24.354 -4.559  -35.405 1.00 14.20 ? 20  DA  B "C5'" 1 
ATOM   955  C "C4'" . DA  B 2 20 ? -23.060 -4.995  -36.043 1.00 16.86 ? 20  DA  B "C4'" 1 
ATOM   956  O "O4'" . DA  B 2 20 ? -22.522 -6.112  -35.320 1.00 18.42 ? 20  DA  B "O4'" 1 
ATOM   957  C "C3'" . DA  B 2 20 ? -23.178 -5.455  -37.499 1.00 17.67 ? 20  DA  B "C3'" 1 
ATOM   958  O "O3'" . DA  B 2 20 ? -22.412 -4.599  -38.340 1.00 16.12 ? 20  DA  B "O3'" 1 
ATOM   959  C "C2'" . DA  B 2 20 ? -22.554 -6.839  -37.511 1.00 13.60 ? 20  DA  B "C2'" 1 
ATOM   960  C "C1'" . DA  B 2 20 ? -21.754 -6.837  -36.234 1.00 14.19 ? 20  DA  B "C1'" 1 
ATOM   961  N N9    . DA  B 2 20 ? -21.460 -8.139  -35.657 1.00 12.33 ? 20  DA  B N9    1 
ATOM   962  C C8    . DA  B 2 20 ? -21.951 -9.370  -35.999 1.00 13.24 ? 20  DA  B C8    1 
ATOM   963  N N7    . DA  B 2 20 ? -21.416 -10.356 -35.328 1.00 16.70 ? 20  DA  B N7    1 
ATOM   964  C C5    . DA  B 2 20 ? -20.482 -9.734  -34.514 1.00 14.62 ? 20  DA  B C5    1 
ATOM   965  C C6    . DA  B 2 20 ? -19.571 -10.229 -33.571 1.00 13.51 ? 20  DA  B C6    1 
ATOM   966  N N6    . DA  B 2 20 ? -19.457 -11.515 -33.258 1.00 14.99 ? 20  DA  B N6    1 
ATOM   967  N N1    . DA  B 2 20 ? -18.786 -9.338  -32.933 1.00 16.31 ? 20  DA  B N1    1 
ATOM   968  C C2    . DA  B 2 20 ? -18.914 -8.045  -33.229 1.00 13.22 ? 20  DA  B C2    1 
ATOM   969  N N3    . DA  B 2 20 ? -19.717 -7.461  -34.105 1.00 12.54 ? 20  DA  B N3    1 
ATOM   970  C C4    . DA  B 2 20 ? -20.485 -8.370  -34.723 1.00 14.36 ? 20  DA  B C4    1 
HETATM 971  O O     . HOH C 3 .  ? -4.470  9.747   -3.179  1.00 22.76 ? 101 HOH A O     1 
HETATM 972  O O     . HOH C 3 .  ? -10.645 3.295   -1.964  1.00 30.10 ? 102 HOH A O     1 
HETATM 973  O O     . HOH C 3 .  ? -5.005  12.205  -1.661  1.00 35.60 ? 103 HOH A O     1 
HETATM 974  O O     . HOH C 3 .  ? 2.914   11.545  6.551   1.00 35.20 ? 104 HOH A O     1 
HETATM 975  O O     . HOH C 3 .  ? -7.415  -5.862  9.154   1.00 18.63 ? 105 HOH A O     1 
HETATM 976  O O     . HOH C 3 .  ? 1.726   -1.881  11.884  1.00 31.97 ? 106 HOH A O     1 
HETATM 977  O O     . HOH C 3 .  ? -0.638  -4.404  9.328   1.00 17.59 ? 107 HOH A O     1 
HETATM 978  O O     . HOH C 3 .  ? 8.140   -9.501  -4.680  1.00 14.75 ? 108 HOH A O     1 
HETATM 979  O O     . HOH C 3 .  ? -10.545 9.676   -0.346  1.00 26.22 ? 109 HOH A O     1 
HETATM 980  O O     . HOH C 3 .  ? 8.383   6.974   0.743   1.00 20.92 ? 110 HOH A O     1 
HETATM 981  O O     . HOH C 3 .  ? 6.240   -10.693 0.812   1.00 18.51 ? 111 HOH A O     1 
HETATM 982  O O     . HOH C 3 .  ? 14.076  -1.959  7.631   1.00 38.28 ? 112 HOH A O     1 
HETATM 983  O O     . HOH C 3 .  ? -9.336  -9.179  0.032   1.00 23.34 ? 113 HOH A O     1 
HETATM 984  O O     . HOH C 3 .  ? 9.061   -2.707  -5.262  1.00 19.75 ? 114 HOH A O     1 
HETATM 985  O O     . HOH C 3 .  ? 2.849   11.275  -2.813  1.00 27.73 ? 115 HOH A O     1 
HETATM 986  O O     . HOH C 3 .  ? -1.768  -12.777 -3.006  1.00 13.67 ? 116 HOH A O     1 
HETATM 987  O O     . HOH C 3 .  ? 8.218   -8.556  -21.033 1.00 36.65 ? 117 HOH A O     1 
HETATM 988  O O     . HOH C 3 .  ? 1.481   -6.831  5.111   1.00 25.39 ? 118 HOH A O     1 
HETATM 989  O O     . HOH C 3 .  ? 9.556   -10.702 -19.059 1.00 36.07 ? 119 HOH A O     1 
HETATM 990  O O     . HOH C 3 .  ? 0.877   0.456   3.888   1.00 13.49 ? 120 HOH A O     1 
HETATM 991  O O     . HOH C 3 .  ? 7.194   -8.174  -0.579  1.00 21.81 ? 121 HOH A O     1 
HETATM 992  O O     . HOH C 3 .  ? -5.886  -11.467 0.656   1.00 21.38 ? 122 HOH A O     1 
HETATM 993  O O     . HOH C 3 .  ? -0.700  7.380   -6.562  1.00 11.47 ? 123 HOH A O     1 
HETATM 994  O O     . HOH C 3 .  ? 13.773  -6.175  -16.112 1.00 36.94 ? 124 HOH A O     1 
HETATM 995  O O     . HOH C 3 .  ? -1.567  8.601   14.496  1.00 30.96 ? 125 HOH A O     1 
HETATM 996  O O     . HOH C 3 .  ? 13.707  -7.856  -8.224  1.00 20.27 ? 126 HOH A O     1 
HETATM 997  O O     . HOH C 3 .  ? 9.483   -2.448  0.900   1.00 20.95 ? 127 HOH A O     1 
HETATM 998  O O     . HOH C 3 .  ? 16.466  -0.890  -3.571  1.00 34.47 ? 128 HOH A O     1 
HETATM 999  O O     . HOH C 3 .  ? 1.406   8.832   -5.745  1.00 12.91 ? 129 HOH A O     1 
HETATM 1000 O O     . HOH C 3 .  ? -1.773  12.879  8.482   1.00 26.51 ? 130 HOH A O     1 
HETATM 1001 O O     . HOH C 3 .  ? 14.371  -14.828 -11.364 1.00 34.81 ? 131 HOH A O     1 
HETATM 1002 O O     . HOH C 3 .  ? -11.797 5.190   -1.731  1.00 28.53 ? 132 HOH A O     1 
HETATM 1003 O O     . HOH C 3 .  ? -8.382  6.105   12.747  1.00 26.15 ? 133 HOH A O     1 
HETATM 1004 O O     . HOH C 3 .  ? -9.951  6.485   9.938   1.00 25.77 ? 134 HOH A O     1 
HETATM 1005 O O     . HOH C 3 .  ? 5.879   -6.553  5.773   1.00 23.84 ? 135 HOH A O     1 
HETATM 1006 O O     . HOH C 3 .  ? -12.985 -0.706  5.341   1.00 20.34 ? 136 HOH A O     1 
HETATM 1007 O O     . HOH C 3 .  ? 5.881   -14.872 -2.401  1.00 26.50 ? 137 HOH A O     1 
HETATM 1008 O O     . HOH C 3 .  ? -11.458 3.049   10.473  1.00 23.02 ? 138 HOH A O     1 
HETATM 1009 O O     . HOH C 3 .  ? 2.540   -14.684 -3.169  1.00 23.45 ? 139 HOH A O     1 
HETATM 1010 O O     . HOH C 3 .  ? -9.701  4.382   13.106  1.00 18.15 ? 140 HOH A O     1 
HETATM 1011 O O     . HOH C 3 .  ? 9.458   9.123   2.273   1.00 39.12 ? 141 HOH A O     1 
HETATM 1012 O O     . HOH C 3 .  ? -11.962 -2.355  3.593   1.00 23.89 ? 142 HOH A O     1 
HETATM 1013 O O     . HOH C 3 .  ? -2.394  -11.910 2.539   1.00 32.17 ? 143 HOH A O     1 
HETATM 1014 O O     . HOH C 3 .  ? 12.101  -4.006  -17.247 1.00 34.38 ? 144 HOH A O     1 
HETATM 1015 O O     . HOH C 3 .  ? -1.009  -9.990  3.178   1.00 28.29 ? 145 HOH A O     1 
HETATM 1016 O O     . HOH C 3 .  ? -12.296 -6.181  9.332   1.00 30.73 ? 146 HOH A O     1 
HETATM 1017 O O     . HOH C 3 .  ? -7.244  6.806   15.618  1.00 30.10 ? 147 HOH A O     1 
HETATM 1018 O O     . HOH C 3 .  ? 11.053  3.606   12.323  1.00 42.63 ? 148 HOH A O     1 
HETATM 1019 O O     . HOH C 3 .  ? -8.187  13.925  1.538   1.00 40.86 ? 149 HOH A O     1 
HETATM 1020 O O     . HOH C 3 .  ? 8.563   -6.720  1.346   1.00 32.37 ? 150 HOH A O     1 
HETATM 1021 O O     . HOH C 3 .  ? 7.567   -10.573 3.519   1.00 37.39 ? 151 HOH A O     1 
HETATM 1022 O O     . HOH C 3 .  ? -3.492  10.204  13.158  1.00 27.30 ? 152 HOH A O     1 
HETATM 1023 O O     . HOH C 3 .  ? 11.256  6.197   11.940  1.00 37.42 ? 153 HOH A O     1 
HETATM 1024 O O     . HOH C 3 .  ? 4.498   12.684  -2.016  1.00 41.55 ? 154 HOH A O     1 
HETATM 1025 O O     . HOH C 3 .  ? -1.195  -14.931 -3.944  1.00 23.08 ? 155 HOH A O     1 
HETATM 1026 O O     . HOH C 3 .  ? 9.239   -7.805  -2.272  1.00 32.19 ? 156 HOH A O     1 
HETATM 1027 O O     . HOH D 3 .  ? -29.296 -3.226  2.773   1.00 45.90 ? 101 HOH B O     1 
HETATM 1028 O O     . HOH D 3 .  ? -6.477  -8.821  9.817   1.00 27.78 ? 102 HOH B O     1 
HETATM 1029 O O     . HOH D 3 .  ? -21.589 1.381   -0.737  1.00 36.87 ? 103 HOH B O     1 
HETATM 1030 O O     . HOH D 3 .  ? -27.608 -8.673  -36.778 1.00 29.20 ? 104 HOH B O     1 
HETATM 1031 O O     . HOH D 3 .  ? -18.781 -5.353  7.331   1.00 37.82 ? 105 HOH B O     1 
HETATM 1032 O O     . HOH D 3 .  ? -25.550 -11.595 -24.156 1.00 29.71 ? 106 HOH B O     1 
HETATM 1033 O O     . HOH D 3 .  ? -18.009 -14.050 -25.559 1.00 22.35 ? 107 HOH B O     1 
HETATM 1034 O O     . HOH D 3 .  ? -29.171 -11.781 -34.619 1.00 34.88 ? 108 HOH B O     1 
HETATM 1035 O O     . HOH D 3 .  ? -23.147 -2.167  -38.502 1.00 21.14 ? 109 HOH B O     1 
HETATM 1036 O O     . HOH D 3 .  ? -1.302  -7.355  11.146  1.00 33.97 ? 110 HOH B O     1 
HETATM 1037 O O     . HOH D 3 .  ? -3.273  3.334   13.045  1.00 16.11 ? 111 HOH B O     1 
HETATM 1038 O O     . HOH D 3 .  ? -17.230 -12.826 -7.926  1.00 30.77 ? 112 HOH B O     1 
HETATM 1039 O O     . HOH D 3 .  ? -13.931 -4.748  17.536  1.00 26.80 ? 113 HOH B O     1 
HETATM 1040 O O     . HOH D 3 .  ? -1.882  6.803   18.552  1.00 21.03 ? 114 HOH B O     1 
HETATM 1041 O O     . HOH D 3 .  ? -8.842  4.588   16.732  1.00 23.37 ? 115 HOH B O     1 
HETATM 1042 O O     . HOH D 3 .  ? -18.460 -15.353 -21.628 1.00 28.65 ? 116 HOH B O     1 
HETATM 1043 O O     . HOH D 3 .  ? -9.868  -12.527 13.868  1.00 29.44 ? 117 HOH B O     1 
HETATM 1044 O O     . HOH D 3 .  ? 3.330   1.733   14.300  1.00 40.99 ? 118 HOH B O     1 
HETATM 1045 O O     . HOH D 3 .  ? 0.471   -4.705  13.125  1.00 33.67 ? 119 HOH B O     1 
HETATM 1046 O O     . HOH D 3 .  ? -28.068 -2.899  -36.847 1.00 32.67 ? 120 HOH B O     1 
HETATM 1047 O O     . HOH D 3 .  ? -22.666 -15.807 -30.145 1.00 32.01 ? 121 HOH B O     1 
HETATM 1048 O O     . HOH D 3 .  ? -20.168 -4.640  -33.536 1.00 24.86 ? 122 HOH B O     1 
HETATM 1049 O O     . HOH D 3 .  ? -18.827 -9.841  -16.175 1.00 26.20 ? 123 HOH B O     1 
HETATM 1050 O O     . HOH D 3 .  ? -18.034 -5.373  -13.954 1.00 24.39 ? 124 HOH B O     1 
HETATM 1051 O O     . HOH D 3 .  ? -8.802  -6.160  17.818  1.00 24.43 ? 125 HOH B O     1 
HETATM 1052 O O     . HOH D 3 .  ? -7.344  5.655   22.051  1.00 23.16 ? 126 HOH B O     1 
HETATM 1053 O O     . HOH D 3 .  ? -22.063 -4.757  -31.081 1.00 29.29 ? 127 HOH B O     1 
HETATM 1054 O O     . HOH D 3 .  ? -14.653 -7.931  10.568  1.00 35.29 ? 128 HOH B O     1 
HETATM 1055 O O     . HOH D 3 .  ? -13.350 -3.489  8.856   1.00 20.40 ? 129 HOH B O     1 
HETATM 1056 O O     . HOH D 3 .  ? -24.670 -6.351  -28.346 1.00 30.07 ? 130 HOH B O     1 
HETATM 1057 O O     . HOH D 3 .  ? -2.821  5.495   15.300  1.00 20.34 ? 131 HOH B O     1 
HETATM 1058 O O     . HOH D 3 .  ? -19.577 -13.896 -35.527 1.00 17.59 ? 132 HOH B O     1 
HETATM 1059 O O     . HOH D 3 .  ? -16.154 -4.827  9.053   1.00 37.84 ? 133 HOH B O     1 
HETATM 1060 O O     . HOH D 3 .  ? -20.938 -14.314 -31.126 1.00 23.12 ? 134 HOH B O     1 
HETATM 1061 O O     . HOH D 3 .  ? -9.999  -7.230  10.391  1.00 31.46 ? 135 HOH B O     1 
HETATM 1062 O O     . HOH D 3 .  ? -20.175 -6.590  -14.168 1.00 33.87 ? 136 HOH B O     1 
HETATM 1063 O O     . HOH D 3 .  ? -16.531 -3.420  18.186  1.00 33.07 ? 137 HOH B O     1 
HETATM 1064 O O     . HOH D 3 .  ? -13.123 -6.907  17.936  1.00 38.08 ? 138 HOH B O     1 
HETATM 1065 O O     . HOH D 3 .  ? -18.419 -16.971 -25.302 1.00 34.37 ? 139 HOH B O     1 
# 
loop_
_pdbx_poly_seq_scheme.asym_id 
_pdbx_poly_seq_scheme.entity_id 
_pdbx_poly_seq_scheme.seq_id 
_pdbx_poly_seq_scheme.mon_id 
_pdbx_poly_seq_scheme.ndb_seq_num 
_pdbx_poly_seq_scheme.pdb_seq_num 
_pdbx_poly_seq_scheme.auth_seq_num 
_pdbx_poly_seq_scheme.pdb_mon_id 
_pdbx_poly_seq_scheme.auth_mon_id 
_pdbx_poly_seq_scheme.pdb_strand_id 
_pdbx_poly_seq_scheme.pdb_ins_code 
_pdbx_poly_seq_scheme.hetero 
A 1 1  PHE 1  4  4  PHE PHE A . n 
A 1 2  GLN 2  5  5  GLN GLN A . n 
A 1 3  LYS 3  6  6  LYS LYS A . n 
A 1 4  ILE 4  7  7  ILE ILE A . n 
A 1 5  TYR 5  8  8  TYR TYR A . n 
A 1 6  SER 6  9  9  SER SER A . n 
A 1 7  PRO 7  10 10 PRO PRO A . n 
A 1 8  THR 8  11 11 THR THR A . n 
A 1 9  GLN 9  12 12 GLN GLN A . n 
A 1 10 LEU 10 13 13 LEU LEU A . n 
A 1 11 ALA 11 14 14 ALA ALA A . n 
A 1 12 ASN 12 15 15 ASN ASN A . n 
A 1 13 ALA 13 16 16 ALA ALA A . n 
A 1 14 MET 14 17 17 MET MET A . n 
A 1 15 LYS 15 18 18 LYS LYS A . n 
A 1 16 LEU 16 19 19 LEU LEU A . n 
A 1 17 VAL 17 20 20 VAL VAL A . n 
A 1 18 ARG 18 21 21 ARG ARG A . n 
A 1 19 GLN 19 22 22 GLN GLN A . n 
A 1 20 GLN 20 23 23 GLN GLN A . n 
A 1 21 ASN 21 24 24 ASN ASN A . n 
A 1 22 GLY 22 25 25 GLY GLY A . n 
A 1 23 TRP 23 26 26 TRP TRP A . n 
A 1 24 THR 24 27 27 THR THR A . n 
A 1 25 GLN 25 28 28 GLN GLN A . n 
A 1 26 SER 26 29 29 SER SER A . n 
A 1 27 GLU 27 30 30 GLU GLU A . n 
A 1 28 LEU 28 31 31 LEU LEU A . n 
A 1 29 ALA 29 32 32 ALA ALA A . n 
A 1 30 LYS 30 33 33 LYS LYS A . n 
A 1 31 LYS 31 34 34 LYS LYS A . n 
A 1 32 ILE 32 35 35 ILE ILE A . n 
A 1 33 GLY 33 36 36 GLY GLY A . n 
A 1 34 ILE 34 37 37 ILE ILE A . n 
A 1 35 LYS 35 38 38 LYS LYS A . n 
A 1 36 GLN 36 39 39 GLN GLN A . n 
A 1 37 ALA 37 40 40 ALA ALA A . n 
A 1 38 THR 38 41 41 THR THR A . n 
A 1 39 ILE 39 42 42 ILE ILE A . n 
A 1 40 SER 40 43 43 SER SER A . n 
A 1 41 ASN 41 44 44 ASN ASN A . n 
A 1 42 PHE 42 45 45 PHE PHE A . n 
A 1 43 GLU 43 46 46 GLU GLU A . n 
A 1 44 ASN 44 47 47 ASN ASN A . n 
A 1 45 ASN 45 48 48 ASN ASN A . n 
A 1 46 PRO 46 49 49 PRO PRO A . n 
A 1 47 ASP 47 50 50 ASP ASP A . n 
A 1 48 ASN 48 51 51 ASN ASN A . n 
A 1 49 THR 49 52 52 THR THR A . n 
A 1 50 THR 50 53 53 THR THR A . n 
A 1 51 LEU 51 54 54 LEU LEU A . n 
A 1 52 THR 52 55 55 THR THR A . n 
A 1 53 THR 53 56 56 THR THR A . n 
A 1 54 PHE 54 57 57 PHE PHE A . n 
A 1 55 PHE 55 58 58 PHE PHE A . n 
A 1 56 LYS 56 59 59 LYS LYS A . n 
A 1 57 ILE 57 60 60 ILE ILE A . n 
A 1 58 LEU 58 61 61 LEU LEU A . n 
A 1 59 GLN 59 62 62 GLN GLN A . n 
A 1 60 SER 60 63 63 SER SER A . n 
A 1 61 LEU 61 64 64 LEU LEU A . n 
A 1 62 GLU 62 65 65 GLU GLU A . n 
A 1 63 LEU 63 66 66 LEU LEU A . n 
A 1 64 SER 64 67 67 SER SER A . n 
A 1 65 MET 65 68 68 MET MET A . n 
A 1 66 THR 66 69 69 THR THR A . n 
A 1 67 LEU 67 70 70 LEU LEU A . n 
A 1 68 CYS 68 71 71 CYS CYS A . n 
A 1 69 ASP 69 72 72 ASP ASP A . n 
A 1 70 ALA 70 73 73 ALA ALA A . n 
A 1 71 LYS 71 74 74 LYS LYS A . n 
B 2 1  DT  1  1  1  DT  DT  B . n 
B 2 2  DT  2  2  2  DT  DT  B . n 
B 2 3  DA  3  3  3  DA  DA  B . n 
B 2 4  DT  4  4  4  DT  DT  B . n 
B 2 5  DC  5  5  5  DC  DC  B . n 
B 2 6  DC  6  6  6  DC  DC  B . n 
B 2 7  DG  7  7  7  DG  DG  B . n 
B 2 8  DC  8  8  8  DC  DC  B . n 
B 2 9  DT  9  9  9  DT  DT  B . n 
B 2 10 DC  10 10 10 DC  DC  B . n 
B 2 11 DT  11 11 11 DT  DT  B . n 
B 2 12 DA  12 12 12 DA  DA  B . n 
B 2 13 DC  13 13 13 DC  DC  B . n 
B 2 14 DG  14 14 14 DG  DG  B . n 
B 2 15 DG  15 15 15 DG  DG  B . n 
B 2 16 DG  16 16 16 DG  DG  B . n 
B 2 17 DA  17 17 17 DA  DA  B . n 
B 2 18 DT  18 18 18 DT  DT  B . n 
B 2 19 DA  19 19 19 DA  DA  B . n 
B 2 20 DA  20 20 20 DA  DA  B . n 
# 
loop_
_pdbx_nonpoly_scheme.asym_id 
_pdbx_nonpoly_scheme.entity_id 
_pdbx_nonpoly_scheme.mon_id 
_pdbx_nonpoly_scheme.ndb_seq_num 
_pdbx_nonpoly_scheme.pdb_seq_num 
_pdbx_nonpoly_scheme.auth_seq_num 
_pdbx_nonpoly_scheme.pdb_mon_id 
_pdbx_nonpoly_scheme.auth_mon_id 
_pdbx_nonpoly_scheme.pdb_strand_id 
_pdbx_nonpoly_scheme.pdb_ins_code 
C 3 HOH 1  101 47 HOH HOH A . 
C 3 HOH 2  102 59 HOH HOH A . 
C 3 HOH 3  103 85 HOH HOH A . 
C 3 HOH 4  104 35 HOH HOH A . 
C 3 HOH 5  105 24 HOH HOH A . 
C 3 HOH 6  106 33 HOH HOH A . 
C 3 HOH 7  107 2  HOH HOH A . 
C 3 HOH 8  108 32 HOH HOH A . 
C 3 HOH 9  109 17 HOH HOH A . 
C 3 HOH 10 110 14 HOH HOH A . 
C 3 HOH 11 111 77 HOH HOH A . 
C 3 HOH 12 112 91 HOH HOH A . 
C 3 HOH 13 113 28 HOH HOH A . 
C 3 HOH 14 114 11 HOH HOH A . 
C 3 HOH 15 115 73 HOH HOH A . 
C 3 HOH 16 116 5  HOH HOH A . 
C 3 HOH 17 117 51 HOH HOH A . 
C 3 HOH 18 118 23 HOH HOH A . 
C 3 HOH 19 119 54 HOH HOH A . 
C 3 HOH 20 120 10 HOH HOH A . 
C 3 HOH 21 121 9  HOH HOH A . 
C 3 HOH 22 122 8  HOH HOH A . 
C 3 HOH 23 123 1  HOH HOH A . 
C 3 HOH 24 124 69 HOH HOH A . 
C 3 HOH 25 125 27 HOH HOH A . 
C 3 HOH 26 126 64 HOH HOH A . 
C 3 HOH 27 127 38 HOH HOH A . 
C 3 HOH 28 128 81 HOH HOH A . 
C 3 HOH 29 129 4  HOH HOH A . 
C 3 HOH 30 130 37 HOH HOH A . 
C 3 HOH 31 131 74 HOH HOH A . 
C 3 HOH 32 132 60 HOH HOH A . 
C 3 HOH 33 133 50 HOH HOH A . 
C 3 HOH 34 134 29 HOH HOH A . 
C 3 HOH 35 135 31 HOH HOH A . 
C 3 HOH 36 136 84 HOH HOH A . 
C 3 HOH 37 137 86 HOH HOH A . 
C 3 HOH 38 138 65 HOH HOH A . 
C 3 HOH 39 139 18 HOH HOH A . 
C 3 HOH 40 140 19 HOH HOH A . 
C 3 HOH 41 141 71 HOH HOH A . 
C 3 HOH 42 142 40 HOH HOH A . 
C 3 HOH 43 143 72 HOH HOH A . 
C 3 HOH 44 144 62 HOH HOH A . 
C 3 HOH 45 145 25 HOH HOH A . 
C 3 HOH 46 146 44 HOH HOH A . 
C 3 HOH 47 147 63 HOH HOH A . 
C 3 HOH 48 148 95 HOH HOH A . 
C 3 HOH 49 149 46 HOH HOH A . 
C 3 HOH 50 150 82 HOH HOH A . 
C 3 HOH 51 151 94 HOH HOH A . 
C 3 HOH 52 152 30 HOH HOH A . 
C 3 HOH 53 153 92 HOH HOH A . 
C 3 HOH 54 154 93 HOH HOH A . 
C 3 HOH 55 155 15 HOH HOH A . 
C 3 HOH 56 156 79 HOH HOH A . 
D 3 HOH 1  101 87 HOH HOH B . 
D 3 HOH 2  102 48 HOH HOH B . 
D 3 HOH 3  103 58 HOH HOH B . 
D 3 HOH 4  104 45 HOH HOH B . 
D 3 HOH 5  105 88 HOH HOH B . 
D 3 HOH 6  106 16 HOH HOH B . 
D 3 HOH 7  107 12 HOH HOH B . 
D 3 HOH 8  108 56 HOH HOH B . 
D 3 HOH 9  109 66 HOH HOH B . 
D 3 HOH 10 110 89 HOH HOH B . 
D 3 HOH 11 111 3  HOH HOH B . 
D 3 HOH 12 112 34 HOH HOH B . 
D 3 HOH 13 113 61 HOH HOH B . 
D 3 HOH 14 114 26 HOH HOH B . 
D 3 HOH 15 115 13 HOH HOH B . 
D 3 HOH 16 116 36 HOH HOH B . 
D 3 HOH 17 117 70 HOH HOH B . 
D 3 HOH 18 118 49 HOH HOH B . 
D 3 HOH 19 119 55 HOH HOH B . 
D 3 HOH 20 120 57 HOH HOH B . 
D 3 HOH 21 121 83 HOH HOH B . 
D 3 HOH 22 122 39 HOH HOH B . 
D 3 HOH 23 123 53 HOH HOH B . 
D 3 HOH 24 124 41 HOH HOH B . 
D 3 HOH 25 125 7  HOH HOH B . 
D 3 HOH 26 126 20 HOH HOH B . 
D 3 HOH 27 127 90 HOH HOH B . 
D 3 HOH 28 128 22 HOH HOH B . 
D 3 HOH 29 129 43 HOH HOH B . 
D 3 HOH 30 130 75 HOH HOH B . 
D 3 HOH 31 131 6  HOH HOH B . 
D 3 HOH 32 132 21 HOH HOH B . 
D 3 HOH 33 133 67 HOH HOH B . 
D 3 HOH 34 134 80 HOH HOH B . 
D 3 HOH 35 135 52 HOH HOH B . 
D 3 HOH 36 136 42 HOH HOH B . 
D 3 HOH 37 137 68 HOH HOH B . 
D 3 HOH 38 138 78 HOH HOH B . 
D 3 HOH 39 139 76 HOH HOH B . 
# 
_pdbx_struct_assembly.id                   1 
_pdbx_struct_assembly.details              author_and_software_defined_assembly 
_pdbx_struct_assembly.method_details       PISA 
_pdbx_struct_assembly.oligomeric_details   tetrameric 
_pdbx_struct_assembly.oligomeric_count     4 
# 
_pdbx_struct_assembly_gen.assembly_id       1 
_pdbx_struct_assembly_gen.oper_expression   1,2 
_pdbx_struct_assembly_gen.asym_id_list      A,B,C,D 
# 
loop_
_pdbx_struct_assembly_prop.biol_id 
_pdbx_struct_assembly_prop.type 
_pdbx_struct_assembly_prop.value 
_pdbx_struct_assembly_prop.details 
1 'ABSA (A^2)' 7050  ? 
1 MORE         -52   ? 
1 'SSA (A^2)'  12400 ? 
# 
loop_
_pdbx_struct_oper_list.id 
_pdbx_struct_oper_list.type 
_pdbx_struct_oper_list.name 
_pdbx_struct_oper_list.symmetry_operation 
_pdbx_struct_oper_list.matrix[1][1] 
_pdbx_struct_oper_list.matrix[1][2] 
_pdbx_struct_oper_list.matrix[1][3] 
_pdbx_struct_oper_list.vector[1] 
_pdbx_struct_oper_list.matrix[2][1] 
_pdbx_struct_oper_list.matrix[2][2] 
_pdbx_struct_oper_list.matrix[2][3] 
_pdbx_struct_oper_list.vector[2] 
_pdbx_struct_oper_list.matrix[3][1] 
_pdbx_struct_oper_list.matrix[3][2] 
_pdbx_struct_oper_list.matrix[3][3] 
_pdbx_struct_oper_list.vector[3] 
1 'identity operation'         1_555  x,y,z              1.0000000000 0.0000000000 0.0000000000  0.0000000000  0.0000000000 1.0000000000  0.0000000000  0.0000000000  0.0000000000  0.0000000000  1.0000000000  0.0000000000   
2 'crystal symmetry operation' 13_455 y-1/4,x+1/4,-z+1/4 0.7955454065 0.3773097201 -0.4740726541 -3.4906558931 0.3773097201 -0.9207134365 -0.0996199928 -4.6481451025 -0.4740726541 -0.0996199928 -0.8748319700 -16.9202366188 
# 
loop_
_pdbx_audit_revision_history.ordinal 
_pdbx_audit_revision_history.data_content_type 
_pdbx_audit_revision_history.major_revision 
_pdbx_audit_revision_history.minor_revision 
_pdbx_audit_revision_history.revision_date 
1 'Structure model' 1 0 2016-07-06 
2 'Structure model' 1 1 2017-11-22 
3 'Structure model' 1 2 2023-09-27 
# 
_pdbx_audit_revision_details.ordinal             1 
_pdbx_audit_revision_details.revision_ordinal    1 
_pdbx_audit_revision_details.data_content_type   'Structure model' 
_pdbx_audit_revision_details.provider            repository 
_pdbx_audit_revision_details.type                'Initial release' 
_pdbx_audit_revision_details.description         ? 
_pdbx_audit_revision_details.details             ? 
# 
loop_
_pdbx_audit_revision_group.ordinal 
_pdbx_audit_revision_group.revision_ordinal 
_pdbx_audit_revision_group.data_content_type 
_pdbx_audit_revision_group.group 
1 2 'Structure model' 'Derived calculations'   
2 2 'Structure model' 'Refinement description' 
3 3 'Structure model' 'Data collection'        
4 3 'Structure model' 'Database references'    
5 3 'Structure model' 'Refinement description' 
# 
loop_
_pdbx_audit_revision_category.ordinal 
_pdbx_audit_revision_category.revision_ordinal 
_pdbx_audit_revision_category.data_content_type 
_pdbx_audit_revision_category.category 
1 2 'Structure model' pdbx_struct_oper_list         
2 2 'Structure model' software                      
3 3 'Structure model' chem_comp_atom                
4 3 'Structure model' chem_comp_bond                
5 3 'Structure model' database_2                    
6 3 'Structure model' pdbx_initial_refinement_model 
# 
loop_
_pdbx_audit_revision_item.ordinal 
_pdbx_audit_revision_item.revision_ordinal 
_pdbx_audit_revision_item.data_content_type 
_pdbx_audit_revision_item.item 
1 2 'Structure model' '_pdbx_struct_oper_list.symmetry_operation' 
2 3 'Structure model' '_database_2.pdbx_DOI'                      
3 3 'Structure model' '_database_2.pdbx_database_accession'       
# 
loop_
_software.citation_id 
_software.classification 
_software.compiler_name 
_software.compiler_version 
_software.contact_author 
_software.contact_author_email 
_software.date 
_software.description 
_software.dependencies 
_software.hardware 
_software.language 
_software.location 
_software.mods 
_software.name 
_software.os 
_software.os_version 
_software.type 
_software.version 
_software.pdbx_ordinal 
? 'data reduction'  ? ? ? ? ? ? ? ? ? ? ? HKL-3000    ? ? ? .                             1 
? refinement        ? ? ? ? ? ? ? ? ? ? ? PHENIX      ? ? ? '(phenix.refine: 1.8.1_1168)' 2 
? 'data extraction' ? ? ? ? ? ? ? ? ? ? ? PDB_EXTRACT ? ? ? 3.14                          3 
? 'data scaling'    ? ? ? ? ? ? ? ? ? ? ? HKL-3000    ? ? ? .                             4 
? phasing           ? ? ? ? ? ? ? ? ? ? ? PHASER      ? ? ? .                             5 
? 'data reduction'  ? ? ? ? ? ? ? ? ? ? ? DENZO       ? ? ? .                             6 
? 'data scaling'    ? ? ? ? ? ? ? ? ? ? ? SCALEPACK   ? ? ? .                             7 
# 
_pdbx_validate_symm_contact.id                1 
_pdbx_validate_symm_contact.PDB_model_num     1 
_pdbx_validate_symm_contact.auth_atom_id_1    N2 
_pdbx_validate_symm_contact.auth_asym_id_1    B 
_pdbx_validate_symm_contact.auth_comp_id_1    DG 
_pdbx_validate_symm_contact.auth_seq_id_1     7 
_pdbx_validate_symm_contact.PDB_ins_code_1    ? 
_pdbx_validate_symm_contact.label_alt_id_1    ? 
_pdbx_validate_symm_contact.site_symmetry_1   1_555 
_pdbx_validate_symm_contact.auth_atom_id_2    N2 
_pdbx_validate_symm_contact.auth_asym_id_2    B 
_pdbx_validate_symm_contact.auth_comp_id_2    DG 
_pdbx_validate_symm_contact.auth_seq_id_2     14 
_pdbx_validate_symm_contact.PDB_ins_code_2    ? 
_pdbx_validate_symm_contact.label_alt_id_2    ? 
_pdbx_validate_symm_contact.site_symmetry_2   13_455 
_pdbx_validate_symm_contact.dist              1.61 
# 
loop_
_chem_comp_atom.comp_id 
_chem_comp_atom.atom_id 
_chem_comp_atom.type_symbol 
_chem_comp_atom.pdbx_aromatic_flag 
_chem_comp_atom.pdbx_stereo_config 
_chem_comp_atom.pdbx_ordinal 
ALA N      N N N 1   
ALA CA     C N S 2   
ALA C      C N N 3   
ALA O      O N N 4   
ALA CB     C N N 5   
ALA OXT    O N N 6   
ALA H      H N N 7   
ALA H2     H N N 8   
ALA HA     H N N 9   
ALA HB1    H N N 10  
ALA HB2    H N N 11  
ALA HB3    H N N 12  
ALA HXT    H N N 13  
ARG N      N N N 14  
ARG CA     C N S 15  
ARG C      C N N 16  
ARG O      O N N 17  
ARG CB     C N N 18  
ARG CG     C N N 19  
ARG CD     C N N 20  
ARG NE     N N N 21  
ARG CZ     C N N 22  
ARG NH1    N N N 23  
ARG NH2    N N N 24  
ARG OXT    O N N 25  
ARG H      H N N 26  
ARG H2     H N N 27  
ARG HA     H N N 28  
ARG HB2    H N N 29  
ARG HB3    H N N 30  
ARG HG2    H N N 31  
ARG HG3    H N N 32  
ARG HD2    H N N 33  
ARG HD3    H N N 34  
ARG HE     H N N 35  
ARG HH11   H N N 36  
ARG HH12   H N N 37  
ARG HH21   H N N 38  
ARG HH22   H N N 39  
ARG HXT    H N N 40  
ASN N      N N N 41  
ASN CA     C N S 42  
ASN C      C N N 43  
ASN O      O N N 44  
ASN CB     C N N 45  
ASN CG     C N N 46  
ASN OD1    O N N 47  
ASN ND2    N N N 48  
ASN OXT    O N N 49  
ASN H      H N N 50  
ASN H2     H N N 51  
ASN HA     H N N 52  
ASN HB2    H N N 53  
ASN HB3    H N N 54  
ASN HD21   H N N 55  
ASN HD22   H N N 56  
ASN HXT    H N N 57  
ASP N      N N N 58  
ASP CA     C N S 59  
ASP C      C N N 60  
ASP O      O N N 61  
ASP CB     C N N 62  
ASP CG     C N N 63  
ASP OD1    O N N 64  
ASP OD2    O N N 65  
ASP OXT    O N N 66  
ASP H      H N N 67  
ASP H2     H N N 68  
ASP HA     H N N 69  
ASP HB2    H N N 70  
ASP HB3    H N N 71  
ASP HD2    H N N 72  
ASP HXT    H N N 73  
CYS N      N N N 74  
CYS CA     C N R 75  
CYS C      C N N 76  
CYS O      O N N 77  
CYS CB     C N N 78  
CYS SG     S N N 79  
CYS OXT    O N N 80  
CYS H      H N N 81  
CYS H2     H N N 82  
CYS HA     H N N 83  
CYS HB2    H N N 84  
CYS HB3    H N N 85  
CYS HG     H N N 86  
CYS HXT    H N N 87  
DA  OP3    O N N 88  
DA  P      P N N 89  
DA  OP1    O N N 90  
DA  OP2    O N N 91  
DA  "O5'"  O N N 92  
DA  "C5'"  C N N 93  
DA  "C4'"  C N R 94  
DA  "O4'"  O N N 95  
DA  "C3'"  C N S 96  
DA  "O3'"  O N N 97  
DA  "C2'"  C N N 98  
DA  "C1'"  C N R 99  
DA  N9     N Y N 100 
DA  C8     C Y N 101 
DA  N7     N Y N 102 
DA  C5     C Y N 103 
DA  C6     C Y N 104 
DA  N6     N N N 105 
DA  N1     N Y N 106 
DA  C2     C Y N 107 
DA  N3     N Y N 108 
DA  C4     C Y N 109 
DA  HOP3   H N N 110 
DA  HOP2   H N N 111 
DA  "H5'"  H N N 112 
DA  "H5''" H N N 113 
DA  "H4'"  H N N 114 
DA  "H3'"  H N N 115 
DA  "HO3'" H N N 116 
DA  "H2'"  H N N 117 
DA  "H2''" H N N 118 
DA  "H1'"  H N N 119 
DA  H8     H N N 120 
DA  H61    H N N 121 
DA  H62    H N N 122 
DA  H2     H N N 123 
DC  OP3    O N N 124 
DC  P      P N N 125 
DC  OP1    O N N 126 
DC  OP2    O N N 127 
DC  "O5'"  O N N 128 
DC  "C5'"  C N N 129 
DC  "C4'"  C N R 130 
DC  "O4'"  O N N 131 
DC  "C3'"  C N S 132 
DC  "O3'"  O N N 133 
DC  "C2'"  C N N 134 
DC  "C1'"  C N R 135 
DC  N1     N N N 136 
DC  C2     C N N 137 
DC  O2     O N N 138 
DC  N3     N N N 139 
DC  C4     C N N 140 
DC  N4     N N N 141 
DC  C5     C N N 142 
DC  C6     C N N 143 
DC  HOP3   H N N 144 
DC  HOP2   H N N 145 
DC  "H5'"  H N N 146 
DC  "H5''" H N N 147 
DC  "H4'"  H N N 148 
DC  "H3'"  H N N 149 
DC  "HO3'" H N N 150 
DC  "H2'"  H N N 151 
DC  "H2''" H N N 152 
DC  "H1'"  H N N 153 
DC  H41    H N N 154 
DC  H42    H N N 155 
DC  H5     H N N 156 
DC  H6     H N N 157 
DG  OP3    O N N 158 
DG  P      P N N 159 
DG  OP1    O N N 160 
DG  OP2    O N N 161 
DG  "O5'"  O N N 162 
DG  "C5'"  C N N 163 
DG  "C4'"  C N R 164 
DG  "O4'"  O N N 165 
DG  "C3'"  C N S 166 
DG  "O3'"  O N N 167 
DG  "C2'"  C N N 168 
DG  "C1'"  C N R 169 
DG  N9     N Y N 170 
DG  C8     C Y N 171 
DG  N7     N Y N 172 
DG  C5     C Y N 173 
DG  C6     C N N 174 
DG  O6     O N N 175 
DG  N1     N N N 176 
DG  C2     C N N 177 
DG  N2     N N N 178 
DG  N3     N N N 179 
DG  C4     C Y N 180 
DG  HOP3   H N N 181 
DG  HOP2   H N N 182 
DG  "H5'"  H N N 183 
DG  "H5''" H N N 184 
DG  "H4'"  H N N 185 
DG  "H3'"  H N N 186 
DG  "HO3'" H N N 187 
DG  "H2'"  H N N 188 
DG  "H2''" H N N 189 
DG  "H1'"  H N N 190 
DG  H8     H N N 191 
DG  H1     H N N 192 
DG  H21    H N N 193 
DG  H22    H N N 194 
DT  OP3    O N N 195 
DT  P      P N N 196 
DT  OP1    O N N 197 
DT  OP2    O N N 198 
DT  "O5'"  O N N 199 
DT  "C5'"  C N N 200 
DT  "C4'"  C N R 201 
DT  "O4'"  O N N 202 
DT  "C3'"  C N S 203 
DT  "O3'"  O N N 204 
DT  "C2'"  C N N 205 
DT  "C1'"  C N R 206 
DT  N1     N N N 207 
DT  C2     C N N 208 
DT  O2     O N N 209 
DT  N3     N N N 210 
DT  C4     C N N 211 
DT  O4     O N N 212 
DT  C5     C N N 213 
DT  C7     C N N 214 
DT  C6     C N N 215 
DT  HOP3   H N N 216 
DT  HOP2   H N N 217 
DT  "H5'"  H N N 218 
DT  "H5''" H N N 219 
DT  "H4'"  H N N 220 
DT  "H3'"  H N N 221 
DT  "HO3'" H N N 222 
DT  "H2'"  H N N 223 
DT  "H2''" H N N 224 
DT  "H1'"  H N N 225 
DT  H3     H N N 226 
DT  H71    H N N 227 
DT  H72    H N N 228 
DT  H73    H N N 229 
DT  H6     H N N 230 
GLN N      N N N 231 
GLN CA     C N S 232 
GLN C      C N N 233 
GLN O      O N N 234 
GLN CB     C N N 235 
GLN CG     C N N 236 
GLN CD     C N N 237 
GLN OE1    O N N 238 
GLN NE2    N N N 239 
GLN OXT    O N N 240 
GLN H      H N N 241 
GLN H2     H N N 242 
GLN HA     H N N 243 
GLN HB2    H N N 244 
GLN HB3    H N N 245 
GLN HG2    H N N 246 
GLN HG3    H N N 247 
GLN HE21   H N N 248 
GLN HE22   H N N 249 
GLN HXT    H N N 250 
GLU N      N N N 251 
GLU CA     C N S 252 
GLU C      C N N 253 
GLU O      O N N 254 
GLU CB     C N N 255 
GLU CG     C N N 256 
GLU CD     C N N 257 
GLU OE1    O N N 258 
GLU OE2    O N N 259 
GLU OXT    O N N 260 
GLU H      H N N 261 
GLU H2     H N N 262 
GLU HA     H N N 263 
GLU HB2    H N N 264 
GLU HB3    H N N 265 
GLU HG2    H N N 266 
GLU HG3    H N N 267 
GLU HE2    H N N 268 
GLU HXT    H N N 269 
GLY N      N N N 270 
GLY CA     C N N 271 
GLY C      C N N 272 
GLY O      O N N 273 
GLY OXT    O N N 274 
GLY H      H N N 275 
GLY H2     H N N 276 
GLY HA2    H N N 277 
GLY HA3    H N N 278 
GLY HXT    H N N 279 
HOH O      O N N 280 
HOH H1     H N N 281 
HOH H2     H N N 282 
ILE N      N N N 283 
ILE CA     C N S 284 
ILE C      C N N 285 
ILE O      O N N 286 
ILE CB     C N S 287 
ILE CG1    C N N 288 
ILE CG2    C N N 289 
ILE CD1    C N N 290 
ILE OXT    O N N 291 
ILE H      H N N 292 
ILE H2     H N N 293 
ILE HA     H N N 294 
ILE HB     H N N 295 
ILE HG12   H N N 296 
ILE HG13   H N N 297 
ILE HG21   H N N 298 
ILE HG22   H N N 299 
ILE HG23   H N N 300 
ILE HD11   H N N 301 
ILE HD12   H N N 302 
ILE HD13   H N N 303 
ILE HXT    H N N 304 
LEU N      N N N 305 
LEU CA     C N S 306 
LEU C      C N N 307 
LEU O      O N N 308 
LEU CB     C N N 309 
LEU CG     C N N 310 
LEU CD1    C N N 311 
LEU CD2    C N N 312 
LEU OXT    O N N 313 
LEU H      H N N 314 
LEU H2     H N N 315 
LEU HA     H N N 316 
LEU HB2    H N N 317 
LEU HB3    H N N 318 
LEU HG     H N N 319 
LEU HD11   H N N 320 
LEU HD12   H N N 321 
LEU HD13   H N N 322 
LEU HD21   H N N 323 
LEU HD22   H N N 324 
LEU HD23   H N N 325 
LEU HXT    H N N 326 
LYS N      N N N 327 
LYS CA     C N S 328 
LYS C      C N N 329 
LYS O      O N N 330 
LYS CB     C N N 331 
LYS CG     C N N 332 
LYS CD     C N N 333 
LYS CE     C N N 334 
LYS NZ     N N N 335 
LYS OXT    O N N 336 
LYS H      H N N 337 
LYS H2     H N N 338 
LYS HA     H N N 339 
LYS HB2    H N N 340 
LYS HB3    H N N 341 
LYS HG2    H N N 342 
LYS HG3    H N N 343 
LYS HD2    H N N 344 
LYS HD3    H N N 345 
LYS HE2    H N N 346 
LYS HE3    H N N 347 
LYS HZ1    H N N 348 
LYS HZ2    H N N 349 
LYS HZ3    H N N 350 
LYS HXT    H N N 351 
MET N      N N N 352 
MET CA     C N S 353 
MET C      C N N 354 
MET O      O N N 355 
MET CB     C N N 356 
MET CG     C N N 357 
MET SD     S N N 358 
MET CE     C N N 359 
MET OXT    O N N 360 
MET H      H N N 361 
MET H2     H N N 362 
MET HA     H N N 363 
MET HB2    H N N 364 
MET HB3    H N N 365 
MET HG2    H N N 366 
MET HG3    H N N 367 
MET HE1    H N N 368 
MET HE2    H N N 369 
MET HE3    H N N 370 
MET HXT    H N N 371 
PHE N      N N N 372 
PHE CA     C N S 373 
PHE C      C N N 374 
PHE O      O N N 375 
PHE CB     C N N 376 
PHE CG     C Y N 377 
PHE CD1    C Y N 378 
PHE CD2    C Y N 379 
PHE CE1    C Y N 380 
PHE CE2    C Y N 381 
PHE CZ     C Y N 382 
PHE OXT    O N N 383 
PHE H      H N N 384 
PHE H2     H N N 385 
PHE HA     H N N 386 
PHE HB2    H N N 387 
PHE HB3    H N N 388 
PHE HD1    H N N 389 
PHE HD2    H N N 390 
PHE HE1    H N N 391 
PHE HE2    H N N 392 
PHE HZ     H N N 393 
PHE HXT    H N N 394 
PRO N      N N N 395 
PRO CA     C N S 396 
PRO C      C N N 397 
PRO O      O N N 398 
PRO CB     C N N 399 
PRO CG     C N N 400 
PRO CD     C N N 401 
PRO OXT    O N N 402 
PRO H      H N N 403 
PRO HA     H N N 404 
PRO HB2    H N N 405 
PRO HB3    H N N 406 
PRO HG2    H N N 407 
PRO HG3    H N N 408 
PRO HD2    H N N 409 
PRO HD3    H N N 410 
PRO HXT    H N N 411 
SER N      N N N 412 
SER CA     C N S 413 
SER C      C N N 414 
SER O      O N N 415 
SER CB     C N N 416 
SER OG     O N N 417 
SER OXT    O N N 418 
SER H      H N N 419 
SER H2     H N N 420 
SER HA     H N N 421 
SER HB2    H N N 422 
SER HB3    H N N 423 
SER HG     H N N 424 
SER HXT    H N N 425 
THR N      N N N 426 
THR CA     C N S 427 
THR C      C N N 428 
THR O      O N N 429 
THR CB     C N R 430 
THR OG1    O N N 431 
THR CG2    C N N 432 
THR OXT    O N N 433 
THR H      H N N 434 
THR H2     H N N 435 
THR HA     H N N 436 
THR HB     H N N 437 
THR HG1    H N N 438 
THR HG21   H N N 439 
THR HG22   H N N 440 
THR HG23   H N N 441 
THR HXT    H N N 442 
TRP N      N N N 443 
TRP CA     C N S 444 
TRP C      C N N 445 
TRP O      O N N 446 
TRP CB     C N N 447 
TRP CG     C Y N 448 
TRP CD1    C Y N 449 
TRP CD2    C Y N 450 
TRP NE1    N Y N 451 
TRP CE2    C Y N 452 
TRP CE3    C Y N 453 
TRP CZ2    C Y N 454 
TRP CZ3    C Y N 455 
TRP CH2    C Y N 456 
TRP OXT    O N N 457 
TRP H      H N N 458 
TRP H2     H N N 459 
TRP HA     H N N 460 
TRP HB2    H N N 461 
TRP HB3    H N N 462 
TRP HD1    H N N 463 
TRP HE1    H N N 464 
TRP HE3    H N N 465 
TRP HZ2    H N N 466 
TRP HZ3    H N N 467 
TRP HH2    H N N 468 
TRP HXT    H N N 469 
TYR N      N N N 470 
TYR CA     C N S 471 
TYR C      C N N 472 
TYR O      O N N 473 
TYR CB     C N N 474 
TYR CG     C Y N 475 
TYR CD1    C Y N 476 
TYR CD2    C Y N 477 
TYR CE1    C Y N 478 
TYR CE2    C Y N 479 
TYR CZ     C Y N 480 
TYR OH     O N N 481 
TYR OXT    O N N 482 
TYR H      H N N 483 
TYR H2     H N N 484 
TYR HA     H N N 485 
TYR HB2    H N N 486 
TYR HB3    H N N 487 
TYR HD1    H N N 488 
TYR HD2    H N N 489 
TYR HE1    H N N 490 
TYR HE2    H N N 491 
TYR HH     H N N 492 
TYR HXT    H N N 493 
VAL N      N N N 494 
VAL CA     C N S 495 
VAL C      C N N 496 
VAL O      O N N 497 
VAL CB     C N N 498 
VAL CG1    C N N 499 
VAL CG2    C N N 500 
VAL OXT    O N N 501 
VAL H      H N N 502 
VAL H2     H N N 503 
VAL HA     H N N 504 
VAL HB     H N N 505 
VAL HG11   H N N 506 
VAL HG12   H N N 507 
VAL HG13   H N N 508 
VAL HG21   H N N 509 
VAL HG22   H N N 510 
VAL HG23   H N N 511 
VAL HXT    H N N 512 
# 
loop_
_chem_comp_bond.comp_id 
_chem_comp_bond.atom_id_1 
_chem_comp_bond.atom_id_2 
_chem_comp_bond.value_order 
_chem_comp_bond.pdbx_aromatic_flag 
_chem_comp_bond.pdbx_stereo_config 
_chem_comp_bond.pdbx_ordinal 
ALA N     CA     sing N N 1   
ALA N     H      sing N N 2   
ALA N     H2     sing N N 3   
ALA CA    C      sing N N 4   
ALA CA    CB     sing N N 5   
ALA CA    HA     sing N N 6   
ALA C     O      doub N N 7   
ALA C     OXT    sing N N 8   
ALA CB    HB1    sing N N 9   
ALA CB    HB2    sing N N 10  
ALA CB    HB3    sing N N 11  
ALA OXT   HXT    sing N N 12  
ARG N     CA     sing N N 13  
ARG N     H      sing N N 14  
ARG N     H2     sing N N 15  
ARG CA    C      sing N N 16  
ARG CA    CB     sing N N 17  
ARG CA    HA     sing N N 18  
ARG C     O      doub N N 19  
ARG C     OXT    sing N N 20  
ARG CB    CG     sing N N 21  
ARG CB    HB2    sing N N 22  
ARG CB    HB3    sing N N 23  
ARG CG    CD     sing N N 24  
ARG CG    HG2    sing N N 25  
ARG CG    HG3    sing N N 26  
ARG CD    NE     sing N N 27  
ARG CD    HD2    sing N N 28  
ARG CD    HD3    sing N N 29  
ARG NE    CZ     sing N N 30  
ARG NE    HE     sing N N 31  
ARG CZ    NH1    sing N N 32  
ARG CZ    NH2    doub N N 33  
ARG NH1   HH11   sing N N 34  
ARG NH1   HH12   sing N N 35  
ARG NH2   HH21   sing N N 36  
ARG NH2   HH22   sing N N 37  
ARG OXT   HXT    sing N N 38  
ASN N     CA     sing N N 39  
ASN N     H      sing N N 40  
ASN N     H2     sing N N 41  
ASN CA    C      sing N N 42  
ASN CA    CB     sing N N 43  
ASN CA    HA     sing N N 44  
ASN C     O      doub N N 45  
ASN C     OXT    sing N N 46  
ASN CB    CG     sing N N 47  
ASN CB    HB2    sing N N 48  
ASN CB    HB3    sing N N 49  
ASN CG    OD1    doub N N 50  
ASN CG    ND2    sing N N 51  
ASN ND2   HD21   sing N N 52  
ASN ND2   HD22   sing N N 53  
ASN OXT   HXT    sing N N 54  
ASP N     CA     sing N N 55  
ASP N     H      sing N N 56  
ASP N     H2     sing N N 57  
ASP CA    C      sing N N 58  
ASP CA    CB     sing N N 59  
ASP CA    HA     sing N N 60  
ASP C     O      doub N N 61  
ASP C     OXT    sing N N 62  
ASP CB    CG     sing N N 63  
ASP CB    HB2    sing N N 64  
ASP CB    HB3    sing N N 65  
ASP CG    OD1    doub N N 66  
ASP CG    OD2    sing N N 67  
ASP OD2   HD2    sing N N 68  
ASP OXT   HXT    sing N N 69  
CYS N     CA     sing N N 70  
CYS N     H      sing N N 71  
CYS N     H2     sing N N 72  
CYS CA    C      sing N N 73  
CYS CA    CB     sing N N 74  
CYS CA    HA     sing N N 75  
CYS C     O      doub N N 76  
CYS C     OXT    sing N N 77  
CYS CB    SG     sing N N 78  
CYS CB    HB2    sing N N 79  
CYS CB    HB3    sing N N 80  
CYS SG    HG     sing N N 81  
CYS OXT   HXT    sing N N 82  
DA  OP3   P      sing N N 83  
DA  OP3   HOP3   sing N N 84  
DA  P     OP1    doub N N 85  
DA  P     OP2    sing N N 86  
DA  P     "O5'"  sing N N 87  
DA  OP2   HOP2   sing N N 88  
DA  "O5'" "C5'"  sing N N 89  
DA  "C5'" "C4'"  sing N N 90  
DA  "C5'" "H5'"  sing N N 91  
DA  "C5'" "H5''" sing N N 92  
DA  "C4'" "O4'"  sing N N 93  
DA  "C4'" "C3'"  sing N N 94  
DA  "C4'" "H4'"  sing N N 95  
DA  "O4'" "C1'"  sing N N 96  
DA  "C3'" "O3'"  sing N N 97  
DA  "C3'" "C2'"  sing N N 98  
DA  "C3'" "H3'"  sing N N 99  
DA  "O3'" "HO3'" sing N N 100 
DA  "C2'" "C1'"  sing N N 101 
DA  "C2'" "H2'"  sing N N 102 
DA  "C2'" "H2''" sing N N 103 
DA  "C1'" N9     sing N N 104 
DA  "C1'" "H1'"  sing N N 105 
DA  N9    C8     sing Y N 106 
DA  N9    C4     sing Y N 107 
DA  C8    N7     doub Y N 108 
DA  C8    H8     sing N N 109 
DA  N7    C5     sing Y N 110 
DA  C5    C6     sing Y N 111 
DA  C5    C4     doub Y N 112 
DA  C6    N6     sing N N 113 
DA  C6    N1     doub Y N 114 
DA  N6    H61    sing N N 115 
DA  N6    H62    sing N N 116 
DA  N1    C2     sing Y N 117 
DA  C2    N3     doub Y N 118 
DA  C2    H2     sing N N 119 
DA  N3    C4     sing Y N 120 
DC  OP3   P      sing N N 121 
DC  OP3   HOP3   sing N N 122 
DC  P     OP1    doub N N 123 
DC  P     OP2    sing N N 124 
DC  P     "O5'"  sing N N 125 
DC  OP2   HOP2   sing N N 126 
DC  "O5'" "C5'"  sing N N 127 
DC  "C5'" "C4'"  sing N N 128 
DC  "C5'" "H5'"  sing N N 129 
DC  "C5'" "H5''" sing N N 130 
DC  "C4'" "O4'"  sing N N 131 
DC  "C4'" "C3'"  sing N N 132 
DC  "C4'" "H4'"  sing N N 133 
DC  "O4'" "C1'"  sing N N 134 
DC  "C3'" "O3'"  sing N N 135 
DC  "C3'" "C2'"  sing N N 136 
DC  "C3'" "H3'"  sing N N 137 
DC  "O3'" "HO3'" sing N N 138 
DC  "C2'" "C1'"  sing N N 139 
DC  "C2'" "H2'"  sing N N 140 
DC  "C2'" "H2''" sing N N 141 
DC  "C1'" N1     sing N N 142 
DC  "C1'" "H1'"  sing N N 143 
DC  N1    C2     sing N N 144 
DC  N1    C6     sing N N 145 
DC  C2    O2     doub N N 146 
DC  C2    N3     sing N N 147 
DC  N3    C4     doub N N 148 
DC  C4    N4     sing N N 149 
DC  C4    C5     sing N N 150 
DC  N4    H41    sing N N 151 
DC  N4    H42    sing N N 152 
DC  C5    C6     doub N N 153 
DC  C5    H5     sing N N 154 
DC  C6    H6     sing N N 155 
DG  OP3   P      sing N N 156 
DG  OP3   HOP3   sing N N 157 
DG  P     OP1    doub N N 158 
DG  P     OP2    sing N N 159 
DG  P     "O5'"  sing N N 160 
DG  OP2   HOP2   sing N N 161 
DG  "O5'" "C5'"  sing N N 162 
DG  "C5'" "C4'"  sing N N 163 
DG  "C5'" "H5'"  sing N N 164 
DG  "C5'" "H5''" sing N N 165 
DG  "C4'" "O4'"  sing N N 166 
DG  "C4'" "C3'"  sing N N 167 
DG  "C4'" "H4'"  sing N N 168 
DG  "O4'" "C1'"  sing N N 169 
DG  "C3'" "O3'"  sing N N 170 
DG  "C3'" "C2'"  sing N N 171 
DG  "C3'" "H3'"  sing N N 172 
DG  "O3'" "HO3'" sing N N 173 
DG  "C2'" "C1'"  sing N N 174 
DG  "C2'" "H2'"  sing N N 175 
DG  "C2'" "H2''" sing N N 176 
DG  "C1'" N9     sing N N 177 
DG  "C1'" "H1'"  sing N N 178 
DG  N9    C8     sing Y N 179 
DG  N9    C4     sing Y N 180 
DG  C8    N7     doub Y N 181 
DG  C8    H8     sing N N 182 
DG  N7    C5     sing Y N 183 
DG  C5    C6     sing N N 184 
DG  C5    C4     doub Y N 185 
DG  C6    O6     doub N N 186 
DG  C6    N1     sing N N 187 
DG  N1    C2     sing N N 188 
DG  N1    H1     sing N N 189 
DG  C2    N2     sing N N 190 
DG  C2    N3     doub N N 191 
DG  N2    H21    sing N N 192 
DG  N2    H22    sing N N 193 
DG  N3    C4     sing N N 194 
DT  OP3   P      sing N N 195 
DT  OP3   HOP3   sing N N 196 
DT  P     OP1    doub N N 197 
DT  P     OP2    sing N N 198 
DT  P     "O5'"  sing N N 199 
DT  OP2   HOP2   sing N N 200 
DT  "O5'" "C5'"  sing N N 201 
DT  "C5'" "C4'"  sing N N 202 
DT  "C5'" "H5'"  sing N N 203 
DT  "C5'" "H5''" sing N N 204 
DT  "C4'" "O4'"  sing N N 205 
DT  "C4'" "C3'"  sing N N 206 
DT  "C4'" "H4'"  sing N N 207 
DT  "O4'" "C1'"  sing N N 208 
DT  "C3'" "O3'"  sing N N 209 
DT  "C3'" "C2'"  sing N N 210 
DT  "C3'" "H3'"  sing N N 211 
DT  "O3'" "HO3'" sing N N 212 
DT  "C2'" "C1'"  sing N N 213 
DT  "C2'" "H2'"  sing N N 214 
DT  "C2'" "H2''" sing N N 215 
DT  "C1'" N1     sing N N 216 
DT  "C1'" "H1'"  sing N N 217 
DT  N1    C2     sing N N 218 
DT  N1    C6     sing N N 219 
DT  C2    O2     doub N N 220 
DT  C2    N3     sing N N 221 
DT  N3    C4     sing N N 222 
DT  N3    H3     sing N N 223 
DT  C4    O4     doub N N 224 
DT  C4    C5     sing N N 225 
DT  C5    C7     sing N N 226 
DT  C5    C6     doub N N 227 
DT  C7    H71    sing N N 228 
DT  C7    H72    sing N N 229 
DT  C7    H73    sing N N 230 
DT  C6    H6     sing N N 231 
GLN N     CA     sing N N 232 
GLN N     H      sing N N 233 
GLN N     H2     sing N N 234 
GLN CA    C      sing N N 235 
GLN CA    CB     sing N N 236 
GLN CA    HA     sing N N 237 
GLN C     O      doub N N 238 
GLN C     OXT    sing N N 239 
GLN CB    CG     sing N N 240 
GLN CB    HB2    sing N N 241 
GLN CB    HB3    sing N N 242 
GLN CG    CD     sing N N 243 
GLN CG    HG2    sing N N 244 
GLN CG    HG3    sing N N 245 
GLN CD    OE1    doub N N 246 
GLN CD    NE2    sing N N 247 
GLN NE2   HE21   sing N N 248 
GLN NE2   HE22   sing N N 249 
GLN OXT   HXT    sing N N 250 
GLU N     CA     sing N N 251 
GLU N     H      sing N N 252 
GLU N     H2     sing N N 253 
GLU CA    C      sing N N 254 
GLU CA    CB     sing N N 255 
GLU CA    HA     sing N N 256 
GLU C     O      doub N N 257 
GLU C     OXT    sing N N 258 
GLU CB    CG     sing N N 259 
GLU CB    HB2    sing N N 260 
GLU CB    HB3    sing N N 261 
GLU CG    CD     sing N N 262 
GLU CG    HG2    sing N N 263 
GLU CG    HG3    sing N N 264 
GLU CD    OE1    doub N N 265 
GLU CD    OE2    sing N N 266 
GLU OE2   HE2    sing N N 267 
GLU OXT   HXT    sing N N 268 
GLY N     CA     sing N N 269 
GLY N     H      sing N N 270 
GLY N     H2     sing N N 271 
GLY CA    C      sing N N 272 
GLY CA    HA2    sing N N 273 
GLY CA    HA3    sing N N 274 
GLY C     O      doub N N 275 
GLY C     OXT    sing N N 276 
GLY OXT   HXT    sing N N 277 
HOH O     H1     sing N N 278 
HOH O     H2     sing N N 279 
ILE N     CA     sing N N 280 
ILE N     H      sing N N 281 
ILE N     H2     sing N N 282 
ILE CA    C      sing N N 283 
ILE CA    CB     sing N N 284 
ILE CA    HA     sing N N 285 
ILE C     O      doub N N 286 
ILE C     OXT    sing N N 287 
ILE CB    CG1    sing N N 288 
ILE CB    CG2    sing N N 289 
ILE CB    HB     sing N N 290 
ILE CG1   CD1    sing N N 291 
ILE CG1   HG12   sing N N 292 
ILE CG1   HG13   sing N N 293 
ILE CG2   HG21   sing N N 294 
ILE CG2   HG22   sing N N 295 
ILE CG2   HG23   sing N N 296 
ILE CD1   HD11   sing N N 297 
ILE CD1   HD12   sing N N 298 
ILE CD1   HD13   sing N N 299 
ILE OXT   HXT    sing N N 300 
LEU N     CA     sing N N 301 
LEU N     H      sing N N 302 
LEU N     H2     sing N N 303 
LEU CA    C      sing N N 304 
LEU CA    CB     sing N N 305 
LEU CA    HA     sing N N 306 
LEU C     O      doub N N 307 
LEU C     OXT    sing N N 308 
LEU CB    CG     sing N N 309 
LEU CB    HB2    sing N N 310 
LEU CB    HB3    sing N N 311 
LEU CG    CD1    sing N N 312 
LEU CG    CD2    sing N N 313 
LEU CG    HG     sing N N 314 
LEU CD1   HD11   sing N N 315 
LEU CD1   HD12   sing N N 316 
LEU CD1   HD13   sing N N 317 
LEU CD2   HD21   sing N N 318 
LEU CD2   HD22   sing N N 319 
LEU CD2   HD23   sing N N 320 
LEU OXT   HXT    sing N N 321 
LYS N     CA     sing N N 322 
LYS N     H      sing N N 323 
LYS N     H2     sing N N 324 
LYS CA    C      sing N N 325 
LYS CA    CB     sing N N 326 
LYS CA    HA     sing N N 327 
LYS C     O      doub N N 328 
LYS C     OXT    sing N N 329 
LYS CB    CG     sing N N 330 
LYS CB    HB2    sing N N 331 
LYS CB    HB3    sing N N 332 
LYS CG    CD     sing N N 333 
LYS CG    HG2    sing N N 334 
LYS CG    HG3    sing N N 335 
LYS CD    CE     sing N N 336 
LYS CD    HD2    sing N N 337 
LYS CD    HD3    sing N N 338 
LYS CE    NZ     sing N N 339 
LYS CE    HE2    sing N N 340 
LYS CE    HE3    sing N N 341 
LYS NZ    HZ1    sing N N 342 
LYS NZ    HZ2    sing N N 343 
LYS NZ    HZ3    sing N N 344 
LYS OXT   HXT    sing N N 345 
MET N     CA     sing N N 346 
MET N     H      sing N N 347 
MET N     H2     sing N N 348 
MET CA    C      sing N N 349 
MET CA    CB     sing N N 350 
MET CA    HA     sing N N 351 
MET C     O      doub N N 352 
MET C     OXT    sing N N 353 
MET CB    CG     sing N N 354 
MET CB    HB2    sing N N 355 
MET CB    HB3    sing N N 356 
MET CG    SD     sing N N 357 
MET CG    HG2    sing N N 358 
MET CG    HG3    sing N N 359 
MET SD    CE     sing N N 360 
MET CE    HE1    sing N N 361 
MET CE    HE2    sing N N 362 
MET CE    HE3    sing N N 363 
MET OXT   HXT    sing N N 364 
PHE N     CA     sing N N 365 
PHE N     H      sing N N 366 
PHE N     H2     sing N N 367 
PHE CA    C      sing N N 368 
PHE CA    CB     sing N N 369 
PHE CA    HA     sing N N 370 
PHE C     O      doub N N 371 
PHE C     OXT    sing N N 372 
PHE CB    CG     sing N N 373 
PHE CB    HB2    sing N N 374 
PHE CB    HB3    sing N N 375 
PHE CG    CD1    doub Y N 376 
PHE CG    CD2    sing Y N 377 
PHE CD1   CE1    sing Y N 378 
PHE CD1   HD1    sing N N 379 
PHE CD2   CE2    doub Y N 380 
PHE CD2   HD2    sing N N 381 
PHE CE1   CZ     doub Y N 382 
PHE CE1   HE1    sing N N 383 
PHE CE2   CZ     sing Y N 384 
PHE CE2   HE2    sing N N 385 
PHE CZ    HZ     sing N N 386 
PHE OXT   HXT    sing N N 387 
PRO N     CA     sing N N 388 
PRO N     CD     sing N N 389 
PRO N     H      sing N N 390 
PRO CA    C      sing N N 391 
PRO CA    CB     sing N N 392 
PRO CA    HA     sing N N 393 
PRO C     O      doub N N 394 
PRO C     OXT    sing N N 395 
PRO CB    CG     sing N N 396 
PRO CB    HB2    sing N N 397 
PRO CB    HB3    sing N N 398 
PRO CG    CD     sing N N 399 
PRO CG    HG2    sing N N 400 
PRO CG    HG3    sing N N 401 
PRO CD    HD2    sing N N 402 
PRO CD    HD3    sing N N 403 
PRO OXT   HXT    sing N N 404 
SER N     CA     sing N N 405 
SER N     H      sing N N 406 
SER N     H2     sing N N 407 
SER CA    C      sing N N 408 
SER CA    CB     sing N N 409 
SER CA    HA     sing N N 410 
SER C     O      doub N N 411 
SER C     OXT    sing N N 412 
SER CB    OG     sing N N 413 
SER CB    HB2    sing N N 414 
SER CB    HB3    sing N N 415 
SER OG    HG     sing N N 416 
SER OXT   HXT    sing N N 417 
THR N     CA     sing N N 418 
THR N     H      sing N N 419 
THR N     H2     sing N N 420 
THR CA    C      sing N N 421 
THR CA    CB     sing N N 422 
THR CA    HA     sing N N 423 
THR C     O      doub N N 424 
THR C     OXT    sing N N 425 
THR CB    OG1    sing N N 426 
THR CB    CG2    sing N N 427 
THR CB    HB     sing N N 428 
THR OG1   HG1    sing N N 429 
THR CG2   HG21   sing N N 430 
THR CG2   HG22   sing N N 431 
THR CG2   HG23   sing N N 432 
THR OXT   HXT    sing N N 433 
TRP N     CA     sing N N 434 
TRP N     H      sing N N 435 
TRP N     H2     sing N N 436 
TRP CA    C      sing N N 437 
TRP CA    CB     sing N N 438 
TRP CA    HA     sing N N 439 
TRP C     O      doub N N 440 
TRP C     OXT    sing N N 441 
TRP CB    CG     sing N N 442 
TRP CB    HB2    sing N N 443 
TRP CB    HB3    sing N N 444 
TRP CG    CD1    doub Y N 445 
TRP CG    CD2    sing Y N 446 
TRP CD1   NE1    sing Y N 447 
TRP CD1   HD1    sing N N 448 
TRP CD2   CE2    doub Y N 449 
TRP CD2   CE3    sing Y N 450 
TRP NE1   CE2    sing Y N 451 
TRP NE1   HE1    sing N N 452 
TRP CE2   CZ2    sing Y N 453 
TRP CE3   CZ3    doub Y N 454 
TRP CE3   HE3    sing N N 455 
TRP CZ2   CH2    doub Y N 456 
TRP CZ2   HZ2    sing N N 457 
TRP CZ3   CH2    sing Y N 458 
TRP CZ3   HZ3    sing N N 459 
TRP CH2   HH2    sing N N 460 
TRP OXT   HXT    sing N N 461 
TYR N     CA     sing N N 462 
TYR N     H      sing N N 463 
TYR N     H2     sing N N 464 
TYR CA    C      sing N N 465 
TYR CA    CB     sing N N 466 
TYR CA    HA     sing N N 467 
TYR C     O      doub N N 468 
TYR C     OXT    sing N N 469 
TYR CB    CG     sing N N 470 
TYR CB    HB2    sing N N 471 
TYR CB    HB3    sing N N 472 
TYR CG    CD1    doub Y N 473 
TYR CG    CD2    sing Y N 474 
TYR CD1   CE1    sing Y N 475 
TYR CD1   HD1    sing N N 476 
TYR CD2   CE2    doub Y N 477 
TYR CD2   HD2    sing N N 478 
TYR CE1   CZ     doub Y N 479 
TYR CE1   HE1    sing N N 480 
TYR CE2   CZ     sing Y N 481 
TYR CE2   HE2    sing N N 482 
TYR CZ    OH     sing N N 483 
TYR OH    HH     sing N N 484 
TYR OXT   HXT    sing N N 485 
VAL N     CA     sing N N 486 
VAL N     H      sing N N 487 
VAL N     H2     sing N N 488 
VAL CA    C      sing N N 489 
VAL CA    CB     sing N N 490 
VAL CA    HA     sing N N 491 
VAL C     O      doub N N 492 
VAL C     OXT    sing N N 493 
VAL CB    CG1    sing N N 494 
VAL CB    CG2    sing N N 495 
VAL CB    HB     sing N N 496 
VAL CG1   HG11   sing N N 497 
VAL CG1   HG12   sing N N 498 
VAL CG1   HG13   sing N N 499 
VAL CG2   HG21   sing N N 500 
VAL CG2   HG22   sing N N 501 
VAL CG2   HG23   sing N N 502 
VAL OXT   HXT    sing N N 503 
# 
loop_
_ndb_struct_conf_na.entry_id 
_ndb_struct_conf_na.feature 
4Z58 'double helix'        
4Z58 'b-form double helix' 
# 
loop_
_ndb_struct_na_base_pair.model_number 
_ndb_struct_na_base_pair.i_label_asym_id 
_ndb_struct_na_base_pair.i_label_comp_id 
_ndb_struct_na_base_pair.i_label_seq_id 
_ndb_struct_na_base_pair.i_symmetry 
_ndb_struct_na_base_pair.j_label_asym_id 
_ndb_struct_na_base_pair.j_label_comp_id 
_ndb_struct_na_base_pair.j_label_seq_id 
_ndb_struct_na_base_pair.j_symmetry 
_ndb_struct_na_base_pair.shear 
_ndb_struct_na_base_pair.stretch 
_ndb_struct_na_base_pair.stagger 
_ndb_struct_na_base_pair.buckle 
_ndb_struct_na_base_pair.propeller 
_ndb_struct_na_base_pair.opening 
_ndb_struct_na_base_pair.pair_number 
_ndb_struct_na_base_pair.pair_name 
_ndb_struct_na_base_pair.i_auth_asym_id 
_ndb_struct_na_base_pair.i_auth_seq_id 
_ndb_struct_na_base_pair.i_PDB_ins_code 
_ndb_struct_na_base_pair.j_auth_asym_id 
_ndb_struct_na_base_pair.j_auth_seq_id 
_ndb_struct_na_base_pair.j_PDB_ins_code 
_ndb_struct_na_base_pair.hbond_type_28 
_ndb_struct_na_base_pair.hbond_type_12 
1 B DT 1  1_555 B DA 20 13_455 -0.202 0.037  0.440  -33.810 -7.737  -3.583 1  B_DT1:DA20_B  B 1  ? B 20 ? 20 1 
1 B DT 2  1_555 B DA 19 13_455 -0.018 -0.080 0.023  -12.164 -4.468  1.879  2  B_DT2:DA19_B  B 2  ? B 19 ? 20 1 
1 B DA 3  1_555 B DT 18 13_455 0.107  -0.023 -0.081 0.953   -5.595  7.118  3  B_DA3:DT18_B  B 3  ? B 18 ? 20 1 
1 B DT 4  1_555 B DA 17 13_455 -0.189 -0.108 -0.038 11.924  -8.984  7.547  4  B_DT4:DA17_B  B 4  ? B 17 ? 20 1 
1 B DC 5  1_555 B DG 16 13_455 0.311  -0.248 -0.120 15.872  -16.896 6.265  5  B_DC5:DG16_B  B 5  ? B 16 ? 19 1 
1 B DC 6  1_555 B DG 15 13_455 0.105  -0.664 -0.228 10.455  -12.058 -2.127 6  B_DC6:DG15_B  B 6  ? B 15 ? 19 1 
1 B DG 7  1_555 B DG 14 13_455 0.101  1.046  -0.434 11.622  -17.630 9.093  7  B_DG7:DG14_B  B 7  ? B 14 ? ?  ? 
1 B DT 9  1_555 B DA 12 13_455 -0.372 0.053  0.158  -6.594  -8.727  1.243  8  B_DT9:DA12_B  B 9  ? B 12 ? 20 1 
1 B DC 10 1_555 B DT 11 13_455 0.136  -0.715 -0.044 -5.368  -6.490  -5.489 9  B_DC10:DT11_B B 10 ? B 11 ? ?  ? 
1 B DT 11 1_555 B DC 10 13_455 -0.136 -0.715 -0.044 5.368   -6.490  -5.489 10 B_DT11:DC10_B B 11 ? B 10 ? ?  ? 
1 B DA 12 1_555 B DT 9  13_455 0.372  0.053  0.158  6.594   -8.727  1.243  11 B_DA12:DT9_B  B 12 ? B 9  ? 20 1 
1 B DG 14 1_555 B DG 7  13_455 -0.101 1.046  -0.434 -11.622 -17.630 9.093  12 B_DG14:DG7_B  B 14 ? B 7  ? ?  ? 
1 B DG 15 1_555 B DC 6  13_455 -0.105 -0.664 -0.228 -10.455 -12.058 -2.127 13 B_DG15:DC6_B  B 15 ? B 6  ? 19 1 
1 B DG 16 1_555 B DC 5  13_455 -0.311 -0.248 -0.120 -15.872 -16.896 6.265  14 B_DG16:DC5_B  B 16 ? B 5  ? 19 1 
1 B DA 17 1_555 B DT 4  13_455 0.189  -0.108 -0.038 -11.924 -8.984  7.547  15 B_DA17:DT4_B  B 17 ? B 4  ? 20 1 
1 B DT 18 1_555 B DA 3  13_455 -0.107 -0.023 -0.081 -0.953  -5.595  7.118  16 B_DT18:DA3_B  B 18 ? B 3  ? 20 1 
1 B DA 19 1_555 B DT 2  13_455 0.018  -0.080 0.023  12.164  -4.468  1.879  17 B_DA19:DT2_B  B 19 ? B 2  ? 20 1 
1 B DA 20 1_555 B DT 1  13_455 0.202  0.037  0.440  33.810  -7.737  -3.583 18 B_DA20:DT1_B  B 20 ? B 1  ? 20 1 
# 
loop_
_ndb_struct_na_base_pair_step.model_number 
_ndb_struct_na_base_pair_step.i_label_asym_id_1 
_ndb_struct_na_base_pair_step.i_label_comp_id_1 
_ndb_struct_na_base_pair_step.i_label_seq_id_1 
_ndb_struct_na_base_pair_step.i_symmetry_1 
_ndb_struct_na_base_pair_step.j_label_asym_id_1 
_ndb_struct_na_base_pair_step.j_label_comp_id_1 
_ndb_struct_na_base_pair_step.j_label_seq_id_1 
_ndb_struct_na_base_pair_step.j_symmetry_1 
_ndb_struct_na_base_pair_step.i_label_asym_id_2 
_ndb_struct_na_base_pair_step.i_label_comp_id_2 
_ndb_struct_na_base_pair_step.i_label_seq_id_2 
_ndb_struct_na_base_pair_step.i_symmetry_2 
_ndb_struct_na_base_pair_step.j_label_asym_id_2 
_ndb_struct_na_base_pair_step.j_label_comp_id_2 
_ndb_struct_na_base_pair_step.j_label_seq_id_2 
_ndb_struct_na_base_pair_step.j_symmetry_2 
_ndb_struct_na_base_pair_step.shift 
_ndb_struct_na_base_pair_step.slide 
_ndb_struct_na_base_pair_step.rise 
_ndb_struct_na_base_pair_step.tilt 
_ndb_struct_na_base_pair_step.roll 
_ndb_struct_na_base_pair_step.twist 
_ndb_struct_na_base_pair_step.x_displacement 
_ndb_struct_na_base_pair_step.y_displacement 
_ndb_struct_na_base_pair_step.helical_rise 
_ndb_struct_na_base_pair_step.inclination 
_ndb_struct_na_base_pair_step.tip 
_ndb_struct_na_base_pair_step.helical_twist 
_ndb_struct_na_base_pair_step.step_number 
_ndb_struct_na_base_pair_step.step_name 
_ndb_struct_na_base_pair_step.i_auth_asym_id_1 
_ndb_struct_na_base_pair_step.i_auth_seq_id_1 
_ndb_struct_na_base_pair_step.i_PDB_ins_code_1 
_ndb_struct_na_base_pair_step.j_auth_asym_id_1 
_ndb_struct_na_base_pair_step.j_auth_seq_id_1 
_ndb_struct_na_base_pair_step.j_PDB_ins_code_1 
_ndb_struct_na_base_pair_step.i_auth_asym_id_2 
_ndb_struct_na_base_pair_step.i_auth_seq_id_2 
_ndb_struct_na_base_pair_step.i_PDB_ins_code_2 
_ndb_struct_na_base_pair_step.j_auth_asym_id_2 
_ndb_struct_na_base_pair_step.j_auth_seq_id_2 
_ndb_struct_na_base_pair_step.j_PDB_ins_code_2 
1 B DT 1  1_555 B DA 20 13_455 B DT 2  1_555 B DA 19 13_455 -0.151 0.815  2.951 0.456  7.853  21.306 -0.617 0.539  3.048 20.366 
-1.182  22.696 1  BB_DT1DT2:DA19DA20_BB   B 1  ? B 20 ? B 2  ? B 19 ? 
1 B DT 2  1_555 B DA 19 13_455 B DA 3  1_555 B DT 18 13_455 0.211  1.236  3.161 -3.363 2.222  38.372 1.604  -0.724 3.196 3.369  
5.099   38.575 2  BB_DT2DA3:DT18DA19_BB   B 2  ? B 19 ? B 3  ? B 18 ? 
1 B DA 3  1_555 B DT 18 13_455 B DT 4  1_555 B DA 17 13_455 0.623  -0.854 3.097 -2.566 4.305  28.054 -2.639 -1.806 2.869 8.792  
5.239   28.489 3  BB_DA3DT4:DA17DT18_BB   B 3  ? B 18 ? B 4  ? B 17 ? 
1 B DT 4  1_555 B DA 17 13_455 B DC 5  1_555 B DG 16 13_455 -1.194 -1.480 3.157 -6.454 6.235  27.427 -4.306 1.018  2.955 12.725 
13.172  28.830 4  BB_DT4DC5:DG16DA17_BB   B 4  ? B 17 ? B 5  ? B 16 ? 
1 B DC 5  1_555 B DG 16 13_455 B DC 6  1_555 B DG 15 13_455 -1.203 -1.143 3.424 -2.498 10.006 31.588 -3.698 1.683  3.015 17.798 
4.442   33.188 5  BB_DC5DC6:DG15DG16_BB   B 5  ? B 16 ? B 6  ? B 15 ? 
1 B DC 6  1_555 B DG 15 13_455 B DG 7  1_555 B DG 14 13_455 0.650  -0.214 3.275 6.033  13.311 31.625 -2.414 -0.156 3.017 22.954 
-10.403 34.760 6  BB_DC6DG7:DG14DG15_BB   B 6  ? B 15 ? B 7  ? B 14 ? 
1 B DG 7  1_555 B DG 14 13_455 B DT 9  1_555 B DA 12 13_455 -0.380 -0.086 6.958 -0.978 13.130 66.702 -1.143 0.261  6.845 11.822 
0.881   67.841 7  BB_DG7DT9:DA12DG14_BB   B 7  ? B 14 ? B 9  ? B 12 ? 
1 B DT 9  1_555 B DA 12 13_455 B DC 10 1_555 B DT 11 13_455 0.195  0.439  3.373 3.378  -2.235 41.520 0.859  0.093  3.351 -3.144 
-4.751  41.709 8  BB_DT9DC10:DT11DA12_BB  B 9  ? B 12 ? B 10 ? B 11 ? 
1 B DC 10 1_555 B DT 11 13_455 B DT 11 1_555 B DC 10 13_455 0.000  -0.085 3.125 0.000  0.658  27.158 -0.340 0.000  3.122 1.400  
0.000   27.165 9  BB_DC10DT11:DC10DT11_BB B 10 ? B 11 ? B 11 ? B 10 ? 
1 B DT 11 1_555 B DC 10 13_455 B DA 12 1_555 B DT 9  13_455 -0.195 0.439  3.373 -3.378 -2.235 41.520 0.859  -0.093 3.351 -3.144 
4.751   41.709 10 BB_DT11DA12:DT9DC10_BB  B 11 ? B 10 ? B 12 ? B 9  ? 
1 B DA 12 1_555 B DT 9  13_455 B DG 14 1_555 B DG 7  13_455 0.380  -0.086 6.958 0.978  13.130 66.702 -1.143 -0.261 6.845 11.822 
-0.881  67.841 11 BB_DA12DG14:DG7DT9_BB   B 12 ? B 9  ? B 14 ? B 7  ? 
1 B DG 14 1_555 B DG 7  13_455 B DG 15 1_555 B DC 6  13_455 -0.650 -0.214 3.275 -6.033 13.311 31.625 -2.414 0.156  3.017 22.954 
10.403  34.760 12 BB_DG14DG15:DC6DG7_BB   B 14 ? B 7  ? B 15 ? B 6  ? 
1 B DG 15 1_555 B DC 6  13_455 B DG 16 1_555 B DC 5  13_455 1.203  -1.143 3.424 2.498  10.006 31.588 -3.698 -1.683 3.015 17.798 
-4.443  33.188 13 BB_DG15DG16:DC5DC6_BB   B 15 ? B 6  ? B 16 ? B 5  ? 
1 B DG 16 1_555 B DC 5  13_455 B DA 17 1_555 B DT 4  13_455 1.194  -1.480 3.157 6.454  6.235  27.427 -4.306 -1.018 2.955 12.725 
-13.172 28.830 14 BB_DG16DA17:DT4DC5_BB   B 16 ? B 5  ? B 17 ? B 4  ? 
1 B DA 17 1_555 B DT 4  13_455 B DT 18 1_555 B DA 3  13_455 -0.623 -0.854 3.097 2.566  4.305  28.054 -2.639 1.806  2.869 8.792  
-5.240  28.489 15 BB_DA17DT18:DA3DT4_BB   B 17 ? B 4  ? B 18 ? B 3  ? 
1 B DT 18 1_555 B DA 3  13_455 B DA 19 1_555 B DT 2  13_455 -0.211 1.236  3.161 3.363  2.222  38.372 1.604  0.724  3.196 3.369  
-5.099  38.575 16 BB_DT18DA19:DT2DA3_BB   B 18 ? B 3  ? B 19 ? B 2  ? 
1 B DA 19 1_555 B DT 2  13_455 B DA 20 1_555 B DT 1  13_455 0.151  0.815  2.951 -0.456 7.853  21.306 -0.617 -0.539 3.048 20.366 
1.182   22.696 17 BB_DA19DA20:DT1DT2_BB   B 19 ? B 2  ? B 20 ? B 1  ? 
# 
_pdbx_entity_nonpoly.entity_id   3 
_pdbx_entity_nonpoly.name        water 
_pdbx_entity_nonpoly.comp_id     HOH 
# 
_pdbx_initial_refinement_model.id               1 
_pdbx_initial_refinement_model.entity_id_list   ? 
_pdbx_initial_refinement_model.type             'experimental model' 
_pdbx_initial_refinement_model.source_name      PDB 
_pdbx_initial_refinement_model.accession_code   4Z52 
_pdbx_initial_refinement_model.details          'PDB entry 4Z52' 
# 
